data_3R90
#
_entry.id   3R90
#
_cell.length_a   115.590
_cell.length_b   115.590
_cell.length_c   157.790
_cell.angle_alpha   90.000
_cell.angle_beta   90.000
_cell.angle_gamma   120.000
#
_symmetry.space_group_name_H-M   'P 31'
#
loop_
_entity.id
_entity.type
_entity.pdbx_description
1 polymer 'Malignant T cell-amplified sequence 1'
2 non-polymer 'SULFATE ION'
3 non-polymer 'UNKNOWN ATOM OR ION'
4 non-polymer GLYCEROL
5 water water
#
_entity_poly.entity_id   1
_entity_poly.type   'polypeptide(L)'
_entity_poly.pdbx_seq_one_letter_code
;MFKKFDEKENVSNCIQLKTSVIKGIKNQLIEQFPGIEPWLNQIMPKKDPVKIVRCHEHIEILTVNGELLFFRQREGPFYP
TLRLLHKYPFILPHQQVDKGAIKFVLSGANIMCPGLTSPGAKLYPAAVDTIVAIMAAGAAHALCVGVMKMSAEDIEKVNK
GIGIENIHYLNDGLWHMKTYKAHHHHHH
;
_entity_poly.pdbx_strand_id   A,B,C,D,E,F,G,H,I,J,K,L
#
# COMPACT_ATOMS: atom_id res chain seq x y z
N MET A 1 -3.06 -36.85 19.18
CA MET A 1 -3.24 -38.34 19.24
C MET A 1 -1.90 -39.10 19.31
N PHE A 2 -0.79 -38.45 18.92
CA PHE A 2 0.54 -39.12 18.80
C PHE A 2 1.67 -38.41 19.54
N LYS A 3 1.36 -37.49 20.45
CA LYS A 3 2.39 -36.77 21.19
CA LYS A 3 2.42 -36.77 21.16
C LYS A 3 3.36 -37.72 21.92
N LYS A 4 2.81 -38.75 22.58
CA LYS A 4 3.64 -39.72 23.31
C LYS A 4 3.77 -41.08 22.59
N PHE A 5 3.44 -41.11 21.30
CA PHE A 5 3.55 -42.31 20.49
C PHE A 5 5.00 -42.66 20.17
N ASP A 6 5.35 -43.91 20.41
CA ASP A 6 6.65 -44.48 20.06
C ASP A 6 6.41 -45.78 19.33
N GLU A 7 6.88 -45.85 18.09
CA GLU A 7 6.72 -47.04 17.22
C GLU A 7 7.27 -48.34 17.81
N LYS A 8 8.33 -48.23 18.61
CA LYS A 8 8.97 -49.39 19.22
C LYS A 8 8.21 -49.88 20.47
N GLU A 9 7.27 -49.07 20.97
CA GLU A 9 6.48 -49.42 22.15
C GLU A 9 4.98 -49.60 21.90
N ASN A 10 4.43 -48.81 21.00
CA ASN A 10 2.98 -48.65 20.89
C ASN A 10 2.32 -49.29 19.67
N VAL A 11 3.10 -50.08 18.91
CA VAL A 11 2.56 -50.89 17.81
C VAL A 11 2.35 -52.32 18.35
N SER A 12 1.15 -52.87 18.12
CA SER A 12 0.82 -54.21 18.59
CA SER A 12 0.79 -54.20 18.59
C SER A 12 0.94 -55.23 17.45
N ASN A 13 0.14 -55.06 16.41
CA ASN A 13 0.12 -56.00 15.29
C ASN A 13 0.02 -55.30 13.95
N CYS A 14 0.15 -56.09 12.90
CA CYS A 14 -0.10 -55.64 11.54
C CYS A 14 -0.85 -56.72 10.74
N ILE A 15 -1.88 -56.31 10.00
CA ILE A 15 -2.71 -57.23 9.21
C ILE A 15 -2.79 -56.78 7.77
N GLN A 16 -2.69 -57.73 6.84
CA GLN A 16 -2.89 -57.42 5.44
C GLN A 16 -4.39 -57.53 5.12
N LEU A 17 -4.87 -56.57 4.34
CA LEU A 17 -6.30 -56.46 4.02
C LEU A 17 -6.67 -57.21 2.75
N LYS A 18 -7.91 -57.70 2.71
CA LYS A 18 -8.46 -58.35 1.51
C LYS A 18 -8.96 -57.35 0.48
N THR A 19 -8.91 -57.76 -0.78
CA THR A 19 -9.19 -56.91 -1.94
CA THR A 19 -9.16 -56.88 -1.92
C THR A 19 -10.49 -56.14 -1.83
N SER A 20 -11.54 -56.83 -1.39
CA SER A 20 -12.85 -56.21 -1.31
C SER A 20 -12.89 -55.12 -0.22
N VAL A 21 -12.29 -55.43 0.94
CA VAL A 21 -12.20 -54.50 2.08
C VAL A 21 -11.42 -53.24 1.68
N ILE A 22 -10.37 -53.44 0.91
CA ILE A 22 -9.57 -52.34 0.36
C ILE A 22 -10.41 -51.44 -0.53
N LYS A 23 -11.20 -52.05 -1.43
CA LYS A 23 -12.09 -51.30 -2.32
C LYS A 23 -13.03 -50.41 -1.50
N GLY A 24 -13.54 -50.96 -0.41
CA GLY A 24 -14.45 -50.26 0.49
C GLY A 24 -13.79 -49.08 1.20
N ILE A 25 -12.59 -49.31 1.73
CA ILE A 25 -11.77 -48.22 2.29
C ILE A 25 -11.52 -47.11 1.25
N LYS A 26 -11.16 -47.48 0.02
CA LYS A 26 -10.96 -46.49 -1.01
C LYS A 26 -12.22 -45.70 -1.31
N ASN A 27 -13.38 -46.38 -1.37
CA ASN A 27 -14.64 -45.68 -1.59
C ASN A 27 -14.91 -44.68 -0.47
N GLN A 28 -14.63 -45.09 0.77
CA GLN A 28 -14.79 -44.21 1.94
CA GLN A 28 -14.81 -44.22 1.93
C GLN A 28 -13.88 -42.99 1.86
N LEU A 29 -12.64 -43.21 1.45
CA LEU A 29 -11.65 -42.12 1.32
C LEU A 29 -12.10 -41.12 0.26
N ILE A 30 -12.63 -41.62 -0.86
CA ILE A 30 -13.16 -40.75 -1.92
C ILE A 30 -14.36 -39.91 -1.46
N GLU A 31 -15.22 -40.50 -0.64
CA GLU A 31 -16.36 -39.77 -0.09
C GLU A 31 -15.92 -38.70 0.90
N GLN A 32 -14.91 -39.01 1.72
CA GLN A 32 -14.40 -38.09 2.74
C GLN A 32 -13.63 -36.93 2.12
N PHE A 33 -12.79 -37.28 1.14
CA PHE A 33 -11.80 -36.36 0.55
C PHE A 33 -11.93 -36.40 -0.98
N PRO A 34 -12.95 -35.72 -1.56
CA PRO A 34 -13.20 -35.93 -3.01
C PRO A 34 -12.03 -35.57 -3.92
N GLY A 35 -11.17 -34.64 -3.49
CA GLY A 35 -9.97 -34.33 -4.26
C GLY A 35 -9.02 -35.51 -4.45
N ILE A 36 -9.13 -36.55 -3.61
CA ILE A 36 -8.15 -37.63 -3.62
C ILE A 36 -8.36 -38.64 -4.77
N GLU A 37 -9.55 -38.64 -5.38
CA GLU A 37 -9.99 -39.74 -6.25
C GLU A 37 -8.99 -40.13 -7.35
N PRO A 38 -8.52 -39.14 -8.16
CA PRO A 38 -7.62 -39.47 -9.26
C PRO A 38 -6.20 -39.87 -8.83
N TRP A 39 -5.91 -39.75 -7.54
CA TRP A 39 -4.60 -40.03 -6.99
C TRP A 39 -4.53 -41.35 -6.25
N LEU A 40 -5.67 -41.94 -5.92
CA LEU A 40 -5.67 -43.15 -5.08
C LEU A 40 -4.93 -44.34 -5.70
N ASN A 41 -5.03 -44.49 -7.03
CA ASN A 41 -4.26 -45.56 -7.74
C ASN A 41 -2.76 -45.45 -7.57
N GLN A 42 -2.24 -44.25 -7.40
CA GLN A 42 -0.81 -44.05 -7.17
CA GLN A 42 -0.80 -44.03 -7.15
C GLN A 42 -0.47 -44.25 -5.68
N ILE A 43 -1.33 -43.73 -4.81
CA ILE A 43 -1.16 -43.84 -3.37
C ILE A 43 -1.30 -45.31 -2.91
N MET A 44 -2.23 -46.03 -3.52
CA MET A 44 -2.53 -47.41 -3.16
C MET A 44 -2.67 -48.22 -4.44
N PRO A 45 -1.54 -48.62 -5.06
CA PRO A 45 -1.62 -49.37 -6.31
C PRO A 45 -2.33 -50.70 -6.11
N LYS A 46 -3.19 -51.07 -7.06
CA LYS A 46 -4.08 -52.21 -6.88
C LYS A 46 -3.26 -53.49 -6.74
N LYS A 47 -2.07 -53.52 -7.35
CA LYS A 47 -1.14 -54.66 -7.25
C LYS A 47 -0.51 -54.84 -5.85
N ASP A 48 -0.23 -53.74 -5.16
CA ASP A 48 0.50 -53.79 -3.89
C ASP A 48 -0.38 -54.03 -2.68
N PRO A 49 0.17 -54.76 -1.68
CA PRO A 49 -0.53 -55.08 -0.44
C PRO A 49 -0.90 -53.85 0.38
N VAL A 50 -2.06 -53.91 1.04
CA VAL A 50 -2.49 -52.85 1.94
C VAL A 50 -2.56 -53.45 3.32
N LYS A 51 -1.91 -52.80 4.28
CA LYS A 51 -1.89 -53.28 5.62
C LYS A 51 -2.47 -52.28 6.58
N ILE A 52 -2.91 -52.76 7.72
CA ILE A 52 -3.26 -51.89 8.85
C ILE A 52 -2.33 -52.20 10.02
N VAL A 53 -1.64 -51.18 10.51
CA VAL A 53 -0.82 -51.29 11.70
C VAL A 53 -1.68 -50.97 12.92
N ARG A 54 -1.89 -51.97 13.78
CA ARG A 54 -2.70 -51.82 14.97
C ARG A 54 -1.87 -51.32 16.14
N CYS A 55 -2.28 -50.19 16.72
CA CYS A 55 -1.51 -49.53 17.76
C CYS A 55 -2.31 -49.42 19.01
N HIS A 56 -1.65 -49.01 20.10
CA HIS A 56 -2.30 -48.71 21.37
CA HIS A 56 -2.33 -48.76 21.36
C HIS A 56 -3.42 -47.68 21.20
N GLU A 57 -4.29 -47.61 22.21
CA GLU A 57 -5.42 -46.67 22.24
C GLU A 57 -6.34 -46.78 21.01
N HIS A 58 -6.46 -47.99 20.46
CA HIS A 58 -7.39 -48.29 19.34
C HIS A 58 -7.06 -47.54 18.05
N ILE A 59 -5.80 -47.15 17.91
CA ILE A 59 -5.37 -46.45 16.73
C ILE A 59 -4.98 -47.45 15.66
N GLU A 60 -5.34 -47.14 14.42
CA GLU A 60 -4.98 -47.91 13.26
C GLU A 60 -4.34 -47.02 12.23
N ILE A 61 -3.24 -47.51 11.63
CA ILE A 61 -2.55 -46.79 10.56
C ILE A 61 -2.60 -47.59 9.27
N LEU A 62 -3.18 -46.97 8.23
CA LEU A 62 -3.26 -47.54 6.91
C LEU A 62 -1.91 -47.34 6.18
N THR A 63 -1.28 -48.47 5.78
CA THR A 63 0.04 -48.47 5.13
C THR A 63 0.09 -49.25 3.80
N VAL A 64 0.86 -48.72 2.86
CA VAL A 64 1.15 -49.40 1.60
C VAL A 64 2.62 -49.15 1.26
N ASN A 65 3.34 -50.21 0.95
CA ASN A 65 4.75 -50.11 0.57
C ASN A 65 5.61 -49.38 1.62
N GLY A 66 5.24 -49.55 2.89
CA GLY A 66 5.94 -48.98 4.03
C GLY A 66 5.52 -47.56 4.41
N GLU A 67 4.80 -46.90 3.50
CA GLU A 67 4.37 -45.52 3.69
C GLU A 67 3.15 -45.46 4.58
N LEU A 68 3.03 -44.40 5.36
CA LEU A 68 1.92 -44.26 6.29
C LEU A 68 0.96 -43.27 5.65
N LEU A 69 -0.25 -43.72 5.35
CA LEU A 69 -1.14 -42.93 4.50
C LEU A 69 -2.19 -42.17 5.30
N PHE A 70 -2.98 -42.92 6.06
CA PHE A 70 -4.09 -42.39 6.85
C PHE A 70 -4.08 -43.09 8.20
N PHE A 71 -4.67 -42.46 9.20
CA PHE A 71 -4.90 -43.11 10.49
C PHE A 71 -6.33 -42.89 11.00
N ARG A 72 -6.76 -43.75 11.91
CA ARG A 72 -8.07 -43.59 12.59
C ARG A 72 -8.05 -44.16 14.00
N GLN A 73 -9.03 -43.81 14.79
CA GLN A 73 -9.15 -44.33 16.14
C GLN A 73 -10.46 -45.12 16.17
N ARG A 74 -10.35 -46.39 16.58
CA ARG A 74 -11.41 -47.40 16.41
C ARG A 74 -11.77 -47.58 14.90
N GLU A 75 -13.05 -47.46 14.57
CA GLU A 75 -13.53 -47.55 13.21
C GLU A 75 -13.98 -46.14 12.80
N GLY A 76 -13.45 -45.12 13.45
CA GLY A 76 -13.79 -43.71 13.14
C GLY A 76 -13.25 -43.24 11.79
N PRO A 77 -13.50 -41.96 11.43
CA PRO A 77 -13.05 -41.45 10.15
C PRO A 77 -11.54 -41.51 10.01
N PHE A 78 -11.07 -41.67 8.79
CA PHE A 78 -9.63 -41.64 8.51
C PHE A 78 -9.18 -40.17 8.41
N TYR A 79 -7.96 -39.93 8.90
CA TYR A 79 -7.30 -38.63 8.84
C TYR A 79 -6.02 -38.85 8.04
N PRO A 80 -5.67 -37.92 7.13
CA PRO A 80 -4.40 -38.08 6.41
C PRO A 80 -3.21 -37.86 7.34
N THR A 81 -2.13 -38.59 7.14
CA THR A 81 -0.86 -38.24 7.79
C THR A 81 -0.42 -36.91 7.15
N LEU A 82 0.36 -36.14 7.89
CA LEU A 82 0.88 -34.88 7.37
C LEU A 82 1.79 -35.11 6.18
N ARG A 83 2.56 -36.20 6.20
CA ARG A 83 3.43 -36.48 5.05
C ARG A 83 2.64 -36.67 3.74
N LEU A 84 1.50 -37.36 3.83
CA LEU A 84 0.59 -37.48 2.70
C LEU A 84 -0.05 -36.15 2.32
N LEU A 85 -0.53 -35.42 3.32
CA LEU A 85 -1.16 -34.13 3.11
C LEU A 85 -0.22 -33.17 2.39
N HIS A 86 1.05 -33.14 2.77
CA HIS A 86 2.00 -32.25 2.13
C HIS A 86 2.13 -32.55 0.62
N LYS A 87 1.96 -33.81 0.25
CA LYS A 87 2.03 -34.22 -1.16
CA LYS A 87 2.01 -34.23 -1.16
C LYS A 87 0.73 -33.86 -1.91
N TYR A 88 -0.40 -33.94 -1.20
CA TYR A 88 -1.70 -33.64 -1.78
C TYR A 88 -2.51 -32.69 -0.90
N PRO A 89 -2.10 -31.40 -0.84
CA PRO A 89 -2.65 -30.52 0.19
C PRO A 89 -4.11 -30.13 0.00
N PHE A 90 -4.60 -30.28 -1.23
CA PHE A 90 -5.97 -29.97 -1.61
C PHE A 90 -7.02 -30.87 -0.98
N ILE A 91 -6.61 -31.95 -0.33
CA ILE A 91 -7.61 -32.89 0.17
C ILE A 91 -8.35 -32.36 1.41
N LEU A 92 -7.81 -31.32 2.06
CA LEU A 92 -8.45 -30.68 3.22
C LEU A 92 -8.61 -29.17 3.08
N PRO A 93 -9.73 -28.62 3.60
CA PRO A 93 -9.78 -27.18 3.79
C PRO A 93 -8.73 -26.79 4.84
N HIS A 94 -8.30 -25.55 4.85
CA HIS A 94 -7.34 -25.11 5.85
C HIS A 94 -7.83 -23.94 6.68
N GLN A 95 -7.18 -23.79 7.82
CA GLN A 95 -7.31 -22.63 8.70
C GLN A 95 -5.92 -22.13 8.99
N GLN A 96 -5.75 -20.81 9.13
CA GLN A 96 -4.44 -20.25 9.47
C GLN A 96 -4.47 -19.66 10.86
N VAL A 97 -3.62 -20.19 11.73
CA VAL A 97 -3.52 -19.68 13.11
CA VAL A 97 -3.50 -19.74 13.12
C VAL A 97 -2.46 -18.60 13.22
N ASP A 98 -2.59 -17.75 14.24
CA ASP A 98 -1.67 -16.60 14.38
CA ASP A 98 -1.69 -16.60 14.44
C ASP A 98 -0.30 -17.04 14.89
N LYS A 99 0.63 -16.12 14.88
CA LYS A 99 2.03 -16.43 15.22
C LYS A 99 2.29 -16.92 16.64
N GLY A 100 1.52 -16.48 17.61
CA GLY A 100 1.75 -16.93 18.97
C GLY A 100 1.49 -18.41 19.20
N ALA A 101 0.75 -19.07 18.28
CA ALA A 101 0.23 -20.43 18.51
C ALA A 101 1.14 -21.52 17.99
N ILE A 102 2.00 -21.16 17.04
CA ILE A 102 2.77 -22.13 16.28
C ILE A 102 3.65 -23.04 17.13
N LYS A 103 4.42 -22.47 18.08
CA LYS A 103 5.22 -23.27 18.98
C LYS A 103 4.37 -24.30 19.70
N PHE A 104 3.16 -23.89 20.08
CA PHE A 104 2.25 -24.75 20.82
C PHE A 104 1.54 -25.77 19.93
N VAL A 105 1.14 -25.38 18.72
CA VAL A 105 0.65 -26.37 17.71
C VAL A 105 1.67 -27.47 17.50
N LEU A 106 2.96 -27.09 17.46
CA LEU A 106 4.05 -28.03 17.29
C LEU A 106 4.42 -28.77 18.60
N SER A 107 3.59 -28.58 19.65
CA SER A 107 3.67 -29.32 20.88
C SER A 107 2.37 -30.11 21.15
N GLY A 108 1.47 -30.16 20.15
CA GLY A 108 0.21 -30.90 20.25
C GLY A 108 -0.96 -30.14 20.82
N ALA A 109 -0.77 -28.86 21.10
CA ALA A 109 -1.81 -28.07 21.73
C ALA A 109 -2.98 -27.84 20.79
N ASN A 110 -4.19 -27.88 21.34
CA ASN A 110 -5.38 -27.48 20.58
C ASN A 110 -5.39 -26.00 20.23
N ILE A 111 -6.22 -25.64 19.25
CA ILE A 111 -6.29 -24.26 18.76
C ILE A 111 -7.48 -23.57 19.45
N MET A 112 -7.17 -22.56 20.25
CA MET A 112 -8.19 -21.78 20.94
C MET A 112 -8.73 -20.71 20.01
N CYS A 113 -9.98 -20.32 20.21
CA CYS A 113 -10.64 -19.38 19.34
C CYS A 113 -9.82 -18.09 19.14
N PRO A 114 -9.21 -17.54 20.21
CA PRO A 114 -8.48 -16.26 20.00
C PRO A 114 -7.25 -16.39 19.11
N GLY A 115 -6.73 -17.60 18.94
CA GLY A 115 -5.68 -17.88 17.98
C GLY A 115 -6.14 -17.82 16.51
N LEU A 116 -7.47 -17.78 16.29
CA LEU A 116 -8.02 -17.79 14.94
C LEU A 116 -8.72 -16.49 14.54
N THR A 117 -8.83 -15.55 15.48
CA THR A 117 -9.61 -14.33 15.27
C THR A 117 -8.73 -13.07 15.24
N SER A 118 -7.45 -13.24 15.54
CA SER A 118 -6.50 -12.13 15.61
C SER A 118 -6.07 -11.73 14.20
N PRO A 119 -5.38 -10.57 14.07
CA PRO A 119 -5.06 -10.06 12.72
C PRO A 119 -4.26 -11.02 11.80
N GLY A 120 -3.34 -11.79 12.38
CA GLY A 120 -2.50 -12.69 11.58
C GLY A 120 -3.07 -14.07 11.33
N ALA A 121 -4.28 -14.32 11.84
CA ALA A 121 -5.01 -15.56 11.54
C ALA A 121 -5.87 -15.36 10.31
N LYS A 122 -6.27 -16.47 9.70
CA LYS A 122 -7.28 -16.48 8.66
C LYS A 122 -8.20 -17.65 8.89
N LEU A 123 -9.48 -17.33 9.01
CA LEU A 123 -10.53 -18.27 9.40
C LEU A 123 -11.53 -18.39 8.22
N TYR A 124 -11.75 -19.62 7.75
CA TYR A 124 -12.58 -19.90 6.58
C TYR A 124 -13.77 -20.74 7.01
N PRO A 125 -14.87 -20.70 6.26
CA PRO A 125 -16.00 -21.54 6.66
C PRO A 125 -15.65 -23.02 6.84
N ALA A 126 -16.10 -23.61 7.94
CA ALA A 126 -15.82 -24.99 8.25
C ALA A 126 -16.76 -25.48 9.36
N ALA A 127 -17.44 -26.59 9.09
CA ALA A 127 -18.46 -27.11 9.99
C ALA A 127 -17.85 -27.92 11.14
N VAL A 128 -18.57 -28.05 12.24
CA VAL A 128 -18.15 -28.95 13.29
C VAL A 128 -17.87 -30.37 12.73
N ASP A 129 -16.79 -30.96 13.20
CA ASP A 129 -16.27 -32.26 12.74
C ASP A 129 -15.59 -32.27 11.37
N THR A 130 -15.46 -31.15 10.70
CA THR A 130 -14.69 -31.07 9.44
C THR A 130 -13.19 -31.22 9.78
N ILE A 131 -12.49 -32.05 9.02
CA ILE A 131 -11.05 -32.27 9.16
C ILE A 131 -10.36 -31.18 8.36
N VAL A 132 -9.41 -30.50 8.99
CA VAL A 132 -8.76 -29.34 8.39
C VAL A 132 -7.25 -29.38 8.57
N ALA A 133 -6.56 -28.72 7.67
CA ALA A 133 -5.15 -28.48 7.77
C ALA A 133 -4.97 -27.15 8.50
N ILE A 134 -4.05 -27.13 9.47
CA ILE A 134 -3.68 -25.94 10.20
C ILE A 134 -2.34 -25.41 9.67
N MET A 135 -2.40 -24.18 9.17
CA MET A 135 -1.26 -23.46 8.58
C MET A 135 -0.80 -22.30 9.45
N ALA A 136 0.46 -21.93 9.29
CA ALA A 136 1.03 -20.67 9.81
C ALA A 136 1.33 -19.78 8.61
N ALA A 137 1.21 -18.45 8.73
CA ALA A 137 1.50 -17.55 7.59
C ALA A 137 2.90 -17.76 6.99
N GLY A 138 3.89 -17.97 7.84
CA GLY A 138 5.28 -18.11 7.35
C GLY A 138 5.73 -19.51 7.01
N ALA A 139 4.78 -20.46 6.89
CA ALA A 139 5.09 -21.82 6.53
C ALA A 139 4.18 -22.29 5.39
N ALA A 140 4.75 -22.85 4.32
CA ALA A 140 3.98 -23.31 3.12
C ALA A 140 3.29 -24.64 3.29
N HIS A 141 3.72 -25.43 4.27
CA HIS A 141 3.19 -26.75 4.51
C HIS A 141 2.42 -26.78 5.84
N ALA A 142 1.31 -27.51 5.87
CA ALA A 142 0.51 -27.68 7.09
C ALA A 142 1.34 -28.15 8.27
N LEU A 143 1.10 -27.56 9.44
CA LEU A 143 1.85 -27.90 10.63
C LEU A 143 1.09 -28.92 11.51
N CYS A 144 -0.22 -29.04 11.30
CA CYS A 144 -0.98 -30.07 11.95
C CYS A 144 -2.26 -30.34 11.20
N VAL A 145 -2.84 -31.50 11.50
CA VAL A 145 -4.19 -31.90 11.09
C VAL A 145 -5.10 -31.73 12.32
N GLY A 146 -6.22 -31.04 12.09
CA GLY A 146 -7.18 -30.73 13.13
C GLY A 146 -8.58 -31.15 12.77
N VAL A 147 -9.45 -31.11 13.78
CA VAL A 147 -10.88 -31.30 13.56
CA VAL A 147 -10.89 -31.36 13.62
C VAL A 147 -11.63 -30.19 14.26
N MET A 148 -12.53 -29.55 13.52
CA MET A 148 -13.30 -28.41 14.04
C MET A 148 -14.18 -28.87 15.22
N LYS A 149 -14.05 -28.18 16.36
CA LYS A 149 -14.88 -28.49 17.56
C LYS A 149 -16.03 -27.48 17.67
N MET A 150 -15.84 -26.32 17.05
CA MET A 150 -16.81 -25.27 16.90
C MET A 150 -16.81 -24.91 15.43
N SER A 151 -17.94 -24.50 14.89
CA SER A 151 -17.96 -23.97 13.51
C SER A 151 -17.09 -22.70 13.40
N ALA A 152 -16.56 -22.41 12.21
CA ALA A 152 -15.79 -21.19 12.01
C ALA A 152 -16.64 -19.97 12.31
N GLU A 153 -17.93 -20.05 11.98
CA GLU A 153 -18.87 -18.98 12.33
C GLU A 153 -18.88 -18.70 13.84
N ASP A 154 -18.99 -19.75 14.65
CA ASP A 154 -19.04 -19.61 16.12
C ASP A 154 -17.70 -19.23 16.72
N ILE A 155 -16.60 -19.73 16.15
CA ILE A 155 -15.27 -19.29 16.58
C ILE A 155 -15.13 -17.76 16.50
N GLU A 156 -15.54 -17.18 15.37
CA GLU A 156 -15.45 -15.73 15.16
C GLU A 156 -16.41 -14.99 16.12
N LYS A 157 -17.64 -15.48 16.25
CA LYS A 157 -18.69 -14.79 17.05
C LYS A 157 -18.42 -14.83 18.54
N VAL A 158 -17.99 -16.00 19.03
CA VAL A 158 -17.84 -16.30 20.45
C VAL A 158 -16.43 -15.98 20.95
N ASN A 159 -15.41 -16.33 20.16
CA ASN A 159 -14.02 -16.00 20.51
C ASN A 159 -13.57 -16.53 21.89
N LYS A 160 -14.00 -17.74 22.20
CA LYS A 160 -13.64 -18.37 23.44
C LYS A 160 -13.79 -19.89 23.37
N GLY A 161 -12.82 -20.58 23.97
CA GLY A 161 -12.82 -22.01 24.07
C GLY A 161 -12.05 -22.68 22.98
N ILE A 162 -12.06 -24.01 23.00
CA ILE A 162 -11.35 -24.80 22.00
C ILE A 162 -12.09 -24.75 20.67
N GLY A 163 -11.44 -24.19 19.65
CA GLY A 163 -12.04 -24.14 18.32
C GLY A 163 -11.73 -25.35 17.48
N ILE A 164 -10.49 -25.81 17.55
CA ILE A 164 -10.02 -26.92 16.71
C ILE A 164 -9.14 -27.84 17.53
N GLU A 165 -9.46 -29.14 17.51
CA GLU A 165 -8.64 -30.15 18.17
C GLU A 165 -7.45 -30.53 17.30
N ASN A 166 -6.25 -30.46 17.87
CA ASN A 166 -4.99 -30.86 17.20
C ASN A 166 -4.79 -32.37 17.36
N ILE A 167 -4.88 -33.11 16.25
CA ILE A 167 -4.87 -34.57 16.23
CA ILE A 167 -4.78 -34.56 16.38
C ILE A 167 -3.49 -35.17 15.86
N HIS A 168 -2.74 -34.45 15.04
CA HIS A 168 -1.47 -34.95 14.49
C HIS A 168 -0.68 -33.72 14.03
N TYR A 169 0.56 -33.62 14.49
CA TYR A 169 1.39 -32.44 14.20
C TYR A 169 2.77 -32.84 13.74
N LEU A 170 3.43 -31.88 13.09
CA LEU A 170 4.73 -32.09 12.46
C LEU A 170 5.75 -32.44 13.55
N ASN A 171 6.41 -33.59 13.35
CA ASN A 171 7.35 -34.20 14.30
C ASN A 171 6.79 -34.73 15.60
N ASP A 172 5.50 -35.09 15.59
CA ASP A 172 4.98 -35.93 16.67
C ASP A 172 5.43 -37.36 16.41
N GLY A 173 4.95 -38.31 17.22
CA GLY A 173 5.44 -39.71 17.11
C GLY A 173 5.12 -40.41 15.82
N LEU A 174 3.98 -40.06 15.20
CA LEU A 174 3.61 -40.63 13.90
C LEU A 174 4.44 -40.08 12.75
N TRP A 175 4.71 -38.77 12.78
CA TRP A 175 5.64 -38.14 11.84
C TRP A 175 7.01 -38.83 11.97
N HIS A 176 7.48 -38.94 13.20
CA HIS A 176 8.78 -39.51 13.49
C HIS A 176 8.87 -41.00 13.06
N MET A 177 7.79 -41.75 13.25
CA MET A 177 7.75 -43.15 12.81
C MET A 177 8.11 -43.25 11.34
N LYS A 178 7.46 -42.40 10.53
CA LYS A 178 7.79 -42.17 9.12
C LYS A 178 7.42 -43.31 8.16
N THR A 179 7.83 -44.53 8.49
CA THR A 179 7.55 -45.70 7.68
C THR A 179 7.24 -46.88 8.59
N TYR A 180 6.69 -47.93 8.00
CA TYR A 180 6.49 -49.17 8.72
C TYR A 180 7.12 -50.29 7.93
N LYS A 181 8.12 -50.93 8.55
CA LYS A 181 8.87 -52.04 7.95
C LYS A 181 9.10 -51.83 6.46
N ALA A 182 9.79 -50.74 6.12
CA ALA A 182 10.10 -50.40 4.72
C ALA A 182 11.09 -51.39 4.09
N HIS A 183 11.80 -52.15 4.94
CA HIS A 183 12.72 -53.20 4.47
C HIS A 183 12.00 -54.44 3.91
N HIS A 184 10.70 -54.58 4.18
CA HIS A 184 9.88 -55.66 3.62
C HIS A 184 9.58 -55.43 2.13
N HIS A 185 9.80 -54.22 1.63
CA HIS A 185 9.36 -53.82 0.29
C HIS A 185 10.54 -53.39 -0.59
N MET B 1 -4.90 -4.60 41.32
CA MET B 1 -4.94 -5.40 42.59
C MET B 1 -3.59 -5.32 43.37
N PHE B 2 -2.50 -4.99 42.67
CA PHE B 2 -1.14 -5.10 43.23
C PHE B 2 -0.28 -3.84 43.07
N LYS B 3 -0.89 -2.71 42.76
CA LYS B 3 -0.13 -1.48 42.58
C LYS B 3 0.72 -1.12 43.80
N LYS B 4 0.17 -1.34 44.99
CA LYS B 4 0.86 -1.00 46.23
C LYS B 4 1.20 -2.24 47.04
N PHE B 5 1.22 -3.40 46.38
CA PHE B 5 1.62 -4.65 47.00
C PHE B 5 3.12 -4.68 47.23
N ASP B 6 3.52 -5.08 48.43
CA ASP B 6 4.93 -5.26 48.77
C ASP B 6 5.11 -6.61 49.47
N GLU B 7 5.89 -7.50 48.86
CA GLU B 7 6.13 -8.85 49.38
C GLU B 7 6.62 -8.88 50.83
N LYS B 8 7.45 -7.90 51.21
CA LYS B 8 8.00 -7.84 52.58
C LYS B 8 7.02 -7.21 53.59
N GLU B 9 5.80 -6.90 53.17
CA GLU B 9 4.78 -6.29 54.06
C GLU B 9 3.36 -6.87 53.94
N ASN B 10 3.00 -7.40 52.77
CA ASN B 10 1.61 -7.79 52.49
C ASN B 10 1.41 -9.29 52.39
N VAL B 11 2.45 -10.07 52.73
CA VAL B 11 2.36 -11.52 52.81
C VAL B 11 2.19 -11.91 54.28
N SER B 12 1.23 -12.80 54.56
CA SER B 12 0.90 -13.19 55.93
CA SER B 12 0.88 -13.20 55.92
C SER B 12 1.30 -14.64 56.22
N ASN B 13 0.91 -15.55 55.34
CA ASN B 13 1.07 -16.98 55.56
C ASN B 13 1.45 -17.72 54.28
N CYS B 14 1.87 -18.97 54.44
CA CYS B 14 2.02 -19.90 53.33
C CYS B 14 1.68 -21.32 53.76
N ILE B 15 0.72 -21.91 53.06
CA ILE B 15 0.22 -23.24 53.36
C ILE B 15 0.60 -24.19 52.24
N GLN B 16 1.05 -25.39 52.60
CA GLN B 16 1.20 -26.45 51.60
C GLN B 16 -0.14 -27.17 51.51
N LEU B 17 -0.60 -27.42 50.29
CA LEU B 17 -1.88 -28.11 50.06
C LEU B 17 -1.74 -29.63 50.01
N LYS B 18 -2.79 -30.34 50.44
CA LYS B 18 -2.84 -31.80 50.35
C LYS B 18 -3.16 -32.27 48.92
N THR B 19 -2.75 -33.50 48.59
CA THR B 19 -2.88 -34.06 47.23
C THR B 19 -4.30 -34.06 46.67
N SER B 20 -5.28 -34.37 47.51
CA SER B 20 -6.68 -34.39 47.10
C SER B 20 -7.09 -33.02 46.55
N VAL B 21 -6.68 -31.98 47.27
CA VAL B 21 -7.07 -30.64 46.93
C VAL B 21 -6.52 -30.24 45.54
N ILE B 22 -5.33 -30.72 45.21
CA ILE B 22 -4.64 -30.30 43.98
C ILE B 22 -5.37 -30.79 42.75
N LYS B 23 -5.98 -31.98 42.83
CA LYS B 23 -6.79 -32.50 41.74
C LYS B 23 -7.99 -31.58 41.45
N GLY B 24 -8.55 -30.95 42.48
CA GLY B 24 -9.66 -30.02 42.29
C GLY B 24 -9.19 -28.68 41.71
N ILE B 25 -8.01 -28.24 42.14
CA ILE B 25 -7.44 -27.00 41.62
C ILE B 25 -7.13 -27.16 40.16
N LYS B 26 -6.53 -28.29 39.79
CA LYS B 26 -6.33 -28.58 38.38
C LYS B 26 -7.67 -28.60 37.63
N ASN B 27 -8.72 -29.18 38.23
CA ASN B 27 -10.00 -29.18 37.56
C ASN B 27 -10.51 -27.75 37.30
N GLN B 28 -10.36 -26.91 38.29
CA GLN B 28 -10.80 -25.52 38.22
C GLN B 28 -10.03 -24.75 37.14
N LEU B 29 -8.72 -24.98 37.09
CA LEU B 29 -7.90 -24.30 36.08
C LEU B 29 -8.26 -24.78 34.67
N ILE B 30 -8.56 -26.07 34.51
CA ILE B 30 -9.00 -26.59 33.22
C ILE B 30 -10.34 -25.98 32.81
N GLU B 31 -11.23 -25.77 33.79
CA GLU B 31 -12.54 -25.23 33.53
C GLU B 31 -12.42 -23.75 33.06
N GLN B 32 -11.60 -22.98 33.77
CA GLN B 32 -11.43 -21.57 33.45
C GLN B 32 -10.58 -21.31 32.19
N PHE B 33 -9.56 -22.15 31.98
CA PHE B 33 -8.50 -21.92 30.99
C PHE B 33 -8.24 -23.21 30.21
N PRO B 34 -9.18 -23.62 29.35
CA PRO B 34 -9.09 -24.99 28.79
C PRO B 34 -7.84 -25.27 27.94
N GLY B 35 -7.21 -24.24 27.42
CA GLY B 35 -5.93 -24.42 26.76
C GLY B 35 -4.85 -24.95 27.68
N ILE B 36 -4.99 -24.75 29.00
CA ILE B 36 -3.91 -25.08 29.94
C ILE B 36 -3.79 -26.60 30.22
N GLU B 37 -4.81 -27.37 29.87
CA GLU B 37 -4.90 -28.76 30.31
C GLU B 37 -3.60 -29.59 30.10
N PRO B 38 -3.07 -29.66 28.85
CA PRO B 38 -1.91 -30.54 28.62
C PRO B 38 -0.61 -30.02 29.24
N TRP B 39 -0.65 -28.81 29.81
CA TRP B 39 0.50 -28.15 30.38
C TRP B 39 0.54 -28.20 31.92
N LEU B 40 -0.55 -28.64 32.56
CA LEU B 40 -0.61 -28.63 34.03
C LEU B 40 0.42 -29.53 34.73
N ASN B 41 0.78 -30.65 34.10
CA ASN B 41 1.82 -31.54 34.62
C ASN B 41 3.20 -30.91 34.56
N GLN B 42 3.40 -30.00 33.60
CA GLN B 42 4.63 -29.19 33.55
C GLN B 42 4.60 -28.06 34.60
N ILE B 43 3.45 -27.40 34.73
CA ILE B 43 3.30 -26.22 35.58
C ILE B 43 3.27 -26.63 37.05
N MET B 44 2.62 -27.77 37.33
CA MET B 44 2.41 -28.28 38.69
C MET B 44 2.72 -29.78 38.73
N PRO B 45 4.03 -30.15 38.65
CA PRO B 45 4.42 -31.56 38.64
C PRO B 45 3.90 -32.30 39.85
N LYS B 46 3.45 -33.54 39.64
CA LYS B 46 2.85 -34.33 40.72
C LYS B 46 3.77 -34.42 41.93
N LYS B 47 5.07 -34.56 41.66
CA LYS B 47 6.08 -34.73 42.71
C LYS B 47 6.27 -33.50 43.59
N ASP B 48 6.11 -32.31 43.02
CA ASP B 48 6.46 -31.06 43.73
C ASP B 48 5.33 -30.54 44.64
N PRO B 49 5.69 -29.85 45.75
CA PRO B 49 4.70 -29.23 46.61
C PRO B 49 3.98 -28.08 45.93
N VAL B 50 2.68 -27.99 46.16
CA VAL B 50 1.88 -26.87 45.75
C VAL B 50 1.58 -26.10 47.01
N LYS B 51 1.80 -24.79 46.99
CA LYS B 51 1.53 -23.96 48.15
C LYS B 51 0.67 -22.79 47.80
N ILE B 52 -0.07 -22.29 48.79
CA ILE B 52 -0.81 -21.03 48.66
C ILE B 52 -0.21 -19.98 49.59
N VAL B 53 0.21 -18.86 49.00
CA VAL B 53 0.74 -17.72 49.74
C VAL B 53 -0.44 -16.82 50.09
N ARG B 54 -0.74 -16.72 51.37
CA ARG B 54 -1.83 -15.87 51.83
C ARG B 54 -1.30 -14.47 52.03
N CYS B 55 -2.00 -13.50 51.46
CA CYS B 55 -1.60 -12.12 51.42
C CYS B 55 -2.72 -11.27 51.94
N HIS B 56 -2.43 -9.97 52.14
CA HIS B 56 -3.43 -9.02 52.61
C HIS B 56 -4.54 -8.80 51.55
N GLU B 57 -5.63 -8.18 51.99
CA GLU B 57 -6.79 -7.87 51.14
C GLU B 57 -7.47 -9.14 50.54
N HIS B 58 -7.40 -10.24 51.30
CA HIS B 58 -7.99 -11.55 50.95
C HIS B 58 -7.43 -12.14 49.65
N ILE B 59 -6.17 -11.82 49.37
CA ILE B 59 -5.49 -12.29 48.16
C ILE B 59 -4.71 -13.54 48.46
N GLU B 60 -4.79 -14.52 47.56
CA GLU B 60 -4.03 -15.72 47.63
C GLU B 60 -3.28 -15.93 46.33
N ILE B 61 -2.05 -16.41 46.44
CA ILE B 61 -1.23 -16.76 45.29
C ILE B 61 -0.89 -18.25 45.29
N LEU B 62 -1.22 -18.93 44.19
CA LEU B 62 -0.89 -20.33 44.02
C LEU B 62 0.55 -20.46 43.52
N THR B 63 1.38 -21.22 44.22
CA THR B 63 2.81 -21.31 43.90
C THR B 63 3.34 -22.75 43.89
N VAL B 64 4.30 -23.02 43.02
CA VAL B 64 5.00 -24.31 42.90
C VAL B 64 6.47 -24.04 42.62
N ASN B 65 7.36 -24.59 43.46
CA ASN B 65 8.81 -24.42 43.33
C ASN B 65 9.26 -22.95 43.30
N GLY B 66 8.57 -22.12 44.07
CA GLY B 66 8.86 -20.69 44.13
C GLY B 66 8.18 -19.84 43.06
N GLU B 67 7.74 -20.47 41.97
CA GLU B 67 7.09 -19.76 40.85
C GLU B 67 5.68 -19.33 41.21
N LEU B 68 5.29 -18.10 40.83
CA LEU B 68 3.95 -17.61 41.12
C LEU B 68 3.08 -17.86 39.88
N LEU B 69 2.04 -18.68 40.03
CA LEU B 69 1.27 -19.18 38.89
C LEU B 69 -0.05 -18.44 38.67
N PHE B 70 -0.91 -18.44 39.70
CA PHE B 70 -2.20 -17.80 39.65
C PHE B 70 -2.51 -17.06 40.94
N PHE B 71 -3.43 -16.12 40.88
CA PHE B 71 -3.92 -15.44 42.10
C PHE B 71 -5.42 -15.34 42.10
N ARG B 72 -5.99 -15.16 43.28
CA ARG B 72 -7.41 -14.99 43.43
C ARG B 72 -7.67 -14.11 44.64
N GLN B 73 -8.87 -13.56 44.71
CA GLN B 73 -9.27 -12.75 45.85
C GLN B 73 -10.58 -13.26 46.42
N ARG B 74 -10.67 -13.34 47.75
CA ARG B 74 -11.82 -13.94 48.44
C ARG B 74 -12.22 -15.35 47.89
N GLU B 75 -11.22 -16.16 47.56
CA GLU B 75 -11.43 -17.53 47.06
C GLU B 75 -12.26 -17.59 45.79
N GLY B 76 -12.23 -16.51 45.03
CA GLY B 76 -12.94 -16.43 43.77
C GLY B 76 -12.16 -17.10 42.64
N PRO B 77 -12.49 -16.76 41.39
CA PRO B 77 -11.82 -17.38 40.24
C PRO B 77 -10.36 -17.01 40.18
N PHE B 78 -9.56 -17.90 39.62
CA PHE B 78 -8.15 -17.63 39.45
C PHE B 78 -7.88 -16.70 38.26
N TYR B 79 -6.80 -15.92 38.40
CA TYR B 79 -6.25 -15.06 37.35
C TYR B 79 -4.79 -15.49 37.18
N PRO B 80 -4.31 -15.61 35.91
CA PRO B 80 -2.90 -15.94 35.73
C PRO B 80 -2.03 -14.77 36.10
N THR B 81 -0.85 -15.05 36.64
CA THR B 81 0.16 -14.03 36.70
C THR B 81 0.61 -13.70 35.26
N LEU B 82 1.09 -12.49 35.06
CA LEU B 82 1.65 -12.09 33.78
C LEU B 82 2.82 -12.97 33.35
N ARG B 83 3.69 -13.30 34.30
CA ARG B 83 4.86 -14.13 33.97
C ARG B 83 4.42 -15.51 33.44
N LEU B 84 3.39 -16.11 34.05
CA LEU B 84 2.84 -17.37 33.54
C LEU B 84 2.18 -17.16 32.18
N LEU B 85 1.37 -16.09 32.06
CA LEU B 85 0.66 -15.79 30.80
C LEU B 85 1.63 -15.61 29.66
N HIS B 86 2.77 -14.94 29.91
CA HIS B 86 3.74 -14.73 28.86
C HIS B 86 4.26 -16.06 28.32
N LYS B 87 4.38 -17.06 29.19
CA LYS B 87 4.82 -18.40 28.79
C LYS B 87 3.76 -19.19 28.06
N TYR B 88 2.48 -18.94 28.40
CA TYR B 88 1.32 -19.65 27.82
C TYR B 88 0.21 -18.66 27.45
N PRO B 89 0.42 -17.84 26.42
CA PRO B 89 -0.48 -16.69 26.18
C PRO B 89 -1.86 -17.09 25.66
N PHE B 90 -1.96 -18.31 25.15
CA PHE B 90 -3.24 -18.90 24.70
C PHE B 90 -4.31 -19.08 25.77
N ILE B 91 -3.97 -18.99 27.04
CA ILE B 91 -4.97 -19.26 28.09
C ILE B 91 -6.01 -18.15 28.27
N LEU B 92 -5.78 -16.97 27.69
CA LEU B 92 -6.78 -15.89 27.65
C LEU B 92 -7.02 -15.30 26.25
N PRO B 93 -8.27 -14.91 25.95
CA PRO B 93 -8.49 -14.01 24.83
C PRO B 93 -7.79 -12.70 25.11
N HIS B 94 -7.55 -11.91 24.07
CA HIS B 94 -6.94 -10.61 24.24
C HIS B 94 -7.76 -9.45 23.66
N GLN B 95 -7.39 -8.25 24.10
CA GLN B 95 -7.89 -7.00 23.54
C GLN B 95 -6.67 -6.15 23.37
N GLN B 96 -6.69 -5.27 22.38
CA GLN B 96 -5.53 -4.41 22.16
C GLN B 96 -5.90 -2.94 22.35
N VAL B 97 -5.19 -2.27 23.27
CA VAL B 97 -5.42 -0.85 23.53
CA VAL B 97 -5.43 -0.86 23.54
C VAL B 97 -4.52 -0.01 22.64
N ASP B 98 -4.88 1.26 22.46
CA ASP B 98 -4.06 2.14 21.62
CA ASP B 98 -4.07 2.18 21.64
C ASP B 98 -2.78 2.58 22.34
N LYS B 99 -1.92 3.35 21.67
N LYS B 99 -1.89 3.20 21.57
CA LYS B 99 -0.62 3.75 22.26
CA LYS B 99 -0.67 3.81 22.07
C LYS B 99 -0.71 4.73 23.44
C LYS B 99 -1.04 5.14 22.69
N GLY B 100 -1.71 5.58 23.46
N GLY B 100 -0.75 5.29 23.97
CA GLY B 100 -1.85 6.55 24.56
CA GLY B 100 -1.27 6.42 24.73
C GLY B 100 -1.94 5.94 25.95
C GLY B 100 -2.00 5.96 25.97
N ALA B 101 -2.37 4.67 26.01
CA ALA B 101 -2.80 4.03 27.26
C ALA B 101 -1.66 3.30 27.95
N ILE B 102 -0.63 2.94 27.20
CA ILE B 102 0.46 2.08 27.69
C ILE B 102 1.08 2.59 28.96
N LYS B 103 1.53 3.84 28.96
CA LYS B 103 2.09 4.43 30.16
C LYS B 103 1.09 4.29 31.31
N PHE B 104 -0.19 4.48 31.01
CA PHE B 104 -1.20 4.45 32.06
C PHE B 104 -1.60 3.04 32.47
N VAL B 105 -1.61 2.12 31.52
CA VAL B 105 -1.83 0.69 31.82
C VAL B 105 -0.73 0.20 32.77
N LEU B 106 0.51 0.63 32.50
CA LEU B 106 1.65 0.31 33.36
C LEU B 106 1.70 1.11 34.66
N SER B 107 0.64 1.87 34.90
CA SER B 107 0.45 2.56 36.14
C SER B 107 -0.79 2.03 36.94
N GLY B 108 -1.40 0.93 36.47
CA GLY B 108 -2.57 0.34 37.14
C GLY B 108 -3.92 0.90 36.68
N ALA B 109 -3.89 1.82 35.72
CA ALA B 109 -5.09 2.48 35.20
C ALA B 109 -5.99 1.49 34.45
N ASN B 110 -7.29 1.55 34.74
CA ASN B 110 -8.28 0.82 33.97
C ASN B 110 -8.35 1.32 32.52
N ILE B 111 -8.87 0.47 31.63
CA ILE B 111 -8.93 0.80 30.22
C ILE B 111 -10.31 1.39 29.94
N MET B 112 -10.33 2.65 29.53
CA MET B 112 -11.57 3.33 29.19
C MET B 112 -11.98 2.99 27.78
N CYS B 113 -13.29 2.98 27.51
CA CYS B 113 -13.76 2.58 26.19
C CYS B 113 -13.08 3.32 25.03
N PRO B 114 -12.86 4.64 25.15
CA PRO B 114 -12.24 5.33 24.01
C PRO B 114 -10.82 4.87 23.64
N GLY B 115 -10.11 4.28 24.62
CA GLY B 115 -8.84 3.62 24.35
C GLY B 115 -8.93 2.31 23.56
N LEU B 116 -10.15 1.78 23.41
CA LEU B 116 -10.40 0.52 22.70
C LEU B 116 -11.13 0.69 21.37
N THR B 117 -11.61 1.90 21.07
CA THR B 117 -12.35 2.14 19.84
C THR B 117 -11.55 2.96 18.81
N SER B 118 -10.42 3.49 19.24
CA SER B 118 -9.59 4.35 18.40
C SER B 118 -8.85 3.50 17.34
N PRO B 119 -8.30 4.14 16.28
CA PRO B 119 -7.71 3.37 15.19
C PRO B 119 -6.57 2.40 15.59
N GLY B 120 -5.81 2.75 16.62
CA GLY B 120 -4.67 1.92 17.06
C GLY B 120 -5.08 0.74 17.93
N ALA B 121 -6.34 0.72 18.33
CA ALA B 121 -6.90 -0.35 19.18
C ALA B 121 -7.56 -1.45 18.34
N LYS B 122 -7.70 -2.64 18.93
CA LYS B 122 -8.44 -3.73 18.31
C LYS B 122 -9.27 -4.43 19.37
N LEU B 123 -10.58 -4.54 19.12
CA LEU B 123 -11.55 -5.13 20.04
C LEU B 123 -12.03 -6.45 19.42
N TYR B 124 -12.19 -7.47 20.27
CA TYR B 124 -12.62 -8.81 19.89
C TYR B 124 -13.76 -9.23 20.79
N PRO B 125 -14.61 -10.17 20.32
CA PRO B 125 -15.74 -10.52 21.17
C PRO B 125 -15.30 -11.06 22.53
N ALA B 126 -16.01 -10.63 23.57
CA ALA B 126 -15.72 -10.98 24.94
C ALA B 126 -16.86 -10.47 25.81
N ALA B 127 -17.50 -11.40 26.52
CA ALA B 127 -18.60 -11.06 27.39
C ALA B 127 -18.11 -10.32 28.62
N VAL B 128 -19.03 -9.61 29.26
CA VAL B 128 -18.73 -8.98 30.53
C VAL B 128 -18.20 -10.06 31.50
N ASP B 129 -17.28 -9.62 32.37
CA ASP B 129 -16.56 -10.46 33.33
C ASP B 129 -15.56 -11.48 32.75
N THR B 130 -15.29 -11.42 31.46
CA THR B 130 -14.28 -12.29 30.84
C THR B 130 -12.89 -11.80 31.27
N ILE B 131 -12.04 -12.73 31.68
CA ILE B 131 -10.63 -12.42 31.97
C ILE B 131 -9.90 -12.37 30.63
N VAL B 132 -9.17 -11.26 30.38
CA VAL B 132 -8.51 -11.03 29.15
C VAL B 132 -7.06 -10.51 29.34
N ALA B 133 -6.24 -10.77 28.33
CA ALA B 133 -4.90 -10.18 28.20
C ALA B 133 -5.01 -8.85 27.46
N ILE B 134 -4.34 -7.83 27.98
CA ILE B 134 -4.34 -6.54 27.37
C ILE B 134 -2.98 -6.36 26.70
N MET B 135 -3.03 -6.18 25.39
CA MET B 135 -1.88 -5.97 24.52
C MET B 135 -1.79 -4.52 24.04
N ALA B 136 -0.57 -4.07 23.76
CA ALA B 136 -0.32 -2.85 22.93
C ALA B 136 0.27 -3.29 21.59
N ALA B 137 -0.07 -2.60 20.50
CA ALA B 137 0.49 -2.92 19.17
C ALA B 137 2.03 -2.96 19.18
N GLY B 138 2.63 -2.04 19.93
CA GLY B 138 4.08 -1.90 20.00
C GLY B 138 4.80 -2.80 20.97
N ALA B 139 4.12 -3.78 21.55
CA ALA B 139 4.76 -4.77 22.47
C ALA B 139 4.18 -6.18 22.26
N ALA B 140 5.06 -7.20 22.21
CA ALA B 140 4.70 -8.60 21.87
C ALA B 140 4.12 -9.39 23.03
N HIS B 141 4.21 -8.84 24.22
CA HIS B 141 3.79 -9.55 25.42
C HIS B 141 2.70 -8.73 26.09
N ALA B 142 1.81 -9.42 26.77
CA ALA B 142 0.70 -8.76 27.47
C ALA B 142 1.25 -7.80 28.50
N LEU B 143 0.67 -6.63 28.57
CA LEU B 143 1.07 -5.62 29.53
C LEU B 143 0.22 -5.68 30.83
N CYS B 144 -1.00 -6.20 30.73
CA CYS B 144 -1.80 -6.45 31.92
C CYS B 144 -2.83 -7.56 31.74
N VAL B 145 -3.35 -8.04 32.86
CA VAL B 145 -4.48 -8.93 32.88
C VAL B 145 -5.67 -8.06 33.24
N GLY B 146 -6.75 -8.19 32.51
CA GLY B 146 -7.92 -7.39 32.75
C GLY B 146 -9.16 -8.21 32.91
N VAL B 147 -10.22 -7.56 33.39
CA VAL B 147 -11.57 -8.14 33.40
C VAL B 147 -12.54 -7.23 32.67
N MET B 148 -13.27 -7.77 31.69
CA MET B 148 -14.21 -6.98 30.92
C MET B 148 -15.28 -6.44 31.86
N LYS B 149 -15.50 -5.12 31.85
CA LYS B 149 -16.60 -4.51 32.67
C LYS B 149 -17.83 -4.19 31.85
N MET B 150 -17.63 -4.13 30.52
CA MET B 150 -18.69 -4.09 29.51
C MET B 150 -18.34 -5.19 28.48
N SER B 151 -19.34 -5.75 27.79
CA SER B 151 -19.06 -6.63 26.65
C SER B 151 -18.31 -5.81 25.57
N ALA B 152 -17.52 -6.48 24.72
CA ALA B 152 -16.78 -5.78 23.66
C ALA B 152 -17.74 -5.07 22.70
N GLU B 153 -18.90 -5.70 22.45
CA GLU B 153 -19.99 -5.09 21.68
C GLU B 153 -20.41 -3.75 22.28
N ASP B 154 -20.63 -3.71 23.60
CA ASP B 154 -21.06 -2.46 24.28
C ASP B 154 -19.94 -1.42 24.34
N ILE B 155 -18.70 -1.85 24.56
CA ILE B 155 -17.57 -0.94 24.48
C ILE B 155 -17.57 -0.16 23.16
N GLU B 156 -17.71 -0.86 22.03
CA GLU B 156 -17.73 -0.21 20.72
C GLU B 156 -18.97 0.70 20.54
N LYS B 157 -20.13 0.25 21.02
CA LYS B 157 -21.39 0.98 20.80
C LYS B 157 -21.51 2.21 21.71
N VAL B 158 -21.13 2.05 22.96
CA VAL B 158 -21.26 3.10 23.98
C VAL B 158 -20.08 4.10 23.97
N ASN B 159 -18.85 3.61 23.86
CA ASN B 159 -17.65 4.44 23.82
C ASN B 159 -17.52 5.40 25.01
N LYS B 160 -17.89 4.92 26.19
CA LYS B 160 -17.95 5.73 27.39
C LYS B 160 -17.81 4.88 28.64
N GLY B 161 -16.98 5.34 29.57
CA GLY B 161 -16.80 4.69 30.86
C GLY B 161 -15.72 3.62 30.85
N ILE B 162 -15.56 2.95 31.98
CA ILE B 162 -14.58 1.88 32.09
C ILE B 162 -15.02 0.66 31.26
N GLY B 163 -14.20 0.26 30.30
CA GLY B 163 -14.44 -0.94 29.52
C GLY B 163 -13.82 -2.18 30.13
N ILE B 164 -12.58 -2.04 30.63
CA ILE B 164 -11.82 -3.16 31.20
C ILE B 164 -11.10 -2.73 32.48
N GLU B 165 -11.26 -3.54 33.52
CA GLU B 165 -10.57 -3.33 34.77
C GLU B 165 -9.17 -3.92 34.70
N ASN B 166 -8.18 -3.11 35.04
CA ASN B 166 -6.77 -3.52 35.06
C ASN B 166 -6.46 -4.11 36.46
N ILE B 167 -6.29 -5.43 36.50
CA ILE B 167 -6.12 -6.23 37.73
CA ILE B 167 -6.11 -6.10 37.78
C ILE B 167 -4.66 -6.46 38.12
N HIS B 168 -3.79 -6.55 37.12
CA HIS B 168 -2.41 -6.94 37.34
C HIS B 168 -1.63 -6.52 36.11
N TYR B 169 -0.52 -5.82 36.32
CA TYR B 169 0.21 -5.23 35.20
C TYR B 169 1.72 -5.40 35.36
N LEU B 170 2.42 -5.22 34.26
CA LEU B 170 3.84 -5.49 34.16
C LEU B 170 4.59 -4.54 35.09
N ASN B 171 5.35 -5.14 35.99
CA ASN B 171 6.11 -4.44 37.03
C ASN B 171 5.27 -3.78 38.12
N ASP B 172 4.07 -4.28 38.35
CA ASP B 172 3.39 -4.03 39.62
C ASP B 172 4.06 -4.84 40.74
N GLY B 173 3.51 -4.80 41.96
CA GLY B 173 4.12 -5.49 43.09
C GLY B 173 4.21 -7.00 42.98
N LEU B 174 3.23 -7.61 42.31
CA LEU B 174 3.22 -9.05 42.13
C LEU B 174 4.29 -9.48 41.14
N TRP B 175 4.37 -8.74 40.03
CA TRP B 175 5.45 -8.94 39.06
C TRP B 175 6.81 -8.79 39.76
N HIS B 176 6.95 -7.72 40.54
CA HIS B 176 8.19 -7.41 41.22
C HIS B 176 8.57 -8.48 42.24
N MET B 177 7.60 -8.97 43.01
CA MET B 177 7.84 -10.09 43.94
C MET B 177 8.55 -11.24 43.24
N LYS B 178 8.02 -11.63 42.07
CA LYS B 178 8.64 -12.58 41.13
C LYS B 178 8.63 -14.05 41.58
N THR B 179 9.12 -14.32 42.79
CA THR B 179 9.14 -15.66 43.32
C THR B 179 8.80 -15.61 44.81
N TYR B 180 8.44 -16.77 45.37
CA TYR B 180 8.26 -16.89 46.79
C TYR B 180 9.19 -17.97 47.32
N LYS B 181 10.16 -17.53 48.14
CA LYS B 181 11.09 -18.44 48.82
C LYS B 181 11.63 -19.49 47.84
N ALA B 182 12.34 -18.98 46.83
CA ALA B 182 13.02 -19.82 45.84
C ALA B 182 14.22 -20.58 46.46
N HIS B 183 14.73 -20.06 47.59
CA HIS B 183 15.76 -20.74 48.40
C HIS B 183 15.29 -22.12 48.89
N HIS B 184 13.98 -22.28 49.09
CA HIS B 184 13.40 -23.52 49.64
C HIS B 184 13.23 -24.66 48.61
N HIS B 185 13.71 -24.47 47.38
CA HIS B 185 13.46 -25.45 46.30
C HIS B 185 14.71 -25.64 45.43
N MET C 1 -15.03 29.88 25.03
CA MET C 1 -15.34 30.53 26.35
C MET C 1 -14.24 31.53 26.79
N PHE C 2 -13.01 31.36 26.28
CA PHE C 2 -11.84 32.11 26.76
C PHE C 2 -11.04 32.83 25.67
N LYS C 3 -11.63 32.99 24.49
CA LYS C 3 -10.90 33.62 23.38
C LYS C 3 -10.39 35.04 23.71
N LYS C 4 -11.21 35.80 24.43
CA LYS C 4 -10.89 37.18 24.82
C LYS C 4 -10.59 37.34 26.32
N PHE C 5 -10.48 36.21 27.03
CA PHE C 5 -10.15 36.20 28.46
C PHE C 5 -8.74 36.72 28.71
N ASP C 6 -8.61 37.61 29.69
CA ASP C 6 -7.34 38.12 30.15
C ASP C 6 -7.33 38.08 31.68
N GLU C 7 -6.41 37.32 32.25
CA GLU C 7 -6.29 37.18 33.71
C GLU C 7 -6.19 38.52 34.48
N LYS C 8 -5.55 39.50 33.86
CA LYS C 8 -5.33 40.81 34.45
C LYS C 8 -6.57 41.72 34.37
N GLU C 9 -7.61 41.27 33.65
CA GLU C 9 -8.86 42.04 33.51
C GLU C 9 -10.11 41.29 33.97
N ASN C 10 -10.12 39.97 33.81
CA ASN C 10 -11.36 39.21 33.90
C ASN C 10 -11.50 38.33 35.14
N VAL C 11 -10.52 38.39 36.04
CA VAL C 11 -10.64 37.71 37.34
C VAL C 11 -11.23 38.66 38.39
N SER C 12 -12.39 38.28 38.93
CA SER C 12 -13.09 39.05 39.96
C SER C 12 -12.53 38.79 41.36
N ASN C 13 -12.61 37.53 41.78
CA ASN C 13 -12.30 37.15 43.14
C ASN C 13 -11.82 35.70 43.19
N CYS C 14 -11.40 35.29 44.38
CA CYS C 14 -11.02 33.92 44.65
C CYS C 14 -11.45 33.52 46.08
N ILE C 15 -12.17 32.41 46.20
CA ILE C 15 -12.61 31.85 47.49
C ILE C 15 -11.98 30.48 47.72
N GLN C 16 -11.58 30.19 48.97
CA GLN C 16 -11.08 28.86 49.33
C GLN C 16 -12.24 28.00 49.83
N LEU C 17 -12.21 26.71 49.46
CA LEU C 17 -13.33 25.81 49.71
C LEU C 17 -13.18 25.06 51.02
N LYS C 18 -14.32 24.76 51.66
CA LYS C 18 -14.36 23.94 52.88
C LYS C 18 -14.31 22.45 52.50
N THR C 19 -13.84 21.62 53.45
CA THR C 19 -13.59 20.20 53.22
C THR C 19 -14.79 19.42 52.71
N SER C 20 -15.95 19.65 53.30
CA SER C 20 -17.16 18.92 52.93
C SER C 20 -17.55 19.25 51.48
N VAL C 21 -17.40 20.51 51.10
CA VAL C 21 -17.69 20.95 49.74
C VAL C 21 -16.70 20.32 48.75
N ILE C 22 -15.42 20.26 49.13
CA ILE C 22 -14.39 19.62 48.29
C ILE C 22 -14.75 18.16 48.03
N LYS C 23 -15.21 17.45 49.08
CA LYS C 23 -15.57 16.05 48.93
C LYS C 23 -16.67 15.83 47.88
N GLY C 24 -17.65 16.73 47.85
CA GLY C 24 -18.73 16.68 46.87
C GLY C 24 -18.25 16.93 45.45
N ILE C 25 -17.38 17.92 45.30
CA ILE C 25 -16.76 18.23 44.00
C ILE C 25 -15.90 17.07 43.49
N LYS C 26 -15.12 16.43 44.35
CA LYS C 26 -14.37 15.23 43.94
C LYS C 26 -15.31 14.10 43.52
N ASN C 27 -16.37 13.87 44.30
CA ASN C 27 -17.38 12.88 43.94
C ASN C 27 -17.99 13.16 42.56
N GLN C 28 -18.29 14.44 42.30
CA GLN C 28 -18.82 14.88 40.99
CA GLN C 28 -18.84 14.84 41.00
C GLN C 28 -17.85 14.57 39.86
N LEU C 29 -16.58 14.90 40.07
CA LEU C 29 -15.53 14.72 39.03
C LEU C 29 -15.32 13.25 38.70
N ILE C 30 -15.29 12.40 39.72
CA ILE C 30 -15.15 10.95 39.54
C ILE C 30 -16.28 10.39 38.69
N GLU C 31 -17.49 10.93 38.86
CA GLU C 31 -18.65 10.48 38.11
C GLU C 31 -18.64 11.02 36.65
N GLN C 32 -18.24 12.28 36.49
CA GLN C 32 -18.09 12.88 35.15
C GLN C 32 -16.98 12.23 34.33
N PHE C 33 -15.85 11.97 34.98
CA PHE C 33 -14.62 11.53 34.34
C PHE C 33 -14.11 10.24 34.98
N PRO C 34 -14.77 9.10 34.69
CA PRO C 34 -14.41 7.87 35.44
C PRO C 34 -12.89 7.50 35.41
N GLY C 35 -12.21 7.82 34.33
CA GLY C 35 -10.76 7.57 34.29
C GLY C 35 -9.95 8.28 35.37
N ILE C 36 -10.49 9.35 35.96
CA ILE C 36 -9.71 10.22 36.84
C ILE C 36 -9.54 9.74 38.27
N GLU C 37 -10.33 8.77 38.72
CA GLU C 37 -10.38 8.43 40.15
C GLU C 37 -9.01 8.19 40.79
N PRO C 38 -8.22 7.25 40.23
CA PRO C 38 -6.92 6.95 40.88
C PRO C 38 -5.91 8.10 40.82
N TRP C 39 -6.23 9.17 40.10
CA TRP C 39 -5.32 10.28 39.94
C TRP C 39 -5.72 11.53 40.73
N LEU C 40 -6.94 11.57 41.26
CA LEU C 40 -7.44 12.79 41.91
C LEU C 40 -6.60 13.20 43.11
N ASN C 41 -6.04 12.23 43.82
CA ASN C 41 -5.23 12.51 45.02
C ASN C 41 -3.86 13.13 44.69
N GLN C 42 -3.42 13.01 43.44
CA GLN C 42 -2.17 13.66 43.00
CA GLN C 42 -2.19 13.65 42.99
C GLN C 42 -2.48 15.05 42.47
N ILE C 43 -3.60 15.17 41.76
CA ILE C 43 -4.08 16.40 41.16
C ILE C 43 -4.63 17.36 42.22
N MET C 44 -5.32 16.77 43.22
CA MET C 44 -5.94 17.50 44.29
C MET C 44 -5.60 16.86 45.63
N PRO C 45 -4.32 16.96 46.07
CA PRO C 45 -3.92 16.31 47.32
C PRO C 45 -4.73 16.80 48.51
N LYS C 46 -5.12 15.88 49.39
CA LYS C 46 -6.01 16.20 50.50
C LYS C 46 -5.42 17.23 51.47
N LYS C 47 -4.09 17.29 51.54
CA LYS C 47 -3.41 18.27 52.39
C LYS C 47 -3.59 19.70 51.89
N ASP C 48 -3.71 19.85 50.57
CA ASP C 48 -3.60 21.16 49.93
C ASP C 48 -4.93 21.88 49.77
N PRO C 49 -4.92 23.22 49.86
CA PRO C 49 -6.14 23.99 49.71
C PRO C 49 -6.71 23.99 48.27
N VAL C 50 -8.03 23.91 48.16
CA VAL C 50 -8.72 23.97 46.89
C VAL C 50 -9.41 25.32 46.79
N LYS C 51 -9.20 26.00 45.67
CA LYS C 51 -9.73 27.34 45.50
C LYS C 51 -10.55 27.42 44.23
N ILE C 52 -11.51 28.35 44.21
CA ILE C 52 -12.24 28.64 43.01
C ILE C 52 -12.01 30.10 42.64
N VAL C 53 -11.51 30.31 41.44
CA VAL C 53 -11.26 31.64 40.92
C VAL C 53 -12.52 32.06 40.19
N ARG C 54 -13.14 33.15 40.68
CA ARG C 54 -14.35 33.71 40.05
C ARG C 54 -13.97 34.72 38.98
N CYS C 55 -14.57 34.54 37.80
CA CYS C 55 -14.21 35.31 36.63
C CYS C 55 -15.46 35.88 36.01
N HIS C 56 -15.23 36.79 35.05
CA HIS C 56 -16.34 37.42 34.34
CA HIS C 56 -16.31 37.42 34.29
C HIS C 56 -17.17 36.37 33.59
N GLU C 57 -18.36 36.77 33.17
CA GLU C 57 -19.29 35.89 32.45
C GLU C 57 -19.61 34.59 33.18
N HIS C 58 -19.71 34.68 34.50
CA HIS C 58 -20.18 33.60 35.37
C HIS C 58 -19.24 32.37 35.35
N ILE C 59 -17.98 32.59 35.04
CA ILE C 59 -16.99 31.51 34.91
C ILE C 59 -16.26 31.29 36.23
N GLU C 60 -16.05 30.02 36.57
CA GLU C 60 -15.29 29.63 37.72
C GLU C 60 -14.19 28.66 37.29
N ILE C 61 -13.01 28.85 37.86
CA ILE C 61 -11.87 27.97 37.61
C ILE C 61 -11.48 27.30 38.92
N LEU C 62 -11.50 25.97 38.94
CA LEU C 62 -11.03 25.17 40.09
C LEU C 62 -9.52 25.07 40.03
N THR C 63 -8.86 25.47 41.12
CA THR C 63 -7.39 25.53 41.17
C THR C 63 -6.85 24.88 42.44
N VAL C 64 -5.74 24.17 42.30
CA VAL C 64 -4.99 23.64 43.46
C VAL C 64 -3.50 23.88 43.23
N ASN C 65 -2.84 24.42 44.25
CA ASN C 65 -1.40 24.75 44.18
C ASN C 65 -1.02 25.60 42.97
N GLY C 66 -1.90 26.53 42.61
CA GLY C 66 -1.65 27.41 41.48
C GLY C 66 -1.99 26.79 40.12
N GLU C 67 -2.17 25.48 40.05
CA GLU C 67 -2.52 24.80 38.80
C GLU C 67 -3.99 24.98 38.50
N LEU C 68 -4.32 25.19 37.22
CA LEU C 68 -5.70 25.37 36.80
C LEU C 68 -6.19 24.01 36.33
N LEU C 69 -7.25 23.49 36.98
CA LEU C 69 -7.64 22.10 36.83
C LEU C 69 -8.90 21.93 35.98
N PHE C 70 -9.99 22.55 36.40
CA PHE C 70 -11.24 22.47 35.70
C PHE C 70 -11.89 23.85 35.70
N PHE C 71 -12.88 24.02 34.82
CA PHE C 71 -13.65 25.25 34.78
C PHE C 71 -15.13 24.94 34.53
N ARG C 72 -15.98 25.87 34.94
CA ARG C 72 -17.41 25.77 34.66
C ARG C 72 -17.99 27.17 34.48
N GLN C 73 -19.18 27.23 33.89
CA GLN C 73 -19.88 28.49 33.69
C GLN C 73 -21.29 28.35 34.28
N ARG C 74 -21.71 29.34 35.06
CA ARG C 74 -23.04 29.33 35.68
C ARG C 74 -23.23 28.04 36.48
N GLU C 75 -22.16 27.59 37.14
CA GLU C 75 -22.19 26.40 37.99
C GLU C 75 -22.71 25.15 37.27
N GLY C 76 -22.45 25.09 35.96
CA GLY C 76 -22.74 23.90 35.16
C GLY C 76 -21.64 22.85 35.37
N PRO C 77 -21.60 21.85 34.50
CA PRO C 77 -20.59 20.82 34.58
C PRO C 77 -19.19 21.37 34.52
N PHE C 78 -18.27 20.68 35.17
CA PHE C 78 -16.86 20.99 35.07
C PHE C 78 -16.29 20.46 33.77
N TYR C 79 -15.35 21.23 33.19
CA TYR C 79 -14.63 20.85 32.00
C TYR C 79 -13.16 20.88 32.35
N PRO C 80 -12.38 19.90 31.88
CA PRO C 80 -10.95 19.93 32.17
C PRO C 80 -10.23 21.05 31.40
N THR C 81 -9.19 21.64 32.00
CA THR C 81 -8.32 22.52 31.22
C THR C 81 -7.54 21.63 30.24
N LEU C 82 -7.10 22.22 29.16
CA LEU C 82 -6.37 21.50 28.13
C LEU C 82 -5.01 21.03 28.64
N ARG C 83 -4.39 21.83 29.51
CA ARG C 83 -3.13 21.44 30.14
C ARG C 83 -3.32 20.15 30.96
N LEU C 84 -4.42 20.07 31.72
CA LEU C 84 -4.73 18.85 32.48
C LEU C 84 -5.01 17.69 31.54
N LEU C 85 -5.81 17.95 30.49
CA LEU C 85 -6.19 16.91 29.55
C LEU C 85 -4.96 16.30 28.85
N HIS C 86 -4.00 17.16 28.49
CA HIS C 86 -2.75 16.67 27.86
C HIS C 86 -1.97 15.70 28.79
N LYS C 87 -2.07 15.91 30.09
CA LYS C 87 -1.42 15.04 31.07
C LYS C 87 -2.22 13.74 31.30
N TYR C 88 -3.54 13.84 31.27
CA TYR C 88 -4.42 12.66 31.41
C TYR C 88 -5.45 12.57 30.28
N PRO C 89 -5.00 12.21 29.06
CA PRO C 89 -5.90 12.30 27.92
C PRO C 89 -7.10 11.34 27.97
N PHE C 90 -6.95 10.23 28.71
CA PHE C 90 -7.99 9.21 28.83
C PHE C 90 -9.28 9.67 29.49
N ILE C 91 -9.29 10.85 30.12
CA ILE C 91 -10.49 11.25 30.88
C ILE C 91 -11.65 11.64 29.97
N LEU C 92 -11.36 11.93 28.69
CA LEU C 92 -12.39 12.22 27.68
C LEU C 92 -12.32 11.32 26.45
N PRO C 93 -13.50 11.00 25.85
CA PRO C 93 -13.53 10.49 24.49
C PRO C 93 -12.99 11.54 23.56
N HIS C 94 -12.55 11.13 22.38
CA HIS C 94 -12.09 12.09 21.42
C HIS C 94 -12.94 12.00 20.16
N GLN C 95 -12.88 13.08 19.41
CA GLN C 95 -13.44 13.14 18.06
C GLN C 95 -12.33 13.67 17.23
N GLN C 96 -12.16 13.13 16.03
CA GLN C 96 -11.19 13.71 15.12
C GLN C 96 -11.87 14.57 14.05
N VAL C 97 -11.60 15.87 14.14
CA VAL C 97 -12.09 16.85 13.18
C VAL C 97 -11.27 16.71 11.91
N ASP C 98 -11.83 17.19 10.79
CA ASP C 98 -11.10 17.19 9.53
C ASP C 98 -9.70 17.79 9.74
N LYS C 99 -8.72 17.20 9.07
CA LYS C 99 -7.31 17.52 9.33
C LYS C 99 -6.90 18.93 8.90
N GLY C 100 -7.67 19.54 7.98
CA GLY C 100 -7.40 20.90 7.53
C GLY C 100 -7.89 22.04 8.43
N ALA C 101 -8.56 21.71 9.53
CA ALA C 101 -9.25 22.72 10.39
C ALA C 101 -8.40 23.36 11.51
N ILE C 102 -7.14 22.99 11.62
CA ILE C 102 -6.30 23.38 12.76
C ILE C 102 -6.32 24.88 13.06
N LYS C 103 -5.99 25.71 12.06
CA LYS C 103 -5.90 27.17 12.25
C LYS C 103 -7.17 27.73 12.85
N PHE C 104 -8.30 27.17 12.46
CA PHE C 104 -9.58 27.69 12.86
C PHE C 104 -10.02 27.19 14.21
N VAL C 105 -9.72 25.93 14.53
CA VAL C 105 -9.97 25.42 15.89
C VAL C 105 -9.13 26.24 16.87
N LEU C 106 -7.90 26.60 16.46
CA LEU C 106 -7.00 27.42 17.29
C LEU C 106 -7.30 28.92 17.27
N SER C 107 -8.46 29.28 16.71
CA SER C 107 -9.01 30.62 16.81
C SER C 107 -10.35 30.62 17.54
N GLY C 108 -10.73 29.48 18.13
CA GLY C 108 -11.99 29.36 18.85
C GLY C 108 -13.20 28.91 18.03
N ALA C 109 -12.99 28.64 16.75
CA ALA C 109 -14.09 28.22 15.88
C ALA C 109 -14.75 26.92 16.36
N ASN C 110 -16.09 26.89 16.33
CA ASN C 110 -16.85 25.68 16.66
C ASN C 110 -16.69 24.65 15.57
N ILE C 111 -16.95 23.39 15.88
CA ILE C 111 -16.74 22.31 14.91
C ILE C 111 -18.09 22.03 14.25
N MET C 112 -18.20 22.42 12.99
CA MET C 112 -19.46 22.27 12.25
C MET C 112 -19.58 20.84 11.77
N CYS C 113 -20.83 20.35 11.58
CA CYS C 113 -21.05 18.93 11.25
C CYS C 113 -20.22 18.46 10.02
N PRO C 114 -20.09 19.30 8.98
CA PRO C 114 -19.22 18.94 7.84
C PRO C 114 -17.77 18.69 8.17
N GLY C 115 -17.28 19.28 9.26
CA GLY C 115 -15.92 19.04 9.74
C GLY C 115 -15.75 17.64 10.33
N LEU C 116 -16.87 17.01 10.73
CA LEU C 116 -16.87 15.71 11.39
C LEU C 116 -17.42 14.55 10.51
N THR C 117 -18.09 14.89 9.40
CA THR C 117 -18.66 13.91 8.48
C THR C 117 -17.83 13.70 7.21
N SER C 118 -16.71 14.42 7.08
CA SER C 118 -15.85 14.28 5.89
C SER C 118 -15.14 12.94 5.95
N PRO C 119 -14.70 12.41 4.80
CA PRO C 119 -13.94 11.13 4.79
C PRO C 119 -12.77 11.08 5.80
N GLY C 120 -12.03 12.18 5.94
CA GLY C 120 -10.87 12.23 6.86
C GLY C 120 -11.21 12.28 8.36
N ALA C 121 -12.33 12.94 8.66
CA ALA C 121 -12.87 12.99 10.03
C ALA C 121 -13.11 11.58 10.58
N LYS C 122 -13.04 11.45 11.90
CA LYS C 122 -13.42 10.22 12.59
C LYS C 122 -14.39 10.57 13.70
N LEU C 123 -15.67 10.23 13.51
CA LEU C 123 -16.68 10.37 14.55
C LEU C 123 -16.85 9.04 15.31
N TYR C 124 -16.96 9.15 16.63
CA TYR C 124 -17.13 8.01 17.52
C TYR C 124 -18.39 8.24 18.32
N PRO C 125 -19.05 7.15 18.77
CA PRO C 125 -20.25 7.35 19.57
C PRO C 125 -20.03 8.32 20.74
N ALA C 126 -20.99 9.23 20.90
CA ALA C 126 -20.95 10.25 21.94
C ALA C 126 -22.35 10.87 22.08
N ALA C 127 -22.95 10.79 23.26
CA ALA C 127 -24.28 11.38 23.49
C ALA C 127 -24.21 12.91 23.51
N VAL C 128 -25.35 13.56 23.32
CA VAL C 128 -25.40 15.03 23.44
C VAL C 128 -24.84 15.44 24.80
N ASP C 129 -24.18 16.61 24.82
CA ASP C 129 -23.59 17.20 26.00
C ASP C 129 -22.32 16.47 26.51
N THR C 130 -21.87 15.45 25.78
CA THR C 130 -20.62 14.75 26.14
C THR C 130 -19.43 15.68 25.89
N ILE C 131 -18.57 15.78 26.90
CA ILE C 131 -17.35 16.56 26.82
C ILE C 131 -16.30 15.68 26.12
N VAL C 132 -15.71 16.22 25.05
CA VAL C 132 -14.78 15.49 24.19
C VAL C 132 -13.47 16.26 23.93
N ALA C 133 -12.39 15.51 23.72
CA ALA C 133 -11.12 16.05 23.20
C ALA C 133 -11.21 16.13 21.69
N ILE C 134 -10.79 17.26 21.13
CA ILE C 134 -10.77 17.43 19.68
C ILE C 134 -9.33 17.28 19.21
N MET C 135 -9.12 16.27 18.37
CA MET C 135 -7.85 15.97 17.77
C MET C 135 -7.91 16.24 16.26
N ALA C 136 -6.79 16.71 15.72
CA ALA C 136 -6.54 16.76 14.28
C ALA C 136 -5.42 15.76 13.97
N ALA C 137 -5.45 15.13 12.79
CA ALA C 137 -4.43 14.11 12.46
C ALA C 137 -2.99 14.62 12.56
N GLY C 138 -2.79 15.91 12.27
CA GLY C 138 -1.45 16.50 12.25
C GLY C 138 -0.83 16.89 13.58
N ALA C 139 -1.54 16.69 14.69
CA ALA C 139 -1.04 16.97 16.05
C ALA C 139 -1.38 15.83 17.00
N ALA C 140 -0.41 15.43 17.83
CA ALA C 140 -0.60 14.34 18.79
C ALA C 140 -1.40 14.71 20.05
N HIS C 141 -1.54 16.01 20.32
CA HIS C 141 -2.23 16.50 21.52
C HIS C 141 -3.52 17.20 21.16
N ALA C 142 -4.50 17.11 22.05
CA ALA C 142 -5.80 17.75 21.80
C ALA C 142 -5.61 19.23 21.54
N LEU C 143 -6.32 19.75 20.55
CA LEU C 143 -6.25 21.16 20.21
C LEU C 143 -7.28 21.96 21.00
N CYS C 144 -8.39 21.32 21.32
CA CYS C 144 -9.43 21.95 22.12
C CYS C 144 -10.26 20.96 22.88
N VAL C 145 -10.99 21.46 23.88
CA VAL C 145 -12.03 20.73 24.59
C VAL C 145 -13.33 21.17 23.94
N GLY C 146 -14.17 20.20 23.61
CA GLY C 146 -15.47 20.45 23.00
C GLY C 146 -16.62 19.83 23.77
N VAL C 147 -17.84 20.26 23.41
CA VAL C 147 -19.08 19.70 23.94
C VAL C 147 -19.94 19.29 22.76
N MET C 148 -20.40 18.03 22.78
CA MET C 148 -21.34 17.52 21.77
C MET C 148 -22.65 18.28 21.93
N LYS C 149 -23.03 19.00 20.89
CA LYS C 149 -24.33 19.74 20.88
C LYS C 149 -25.46 18.90 20.26
N MET C 150 -25.06 17.82 19.56
CA MET C 150 -25.95 16.73 19.15
C MET C 150 -25.14 15.44 19.39
N SER C 151 -25.82 14.30 19.51
CA SER C 151 -25.11 13.00 19.52
C SER C 151 -24.30 12.83 18.21
N ALA C 152 -23.27 11.99 18.23
CA ALA C 152 -22.44 11.72 17.03
C ALA C 152 -23.27 11.09 15.90
N GLU C 153 -24.31 10.33 16.29
CA GLU C 153 -25.25 9.74 15.33
C GLU C 153 -26.01 10.85 14.60
N ASP C 154 -26.50 11.82 15.35
CA ASP C 154 -27.30 12.92 14.77
C ASP C 154 -26.44 13.92 13.99
N ILE C 155 -25.16 14.04 14.35
CA ILE C 155 -24.22 14.85 13.57
C ILE C 155 -24.14 14.29 12.13
N GLU C 156 -24.03 12.97 12.03
CA GLU C 156 -24.06 12.28 10.73
C GLU C 156 -25.36 12.54 9.93
N LYS C 157 -26.50 12.37 10.62
CA LYS C 157 -27.83 12.52 10.02
C LYS C 157 -28.13 13.95 9.53
N VAL C 158 -27.94 14.93 10.40
CA VAL C 158 -28.28 16.33 10.10
C VAL C 158 -27.23 17.00 9.19
N ASN C 159 -25.96 16.77 9.51
CA ASN C 159 -24.83 17.28 8.71
C ASN C 159 -24.87 18.80 8.38
N LYS C 160 -25.23 19.61 9.37
CA LYS C 160 -25.36 21.05 9.16
C LYS C 160 -25.39 21.78 10.50
N GLY C 161 -24.65 22.89 10.59
CA GLY C 161 -24.65 23.70 11.80
C GLY C 161 -23.66 23.16 12.82
N ILE C 162 -23.76 23.63 14.05
CA ILE C 162 -22.82 23.26 15.08
C ILE C 162 -23.06 21.78 15.49
N GLY C 163 -22.03 20.95 15.37
CA GLY C 163 -21.99 19.61 15.99
C GLY C 163 -21.32 19.62 17.36
N ILE C 164 -20.14 20.24 17.43
CA ILE C 164 -19.37 20.34 18.68
C ILE C 164 -18.93 21.79 18.95
N GLU C 165 -19.26 22.30 20.13
CA GLU C 165 -18.85 23.64 20.52
C GLU C 165 -17.43 23.59 21.05
N ASN C 166 -16.58 24.46 20.52
CA ASN C 166 -15.20 24.64 20.96
C ASN C 166 -15.23 25.58 22.17
N ILE C 167 -15.00 25.04 23.37
CA ILE C 167 -15.10 25.72 24.66
CA ILE C 167 -15.10 25.83 24.59
C ILE C 167 -13.75 26.30 25.14
N HIS C 168 -12.66 25.65 24.75
CA HIS C 168 -11.35 25.99 25.30
C HIS C 168 -10.32 25.40 24.38
N TYR C 169 -9.42 26.24 23.85
CA TYR C 169 -8.44 25.78 22.88
C TYR C 169 -7.01 26.15 23.25
N LEU C 170 -6.06 25.49 22.62
CA LEU C 170 -4.64 25.69 22.88
C LEU C 170 -4.23 27.15 22.59
N ASN C 171 -3.69 27.78 23.62
CA ASN C 171 -3.26 29.19 23.63
C ASN C 171 -4.40 30.23 23.54
N ASP C 172 -5.58 29.86 24.04
CA ASP C 172 -6.56 30.88 24.41
C ASP C 172 -6.16 31.55 25.73
N GLY C 173 -7.02 32.43 26.24
CA GLY C 173 -6.74 33.17 27.47
C GLY C 173 -6.51 32.35 28.70
N LEU C 174 -7.20 31.22 28.79
CA LEU C 174 -7.05 30.32 29.92
C LEU C 174 -5.76 29.52 29.84
N TRP C 175 -5.43 29.05 28.65
CA TRP C 175 -4.14 28.44 28.42
C TRP C 175 -3.01 29.43 28.76
N HIS C 176 -3.14 30.65 28.27
CA HIS C 176 -2.14 31.68 28.48
C HIS C 176 -2.00 32.05 29.94
N MET C 177 -3.12 32.08 30.66
CA MET C 177 -3.10 32.38 32.09
C MET C 177 -2.17 31.42 32.84
N LYS C 178 -2.35 30.13 32.55
CA LYS C 178 -1.40 29.06 32.93
C LYS C 178 -1.46 28.64 34.40
N THR C 179 -1.30 29.60 35.31
CA THR C 179 -1.44 29.37 36.76
C THR C 179 -2.21 30.52 37.43
N TYR C 180 -2.64 30.30 38.67
CA TYR C 180 -3.21 31.38 39.49
C TYR C 180 -2.40 31.56 40.78
N LYS C 181 -1.86 32.78 40.97
CA LYS C 181 -1.01 33.11 42.13
C LYS C 181 -0.18 31.89 42.60
N ALA C 182 0.68 31.39 41.70
CA ALA C 182 1.52 30.22 41.99
C ALA C 182 2.54 30.46 43.10
N HIS C 183 2.96 31.71 43.24
CA HIS C 183 3.92 32.10 44.30
C HIS C 183 3.33 32.03 45.73
N HIS C 184 2.00 32.05 45.83
CA HIS C 184 1.31 31.86 47.12
C HIS C 184 1.47 30.43 47.71
N HIS C 185 2.05 29.50 46.93
CA HIS C 185 2.16 28.09 47.34
C HIS C 185 3.61 27.60 47.38
N MET D 1 -22.16 32.25 -13.62
CA MET D 1 -22.88 33.55 -13.47
C MET D 1 -22.06 34.75 -13.96
N PHE D 2 -20.73 34.58 -14.08
CA PHE D 2 -19.82 35.70 -14.41
C PHE D 2 -18.85 35.40 -15.57
N LYS D 3 -19.14 34.39 -16.39
CA LYS D 3 -18.21 34.04 -17.47
C LYS D 3 -17.96 35.22 -18.44
N LYS D 4 -19.02 35.91 -18.82
CA LYS D 4 -18.93 37.07 -19.72
C LYS D 4 -19.08 38.41 -19.00
N PHE D 5 -18.95 38.41 -17.67
CA PHE D 5 -19.06 39.62 -16.86
C PHE D 5 -17.81 40.48 -17.03
N ASP D 6 -18.04 41.78 -17.18
CA ASP D 6 -16.98 42.77 -17.25
C ASP D 6 -17.39 43.98 -16.41
N GLU D 7 -16.60 44.26 -15.38
CA GLU D 7 -16.89 45.35 -14.44
C GLU D 7 -17.08 46.72 -15.09
N LYS D 8 -16.44 46.93 -16.25
CA LYS D 8 -16.55 48.20 -16.98
C LYS D 8 -17.85 48.33 -17.80
N GLU D 9 -18.51 47.21 -18.12
CA GLU D 9 -19.73 47.24 -18.92
C GLU D 9 -20.99 46.79 -18.16
N ASN D 10 -20.81 46.03 -17.08
CA ASN D 10 -21.94 45.32 -16.46
C ASN D 10 -22.31 45.75 -15.05
N VAL D 11 -21.69 46.82 -14.57
CA VAL D 11 -22.06 47.46 -13.29
C VAL D 11 -22.98 48.65 -13.55
N SER D 12 -24.12 48.68 -12.86
CA SER D 12 -25.14 49.74 -13.06
C SER D 12 -25.01 50.86 -12.03
N ASN D 13 -25.01 50.52 -10.74
CA ASN D 13 -24.95 51.52 -9.67
C ASN D 13 -24.54 50.88 -8.32
N CYS D 14 -24.62 51.65 -7.24
CA CYS D 14 -24.20 51.20 -5.93
C CYS D 14 -24.97 51.92 -4.81
N ILE D 15 -25.56 51.15 -3.89
CA ILE D 15 -26.31 51.71 -2.76
C ILE D 15 -25.70 51.29 -1.42
N GLN D 16 -25.86 52.14 -0.40
CA GLN D 16 -25.39 51.85 0.95
C GLN D 16 -26.57 51.41 1.82
N LEU D 17 -26.40 50.33 2.56
CA LEU D 17 -27.50 49.73 3.30
C LEU D 17 -27.66 50.35 4.69
N LYS D 18 -28.88 50.21 5.24
CA LYS D 18 -29.22 50.68 6.58
C LYS D 18 -29.07 49.57 7.64
N THR D 19 -28.84 50.02 8.88
CA THR D 19 -28.59 49.18 10.03
C THR D 19 -29.50 47.96 10.14
N SER D 20 -30.81 48.17 10.02
CA SER D 20 -31.77 47.07 10.27
C SER D 20 -31.65 45.98 9.21
N VAL D 21 -31.26 46.38 7.99
CA VAL D 21 -31.11 45.46 6.86
C VAL D 21 -29.79 44.72 6.99
N ILE D 22 -28.75 45.42 7.41
CA ILE D 22 -27.43 44.80 7.60
C ILE D 22 -27.50 43.73 8.68
N LYS D 23 -28.23 43.99 9.76
CA LYS D 23 -28.42 42.99 10.80
C LYS D 23 -29.13 41.73 10.27
N GLY D 24 -30.15 41.92 9.43
CA GLY D 24 -30.88 40.80 8.85
C GLY D 24 -30.03 39.98 7.88
N ILE D 25 -29.23 40.68 7.07
CA ILE D 25 -28.30 40.02 6.13
C ILE D 25 -27.29 39.16 6.88
N LYS D 26 -26.76 39.68 7.98
CA LYS D 26 -25.85 38.92 8.81
C LYS D 26 -26.52 37.69 9.37
N ASN D 27 -27.78 37.81 9.83
CA ASN D 27 -28.52 36.64 10.26
C ASN D 27 -28.66 35.64 9.10
N GLN D 28 -28.94 36.15 7.92
CA GLN D 28 -29.08 35.32 6.72
C GLN D 28 -27.78 34.60 6.36
N LEU D 29 -26.68 35.33 6.38
CA LEU D 29 -25.37 34.73 6.10
C LEU D 29 -25.03 33.65 7.13
N ILE D 30 -25.38 33.87 8.41
CA ILE D 30 -25.18 32.86 9.48
C ILE D 30 -26.07 31.63 9.29
N GLU D 31 -27.33 31.88 8.90
CA GLU D 31 -28.25 30.79 8.59
CA GLU D 31 -28.34 30.88 8.51
C GLU D 31 -27.73 29.97 7.41
N GLN D 32 -27.19 30.61 6.37
CA GLN D 32 -26.62 29.90 5.22
C GLN D 32 -25.29 29.21 5.52
N PHE D 33 -24.42 29.95 6.22
CA PHE D 33 -23.01 29.59 6.42
C PHE D 33 -22.66 29.67 7.91
N PRO D 34 -23.12 28.67 8.69
CA PRO D 34 -22.96 28.69 10.14
C PRO D 34 -21.53 29.00 10.61
N GLY D 35 -20.54 28.46 9.92
CA GLY D 35 -19.13 28.67 10.28
C GLY D 35 -18.63 30.10 10.16
N ILE D 36 -19.35 30.95 9.42
CA ILE D 36 -18.92 32.35 9.24
C ILE D 36 -19.13 33.24 10.46
N GLU D 37 -19.99 32.82 11.39
CA GLU D 37 -20.44 33.68 12.49
C GLU D 37 -19.32 34.41 13.30
N PRO D 38 -18.28 33.67 13.75
CA PRO D 38 -17.19 34.30 14.51
C PRO D 38 -16.39 35.37 13.71
N TRP D 39 -16.51 35.33 12.39
CA TRP D 39 -15.67 36.09 11.48
C TRP D 39 -16.37 37.28 10.84
N LEU D 40 -17.67 37.38 11.02
CA LEU D 40 -18.45 38.47 10.40
C LEU D 40 -18.07 39.85 10.91
N ASN D 41 -17.74 39.95 12.19
CA ASN D 41 -17.21 41.20 12.77
C ASN D 41 -15.94 41.66 12.07
N GLN D 42 -15.12 40.71 11.64
CA GLN D 42 -13.89 41.02 10.93
C GLN D 42 -14.17 41.32 9.47
N ILE D 43 -15.04 40.52 8.86
CA ILE D 43 -15.35 40.65 7.44
C ILE D 43 -16.22 41.89 7.16
N MET D 44 -17.19 42.15 8.06
CA MET D 44 -18.11 43.29 7.95
C MET D 44 -18.12 44.08 9.27
N PRO D 45 -17.05 44.84 9.55
CA PRO D 45 -16.99 45.57 10.82
C PRO D 45 -18.15 46.56 10.99
N LYS D 46 -18.80 46.52 12.15
CA LYS D 46 -20.00 47.34 12.40
C LYS D 46 -19.76 48.83 12.07
N LYS D 47 -18.54 49.31 12.29
CA LYS D 47 -18.15 50.68 11.95
C LYS D 47 -18.30 50.99 10.46
N ASP D 48 -17.91 50.04 9.61
CA ASP D 48 -17.69 50.31 8.18
C ASP D 48 -18.98 50.23 7.34
N PRO D 49 -19.06 51.03 6.27
CA PRO D 49 -20.24 51.04 5.41
C PRO D 49 -20.41 49.73 4.64
N VAL D 50 -21.62 49.17 4.62
CA VAL D 50 -21.93 47.98 3.81
C VAL D 50 -22.66 48.42 2.56
N LYS D 51 -22.11 48.11 1.39
CA LYS D 51 -22.71 48.51 0.11
C LYS D 51 -23.13 47.31 -0.75
N ILE D 52 -24.15 47.53 -1.59
CA ILE D 52 -24.55 46.59 -2.63
C ILE D 52 -24.27 47.21 -3.99
N VAL D 53 -23.39 46.57 -4.76
CA VAL D 53 -23.13 46.92 -6.15
C VAL D 53 -24.17 46.23 -7.04
N ARG D 54 -24.99 47.03 -7.73
CA ARG D 54 -26.02 46.50 -8.64
C ARG D 54 -25.45 46.34 -10.05
N CYS D 55 -25.58 45.12 -10.58
CA CYS D 55 -24.98 44.75 -11.85
C CYS D 55 -26.06 44.28 -12.80
N HIS D 56 -25.67 44.00 -14.05
CA HIS D 56 -26.63 43.51 -15.05
CA HIS D 56 -26.57 43.46 -15.08
C HIS D 56 -27.18 42.12 -14.65
N GLU D 57 -28.27 41.73 -15.29
CA GLU D 57 -28.92 40.44 -15.04
C GLU D 57 -29.34 40.27 -13.57
N HIS D 58 -29.70 41.38 -12.92
CA HIS D 58 -30.18 41.37 -11.53
C HIS D 58 -29.18 40.79 -10.55
N ILE D 59 -27.90 40.96 -10.83
CA ILE D 59 -26.82 40.48 -9.93
C ILE D 59 -26.50 41.59 -8.95
N GLU D 60 -26.34 41.22 -7.67
CA GLU D 60 -25.87 42.16 -6.66
C GLU D 60 -24.64 41.59 -5.98
N ILE D 61 -23.68 42.47 -5.70
CA ILE D 61 -22.45 42.10 -4.98
C ILE D 61 -22.38 42.92 -3.68
N LEU D 62 -22.26 42.22 -2.55
CA LEU D 62 -22.13 42.83 -1.24
C LEU D 62 -20.67 43.16 -1.03
N THR D 63 -20.39 44.45 -0.74
CA THR D 63 -19.01 44.90 -0.60
CA THR D 63 -19.00 44.93 -0.60
C THR D 63 -18.81 45.75 0.69
N VAL D 64 -17.66 45.57 1.35
CA VAL D 64 -17.29 46.35 2.52
C VAL D 64 -15.83 46.76 2.33
N ASN D 65 -15.56 48.06 2.42
CA ASN D 65 -14.22 48.61 2.19
C ASN D 65 -13.55 48.21 0.86
N GLY D 66 -14.36 48.07 -0.20
CA GLY D 66 -13.84 47.74 -1.53
C GLY D 66 -13.66 46.24 -1.81
N GLU D 67 -13.75 45.44 -0.77
CA GLU D 67 -13.65 43.99 -0.90
C GLU D 67 -14.99 43.42 -1.35
N LEU D 68 -14.93 42.44 -2.25
CA LEU D 68 -16.12 41.76 -2.76
C LEU D 68 -16.38 40.52 -1.90
N LEU D 69 -17.47 40.54 -1.16
CA LEU D 69 -17.70 39.54 -0.12
C LEU D 69 -18.64 38.44 -0.57
N PHE D 70 -19.89 38.81 -0.92
CA PHE D 70 -20.88 37.85 -1.35
C PHE D 70 -21.60 38.37 -2.59
N PHE D 71 -22.31 37.51 -3.28
CA PHE D 71 -23.09 37.94 -4.45
C PHE D 71 -24.36 37.14 -4.53
N ARG D 72 -25.36 37.69 -5.20
CA ARG D 72 -26.61 36.98 -5.45
C ARG D 72 -27.24 37.48 -6.76
N GLN D 73 -28.24 36.75 -7.24
CA GLN D 73 -28.98 37.09 -8.46
C GLN D 73 -30.50 36.95 -8.18
N ARG D 74 -31.25 38.00 -8.48
CA ARG D 74 -32.72 38.03 -8.27
C ARG D 74 -33.10 37.65 -6.85
N GLU D 75 -32.41 38.28 -5.89
CA GLU D 75 -32.62 38.08 -4.44
C GLU D 75 -32.58 36.62 -4.03
N GLY D 76 -31.77 35.84 -4.74
CA GLY D 76 -31.56 34.46 -4.37
C GLY D 76 -30.61 34.39 -3.18
N PRO D 77 -30.20 33.16 -2.81
CA PRO D 77 -29.22 33.02 -1.75
C PRO D 77 -27.93 33.78 -2.06
N PHE D 78 -27.25 34.25 -1.00
CA PHE D 78 -25.91 34.79 -1.18
C PHE D 78 -24.92 33.67 -1.38
N TYR D 79 -23.89 33.96 -2.17
CA TYR D 79 -22.78 33.06 -2.38
C TYR D 79 -21.51 33.83 -2.06
N PRO D 80 -20.51 33.16 -1.45
CA PRO D 80 -19.24 33.83 -1.23
C PRO D 80 -18.46 33.96 -2.51
N THR D 81 -17.68 35.03 -2.64
CA THR D 81 -16.71 35.11 -3.70
C THR D 81 -15.58 34.12 -3.36
N LEU D 82 -14.91 33.65 -4.37
CA LEU D 82 -13.73 32.79 -4.19
C LEU D 82 -12.65 33.46 -3.33
N ARG D 83 -12.41 34.75 -3.55
CA ARG D 83 -11.39 35.47 -2.79
C ARG D 83 -11.68 35.45 -1.31
N LEU D 84 -12.96 35.58 -0.93
CA LEU D 84 -13.34 35.44 0.47
C LEU D 84 -13.26 34.00 0.95
N LEU D 85 -13.77 33.08 0.13
CA LEU D 85 -13.73 31.67 0.47
C LEU D 85 -12.28 31.23 0.69
N HIS D 86 -11.33 31.70 -0.12
CA HIS D 86 -9.91 31.30 0.10
C HIS D 86 -9.40 31.65 1.50
N LYS D 87 -9.90 32.75 2.07
CA LYS D 87 -9.50 33.19 3.41
C LYS D 87 -10.17 32.36 4.50
N TYR D 88 -11.40 31.93 4.24
CA TYR D 88 -12.20 31.16 5.20
C TYR D 88 -12.74 29.90 4.50
N PRO D 89 -11.83 28.98 4.12
CA PRO D 89 -12.16 27.85 3.26
C PRO D 89 -13.19 26.86 3.79
N PHE D 90 -13.50 26.95 5.07
CA PHE D 90 -14.35 26.01 5.83
CA PHE D 90 -14.41 25.92 5.62
C PHE D 90 -15.82 26.42 5.89
N ILE D 91 -16.14 27.62 5.41
CA ILE D 91 -17.51 28.10 5.46
C ILE D 91 -18.49 27.41 4.47
N LEU D 92 -17.96 26.71 3.46
CA LEU D 92 -18.77 25.84 2.60
C LEU D 92 -18.32 24.41 2.77
N PRO D 93 -19.24 23.44 2.67
CA PRO D 93 -18.82 22.06 2.42
C PRO D 93 -18.02 21.94 1.10
N HIS D 94 -17.14 20.93 1.00
CA HIS D 94 -16.27 20.72 -0.18
C HIS D 94 -16.78 19.57 -1.05
N GLN D 95 -16.54 19.65 -2.36
CA GLN D 95 -16.60 18.48 -3.25
C GLN D 95 -15.32 18.52 -4.09
N GLN D 96 -14.64 17.37 -4.21
CA GLN D 96 -13.40 17.28 -4.98
C GLN D 96 -13.69 16.61 -6.32
N VAL D 97 -13.40 17.30 -7.39
CA VAL D 97 -13.66 16.74 -8.71
CA VAL D 97 -13.65 16.81 -8.75
C VAL D 97 -12.40 16.09 -9.26
N ASP D 98 -12.61 15.10 -10.10
CA ASP D 98 -11.54 14.31 -10.63
C ASP D 98 -10.62 15.17 -11.54
N LYS D 99 -9.35 14.78 -11.63
CA LYS D 99 -8.35 15.59 -12.36
C LYS D 99 -8.68 15.78 -13.84
N GLY D 100 -9.41 14.82 -14.41
CA GLY D 100 -9.84 14.92 -15.79
C GLY D 100 -10.88 15.99 -16.04
N ALA D 101 -11.58 16.45 -14.99
CA ALA D 101 -12.66 17.42 -15.16
C ALA D 101 -12.26 18.85 -14.80
N ILE D 102 -11.09 19.04 -14.22
CA ILE D 102 -10.69 20.36 -13.70
C ILE D 102 -10.67 21.45 -14.79
N LYS D 103 -10.10 21.14 -15.96
CA LYS D 103 -10.05 22.10 -17.08
C LYS D 103 -11.43 22.64 -17.41
N PHE D 104 -12.46 21.81 -17.33
CA PHE D 104 -13.80 22.24 -17.69
C PHE D 104 -14.46 23.10 -16.63
N VAL D 105 -14.21 22.78 -15.35
CA VAL D 105 -14.64 23.62 -14.26
C VAL D 105 -14.10 25.05 -14.44
N LEU D 106 -12.85 25.13 -14.86
CA LEU D 106 -12.18 26.41 -15.13
C LEU D 106 -12.66 27.13 -16.43
N SER D 107 -13.64 26.52 -17.11
CA SER D 107 -14.33 27.13 -18.26
C SER D 107 -15.77 27.52 -17.92
N GLY D 108 -16.20 27.32 -16.68
CA GLY D 108 -17.57 27.64 -16.25
C GLY D 108 -18.56 26.51 -16.45
N ALA D 109 -18.09 25.39 -16.99
CA ALA D 109 -18.95 24.25 -17.25
C ALA D 109 -19.49 23.66 -15.95
N ASN D 110 -20.75 23.27 -15.97
CA ASN D 110 -21.31 22.55 -14.86
C ASN D 110 -20.59 21.23 -14.71
N ILE D 111 -20.71 20.62 -13.55
CA ILE D 111 -19.99 19.42 -13.22
C ILE D 111 -20.95 18.25 -13.37
N MET D 112 -20.57 17.32 -14.22
CA MET D 112 -21.38 16.13 -14.48
C MET D 112 -21.01 15.05 -13.47
N CYS D 113 -21.94 14.16 -13.21
CA CYS D 113 -21.75 13.11 -12.21
C CYS D 113 -20.46 12.26 -12.35
N PRO D 114 -20.07 11.85 -13.57
CA PRO D 114 -18.85 11.00 -13.71
C PRO D 114 -17.54 11.69 -13.29
N GLY D 115 -17.50 13.03 -13.30
CA GLY D 115 -16.37 13.78 -12.78
C GLY D 115 -16.30 13.78 -11.27
N LEU D 116 -17.38 13.33 -10.63
CA LEU D 116 -17.49 13.25 -9.19
C LEU D 116 -17.50 11.81 -8.65
N THR D 117 -17.67 10.81 -9.54
CA THR D 117 -17.68 9.38 -9.09
C THR D 117 -16.40 8.58 -9.41
N SER D 118 -15.55 9.14 -10.27
CA SER D 118 -14.33 8.47 -10.70
C SER D 118 -13.31 8.46 -9.56
N PRO D 119 -12.15 7.76 -9.75
CA PRO D 119 -11.21 7.54 -8.65
C PRO D 119 -10.60 8.78 -7.99
N GLY D 120 -10.28 9.80 -8.78
CA GLY D 120 -9.63 11.00 -8.25
C GLY D 120 -10.59 12.01 -7.64
N ALA D 121 -11.89 11.71 -7.65
CA ALA D 121 -12.88 12.56 -7.01
C ALA D 121 -13.05 12.18 -5.55
N LYS D 122 -13.55 13.11 -4.73
CA LYS D 122 -14.02 12.80 -3.38
C LYS D 122 -15.37 13.51 -3.19
N LEU D 123 -16.38 12.70 -2.93
CA LEU D 123 -17.76 13.17 -2.83
C LEU D 123 -18.19 13.20 -1.35
N TYR D 124 -18.57 14.39 -0.84
CA TYR D 124 -19.02 14.57 0.57
C TYR D 124 -20.55 14.73 0.62
N PRO D 125 -21.20 14.29 1.72
CA PRO D 125 -22.67 14.37 1.75
C PRO D 125 -23.19 15.81 1.65
N ALA D 126 -24.24 16.02 0.84
CA ALA D 126 -24.71 17.37 0.54
C ALA D 126 -26.03 17.32 -0.22
N ALA D 127 -27.05 18.01 0.30
CA ALA D 127 -28.39 17.97 -0.31
C ALA D 127 -28.46 18.89 -1.50
N VAL D 128 -29.45 18.69 -2.35
CA VAL D 128 -29.70 19.62 -3.47
C VAL D 128 -29.84 21.03 -2.89
N ASP D 129 -29.32 22.01 -3.63
CA ASP D 129 -29.26 23.42 -3.23
C ASP D 129 -28.19 23.79 -2.20
N THR D 130 -27.38 22.83 -1.73
CA THR D 130 -26.23 23.15 -0.89
C THR D 130 -25.15 23.87 -1.70
N ILE D 131 -24.68 25.00 -1.17
CA ILE D 131 -23.60 25.73 -1.80
C ILE D 131 -22.27 25.11 -1.36
N VAL D 132 -21.42 24.79 -2.33
CA VAL D 132 -20.22 24.00 -2.11
C VAL D 132 -18.98 24.60 -2.78
N ALA D 133 -17.82 24.32 -2.17
CA ALA D 133 -16.52 24.68 -2.71
C ALA D 133 -16.02 23.52 -3.54
N ILE D 134 -15.66 23.80 -4.79
CA ILE D 134 -15.17 22.77 -5.69
C ILE D 134 -13.64 22.78 -5.65
N MET D 135 -13.06 21.64 -5.25
CA MET D 135 -11.61 21.49 -5.02
C MET D 135 -10.94 20.54 -6.01
N ALA D 136 -9.65 20.79 -6.28
CA ALA D 136 -8.74 19.85 -6.97
C ALA D 136 -7.91 19.11 -5.92
N ALA D 137 -7.59 17.86 -6.19
CA ALA D 137 -6.75 17.08 -5.25
C ALA D 137 -5.44 17.82 -4.99
N GLY D 138 -5.08 17.96 -3.72
CA GLY D 138 -3.75 18.48 -3.34
C GLY D 138 -3.61 20.00 -3.20
N ALA D 139 -4.63 20.76 -3.62
CA ALA D 139 -4.59 22.23 -3.57
C ALA D 139 -5.64 22.69 -2.59
N ALA D 140 -5.26 23.61 -1.70
CA ALA D 140 -6.18 24.04 -0.62
C ALA D 140 -7.14 25.15 -1.05
N HIS D 141 -6.96 25.71 -2.26
CA HIS D 141 -7.81 26.79 -2.71
C HIS D 141 -8.91 26.28 -3.64
N ALA D 142 -10.17 26.61 -3.33
CA ALA D 142 -11.29 26.24 -4.19
C ALA D 142 -11.12 26.88 -5.59
N LEU D 143 -11.50 26.14 -6.62
CA LEU D 143 -11.41 26.64 -7.99
C LEU D 143 -12.77 27.14 -8.48
N CYS D 144 -13.81 26.78 -7.73
CA CYS D 144 -15.16 27.11 -8.13
C CYS D 144 -16.11 27.09 -6.92
N VAL D 145 -17.12 27.97 -6.94
CA VAL D 145 -18.26 27.89 -6.05
C VAL D 145 -19.42 27.28 -6.82
N GLY D 146 -19.98 26.23 -6.28
CA GLY D 146 -21.08 25.56 -6.92
C GLY D 146 -22.30 25.41 -6.06
N VAL D 147 -23.38 24.97 -6.71
CA VAL D 147 -24.59 24.60 -6.00
CA VAL D 147 -24.64 24.63 -6.05
C VAL D 147 -25.04 23.21 -6.48
N MET D 148 -25.28 22.32 -5.50
CA MET D 148 -25.74 20.95 -5.78
C MET D 148 -27.08 20.96 -6.55
N LYS D 149 -27.10 20.31 -7.71
CA LYS D 149 -28.33 20.19 -8.52
C LYS D 149 -28.98 18.83 -8.32
N MET D 150 -28.15 17.86 -7.94
CA MET D 150 -28.58 16.57 -7.45
C MET D 150 -27.88 16.43 -6.12
N SER D 151 -28.41 15.62 -5.20
CA SER D 151 -27.69 15.35 -3.94
C SER D 151 -26.45 14.49 -4.18
N ALA D 152 -25.55 14.46 -3.20
CA ALA D 152 -24.31 13.70 -3.32
C ALA D 152 -24.66 12.22 -3.49
N GLU D 153 -25.68 11.78 -2.77
CA GLU D 153 -26.16 10.39 -2.89
C GLU D 153 -26.70 10.12 -4.27
N ASP D 154 -27.54 11.00 -4.79
CA ASP D 154 -28.05 10.86 -6.15
C ASP D 154 -26.88 10.80 -7.16
N ILE D 155 -25.91 11.69 -7.02
CA ILE D 155 -24.74 11.73 -7.91
C ILE D 155 -24.00 10.39 -7.95
N GLU D 156 -23.62 9.87 -6.80
CA GLU D 156 -23.02 8.54 -6.67
C GLU D 156 -23.91 7.39 -7.24
N LYS D 157 -25.20 7.38 -6.88
CA LYS D 157 -26.06 6.24 -7.21
C LYS D 157 -26.73 6.32 -8.58
N VAL D 158 -27.04 7.52 -9.08
CA VAL D 158 -27.66 7.67 -10.41
C VAL D 158 -26.56 7.82 -11.48
N ASN D 159 -25.52 8.59 -11.16
CA ASN D 159 -24.33 8.74 -12.02
C ASN D 159 -24.71 9.17 -13.44
N LYS D 160 -25.66 10.09 -13.53
CA LYS D 160 -26.07 10.64 -14.81
C LYS D 160 -26.69 12.04 -14.61
N GLY D 161 -26.43 12.92 -15.56
CA GLY D 161 -26.99 14.27 -15.55
C GLY D 161 -26.06 15.27 -14.90
N ILE D 162 -26.49 16.52 -14.82
CA ILE D 162 -25.68 17.59 -14.25
C ILE D 162 -25.74 17.47 -12.75
N GLY D 163 -24.59 17.27 -12.10
CA GLY D 163 -24.52 17.12 -10.65
C GLY D 163 -24.44 18.44 -9.86
N ILE D 164 -23.59 19.34 -10.32
CA ILE D 164 -23.32 20.61 -9.59
C ILE D 164 -23.32 21.72 -10.58
N GLU D 165 -24.04 22.79 -10.25
CA GLU D 165 -24.05 23.95 -11.09
C GLU D 165 -22.87 24.80 -10.72
N ASN D 166 -22.11 25.19 -11.72
CA ASN D 166 -20.95 26.07 -11.56
C ASN D 166 -21.44 27.52 -11.59
N ILE D 167 -21.27 28.24 -10.47
CA ILE D 167 -21.80 29.62 -10.30
C ILE D 167 -20.71 30.69 -10.48
N HIS D 168 -19.49 30.37 -10.03
CA HIS D 168 -18.38 31.33 -9.96
C HIS D 168 -17.09 30.51 -9.94
N TYR D 169 -16.13 30.87 -10.77
CA TYR D 169 -14.89 30.09 -10.90
C TYR D 169 -13.65 30.97 -11.00
N LEU D 170 -12.49 30.39 -10.69
CA LEU D 170 -11.22 31.11 -10.77
C LEU D 170 -11.04 31.75 -12.14
N ASN D 171 -10.69 33.04 -12.16
CA ASN D 171 -10.41 33.79 -13.40
C ASN D 171 -11.65 34.05 -14.24
N ASP D 172 -12.85 33.92 -13.67
CA ASP D 172 -14.04 34.48 -14.33
C ASP D 172 -14.04 36.02 -14.11
N GLY D 173 -15.05 36.71 -14.63
CA GLY D 173 -15.13 38.15 -14.53
C GLY D 173 -15.21 38.75 -13.14
N LEU D 174 -15.84 38.03 -12.20
CA LEU D 174 -15.92 38.47 -10.82
C LEU D 174 -14.53 38.31 -10.16
N TRP D 175 -13.86 37.20 -10.45
CA TRP D 175 -12.48 37.03 -10.01
C TRP D 175 -11.60 38.20 -10.48
N HIS D 176 -11.69 38.52 -11.78
CA HIS D 176 -10.89 39.58 -12.37
C HIS D 176 -11.27 40.95 -11.85
N MET D 177 -12.55 41.20 -11.60
CA MET D 177 -12.98 42.47 -11.01
C MET D 177 -12.20 42.77 -9.71
N LYS D 178 -12.24 41.83 -8.77
CA LYS D 178 -11.33 41.78 -7.60
C LYS D 178 -11.68 42.73 -6.46
N THR D 179 -11.94 43.99 -6.81
CA THR D 179 -12.31 45.01 -5.85
C THR D 179 -13.37 45.93 -6.45
N TYR D 180 -13.95 46.76 -5.59
CA TYR D 180 -14.79 47.86 -6.03
C TYR D 180 -14.28 49.18 -5.43
N MET E 1 -20.76 -0.62 -35.29
CA MET E 1 -21.59 -0.02 -36.40
C MET E 1 -20.77 0.38 -37.65
N PHE E 2 -19.46 0.52 -37.50
CA PHE E 2 -18.60 1.03 -38.57
C PHE E 2 -17.35 0.19 -38.85
N LYS E 3 -17.32 -1.06 -38.38
CA LYS E 3 -16.15 -1.92 -38.57
C LYS E 3 -15.80 -2.05 -40.06
N LYS E 4 -16.82 -2.23 -40.90
CA LYS E 4 -16.61 -2.39 -42.35
C LYS E 4 -16.96 -1.13 -43.15
N PHE E 5 -17.30 -0.04 -42.46
CA PHE E 5 -17.61 1.21 -43.14
C PHE E 5 -16.41 1.81 -43.86
N ASP E 6 -16.65 2.25 -45.10
CA ASP E 6 -15.65 2.93 -45.93
C ASP E 6 -16.33 4.14 -46.56
N GLU E 7 -15.84 5.34 -46.25
CA GLU E 7 -16.44 6.60 -46.71
C GLU E 7 -16.58 6.66 -48.22
N LYS E 8 -15.58 6.08 -48.90
CA LYS E 8 -15.54 6.06 -50.36
C LYS E 8 -16.59 5.13 -50.98
N GLU E 9 -17.08 4.17 -50.21
CA GLU E 9 -18.07 3.22 -50.72
C GLU E 9 -19.49 3.43 -50.15
N ASN E 10 -19.59 3.62 -48.83
CA ASN E 10 -20.88 3.53 -48.12
C ASN E 10 -21.56 4.87 -47.79
N VAL E 11 -21.12 5.97 -48.41
CA VAL E 11 -21.82 7.24 -48.34
C VAL E 11 -22.72 7.38 -49.58
N SER E 12 -24.03 7.54 -49.37
CA SER E 12 -25.00 7.71 -50.46
C SER E 12 -25.13 9.16 -50.90
N ASN E 13 -25.53 10.00 -49.94
CA ASN E 13 -26.04 11.33 -50.23
C ASN E 13 -25.73 12.27 -49.07
N CYS E 14 -25.69 13.56 -49.35
CA CYS E 14 -25.60 14.57 -48.28
C CYS E 14 -26.75 15.58 -48.41
N ILE E 15 -27.39 15.89 -47.28
CA ILE E 15 -28.51 16.85 -47.23
C ILE E 15 -28.18 18.03 -46.33
N GLN E 16 -28.50 19.25 -46.78
CA GLN E 16 -28.46 20.40 -45.88
C GLN E 16 -29.82 20.52 -45.22
N LEU E 17 -29.81 20.75 -43.91
CA LEU E 17 -31.02 20.70 -43.10
C LEU E 17 -31.66 22.08 -42.99
N LYS E 18 -32.99 22.10 -42.87
CA LYS E 18 -33.75 23.33 -42.68
C LYS E 18 -33.80 23.73 -41.21
N THR E 19 -33.95 25.03 -40.97
CA THR E 19 -33.94 25.62 -39.61
C THR E 19 -34.70 24.83 -38.56
N SER E 20 -35.92 24.41 -38.88
CA SER E 20 -36.78 23.72 -37.91
C SER E 20 -36.24 22.32 -37.60
N VAL E 21 -35.70 21.64 -38.61
CA VAL E 21 -35.10 20.32 -38.41
C VAL E 21 -33.86 20.44 -37.52
N ILE E 22 -33.08 21.50 -37.74
CA ILE E 22 -31.90 21.79 -36.92
C ILE E 22 -32.29 22.03 -35.44
N LYS E 23 -33.30 22.89 -35.21
CA LYS E 23 -33.75 23.16 -33.84
CA LYS E 23 -33.76 23.17 -33.84
C LYS E 23 -34.17 21.88 -33.14
N GLY E 24 -34.84 20.98 -33.87
CA GLY E 24 -35.30 19.69 -33.34
C GLY E 24 -34.16 18.73 -32.98
N ILE E 25 -33.12 18.70 -33.79
CA ILE E 25 -31.95 17.86 -33.51
C ILE E 25 -31.21 18.40 -32.29
N LYS E 26 -31.06 19.72 -32.20
CA LYS E 26 -30.36 20.32 -31.06
C LYS E 26 -31.13 20.03 -29.80
N ASN E 27 -32.47 20.09 -29.87
CA ASN E 27 -33.31 19.76 -28.74
C ASN E 27 -33.16 18.30 -28.32
N GLN E 28 -33.07 17.38 -29.28
CA GLN E 28 -32.82 15.96 -28.97
C GLN E 28 -31.42 15.74 -28.36
N LEU E 29 -30.41 16.43 -28.88
CA LEU E 29 -29.04 16.33 -28.34
C LEU E 29 -28.97 16.81 -26.89
N ILE E 30 -29.66 17.92 -26.59
CA ILE E 30 -29.68 18.49 -25.24
C ILE E 30 -30.43 17.57 -24.30
N GLU E 31 -31.47 16.92 -24.80
CA GLU E 31 -32.21 15.93 -24.02
C GLU E 31 -31.33 14.72 -23.69
N GLN E 32 -30.63 14.20 -24.69
CA GLN E 32 -29.77 13.01 -24.49
C GLN E 32 -28.54 13.33 -23.62
N PHE E 33 -27.92 14.48 -23.90
CA PHE E 33 -26.62 14.86 -23.37
C PHE E 33 -26.66 16.30 -22.86
N PRO E 34 -27.33 16.52 -21.73
CA PRO E 34 -27.49 17.89 -21.17
C PRO E 34 -26.17 18.63 -20.92
N GLY E 35 -25.09 17.89 -20.69
CA GLY E 35 -23.77 18.50 -20.54
C GLY E 35 -23.18 19.12 -21.80
N ILE E 36 -23.82 18.91 -22.97
CA ILE E 36 -23.34 19.52 -24.21
C ILE E 36 -23.91 20.95 -24.45
N GLU E 37 -24.95 21.30 -23.70
CA GLU E 37 -25.75 22.50 -23.98
C GLU E 37 -24.93 23.79 -24.14
N PRO E 38 -24.07 24.11 -23.15
CA PRO E 38 -23.27 25.34 -23.28
C PRO E 38 -22.10 25.26 -24.29
N TRP E 39 -22.00 24.13 -24.99
CA TRP E 39 -20.96 23.94 -26.00
C TRP E 39 -21.51 23.86 -27.41
N LEU E 40 -22.83 23.72 -27.54
CA LEU E 40 -23.49 23.59 -28.86
C LEU E 40 -23.22 24.77 -29.79
N ASN E 41 -23.14 25.96 -29.20
CA ASN E 41 -22.86 27.16 -29.98
C ASN E 41 -21.49 27.11 -30.64
N GLN E 42 -20.55 26.42 -30.01
CA GLN E 42 -19.20 26.25 -30.57
C GLN E 42 -19.18 25.15 -31.63
N ILE E 43 -19.79 24.01 -31.32
CA ILE E 43 -19.75 22.87 -32.25
C ILE E 43 -20.76 22.99 -33.39
N MET E 44 -21.87 23.68 -33.14
CA MET E 44 -22.89 23.96 -34.16
C MET E 44 -23.25 25.45 -34.17
N PRO E 45 -22.31 26.31 -34.60
CA PRO E 45 -22.60 27.75 -34.66
C PRO E 45 -23.85 28.03 -35.48
N LYS E 46 -24.74 28.88 -34.95
CA LYS E 46 -26.04 29.11 -35.59
C LYS E 46 -25.88 29.63 -37.03
N LYS E 47 -24.80 30.38 -37.26
CA LYS E 47 -24.51 30.97 -38.55
C LYS E 47 -23.96 29.98 -39.61
N ASP E 48 -23.64 28.74 -39.22
CA ASP E 48 -23.01 27.77 -40.13
C ASP E 48 -23.96 26.66 -40.60
N PRO E 49 -23.81 26.19 -41.85
CA PRO E 49 -24.68 25.14 -42.37
C PRO E 49 -24.61 23.85 -41.56
N VAL E 50 -25.75 23.22 -41.35
CA VAL E 50 -25.80 21.91 -40.70
C VAL E 50 -26.19 20.89 -41.75
N LYS E 51 -25.43 19.81 -41.88
CA LYS E 51 -25.67 18.81 -42.93
C LYS E 51 -25.80 17.41 -42.33
N ILE E 52 -26.44 16.51 -43.06
CA ILE E 52 -26.50 15.10 -42.69
C ILE E 52 -25.99 14.24 -43.84
N VAL E 53 -24.97 13.42 -43.55
CA VAL E 53 -24.42 12.49 -44.50
C VAL E 53 -25.22 11.20 -44.39
N ARG E 54 -25.93 10.84 -45.46
CA ARG E 54 -26.72 9.60 -45.51
C ARG E 54 -25.83 8.46 -45.97
N CYS E 55 -25.82 7.38 -45.18
CA CYS E 55 -24.92 6.27 -45.42
C CYS E 55 -25.71 4.99 -45.54
N HIS E 56 -25.02 3.92 -45.93
CA HIS E 56 -25.64 2.61 -46.06
CA HIS E 56 -25.60 2.58 -46.04
C HIS E 56 -26.17 2.14 -44.70
N GLU E 57 -27.03 1.12 -44.73
CA GLU E 57 -27.62 0.54 -43.53
C GLU E 57 -28.39 1.57 -42.65
N HIS E 58 -28.98 2.58 -43.29
CA HIS E 58 -29.80 3.62 -42.63
C HIS E 58 -29.02 4.48 -41.62
N ILE E 59 -27.73 4.64 -41.88
CA ILE E 59 -26.89 5.40 -40.99
C ILE E 59 -26.84 6.85 -41.43
N GLU E 60 -26.93 7.76 -40.47
CA GLU E 60 -26.80 9.19 -40.70
C GLU E 60 -25.72 9.79 -39.79
N ILE E 61 -24.87 10.64 -40.36
CA ILE E 61 -23.84 11.36 -39.62
C ILE E 61 -24.11 12.87 -39.69
N LEU E 62 -24.26 13.49 -38.52
CA LEU E 62 -24.51 14.93 -38.41
C LEU E 62 -23.16 15.66 -38.48
N THR E 63 -23.07 16.65 -39.38
CA THR E 63 -21.81 17.35 -39.62
CA THR E 63 -21.81 17.34 -39.67
C THR E 63 -21.98 18.86 -39.77
N VAL E 64 -21.00 19.58 -39.22
CA VAL E 64 -20.91 21.04 -39.32
C VAL E 64 -19.46 21.42 -39.54
N ASN E 65 -19.22 22.25 -40.54
CA ASN E 65 -17.89 22.67 -40.90
C ASN E 65 -16.93 21.51 -41.16
N GLY E 66 -17.45 20.44 -41.74
CA GLY E 66 -16.66 19.27 -42.07
C GLY E 66 -16.45 18.28 -40.92
N GLU E 67 -16.74 18.71 -39.70
CA GLU E 67 -16.53 17.89 -38.49
C GLU E 67 -17.67 16.94 -38.29
N LEU E 68 -17.35 15.69 -37.95
CA LEU E 68 -18.34 14.64 -37.72
C LEU E 68 -18.75 14.64 -36.25
N LEU E 69 -20.00 15.00 -35.96
CA LEU E 69 -20.41 15.30 -34.59
C LEU E 69 -21.07 14.14 -33.88
N PHE E 70 -22.20 13.69 -34.43
CA PHE E 70 -23.02 12.61 -33.88
C PHE E 70 -23.46 11.73 -35.02
N PHE E 71 -23.86 10.50 -34.71
CA PHE E 71 -24.44 9.60 -35.72
C PHE E 71 -25.65 8.86 -35.14
N ARG E 72 -26.49 8.34 -36.00
CA ARG E 72 -27.63 7.52 -35.59
C ARG E 72 -27.96 6.52 -36.67
N GLN E 73 -28.77 5.54 -36.33
CA GLN E 73 -29.19 4.49 -37.26
C GLN E 73 -30.71 4.36 -37.23
N ARG E 74 -31.32 4.25 -38.41
N ARG E 74 -31.35 4.37 -38.40
CA ARG E 74 -32.75 4.41 -38.59
CA ARG E 74 -32.81 4.32 -38.52
C ARG E 74 -33.11 5.79 -38.07
C ARG E 74 -33.51 5.29 -37.54
N GLU E 75 -34.10 5.85 -37.20
N GLU E 75 -33.14 6.57 -37.61
CA GLU E 75 -34.46 7.12 -36.61
CA GLU E 75 -33.74 7.61 -36.77
C GLU E 75 -33.95 7.23 -35.18
C GLU E 75 -33.93 7.16 -35.30
N GLY E 76 -32.96 6.40 -34.80
CA GLY E 76 -32.74 6.15 -33.38
C GLY E 76 -31.99 7.27 -32.69
N PRO E 77 -31.52 7.00 -31.46
CA PRO E 77 -30.76 7.96 -30.68
C PRO E 77 -29.51 8.40 -31.40
N PHE E 78 -29.08 9.63 -31.15
CA PHE E 78 -27.76 10.06 -31.59
C PHE E 78 -26.66 9.52 -30.65
N TYR E 79 -25.50 9.25 -31.23
CA TYR E 79 -24.32 8.88 -30.49
C TYR E 79 -23.22 9.84 -30.89
N PRO E 80 -22.39 10.28 -29.94
CA PRO E 80 -21.28 11.13 -30.32
C PRO E 80 -20.19 10.35 -31.02
N THR E 81 -19.50 11.00 -31.97
CA THR E 81 -18.29 10.43 -32.50
C THR E 81 -17.23 10.45 -31.39
N LEU E 82 -16.22 9.59 -31.51
CA LEU E 82 -15.11 9.59 -30.56
C LEU E 82 -14.26 10.87 -30.60
N ARG E 83 -14.05 11.42 -31.80
CA ARG E 83 -13.32 12.67 -31.91
C ARG E 83 -14.04 13.79 -31.15
N LEU E 84 -15.38 13.78 -31.15
CA LEU E 84 -16.14 14.77 -30.41
C LEU E 84 -15.99 14.51 -28.91
N LEU E 85 -16.26 13.27 -28.51
CA LEU E 85 -16.11 12.84 -27.12
C LEU E 85 -14.72 13.18 -26.55
N HIS E 86 -13.67 13.05 -27.35
CA HIS E 86 -12.33 13.35 -26.85
C HIS E 86 -12.19 14.84 -26.46
N LYS E 87 -12.91 15.72 -27.16
CA LYS E 87 -12.91 17.17 -26.84
C LYS E 87 -13.82 17.50 -25.66
N TYR E 88 -14.90 16.73 -25.52
CA TYR E 88 -15.89 16.96 -24.46
C TYR E 88 -16.25 15.62 -23.75
N PRO E 89 -15.30 15.05 -22.99
CA PRO E 89 -15.49 13.69 -22.46
C PRO E 89 -16.61 13.57 -21.42
N PHE E 90 -17.00 14.69 -20.81
CA PHE E 90 -18.04 14.72 -19.77
C PHE E 90 -19.47 14.46 -20.25
N ILE E 91 -19.70 14.40 -21.56
CA ILE E 91 -21.07 14.32 -22.03
C ILE E 91 -21.68 12.92 -21.87
N LEU E 92 -20.84 11.90 -21.62
CA LEU E 92 -21.33 10.54 -21.33
C LEU E 92 -20.82 10.05 -19.98
N PRO E 93 -21.58 9.17 -19.30
CA PRO E 93 -20.92 8.42 -18.21
C PRO E 93 -19.85 7.48 -18.79
N HIS E 94 -18.87 7.07 -17.97
CA HIS E 94 -17.76 6.21 -18.40
CA HIS E 94 -17.85 6.15 -18.49
C HIS E 94 -17.83 4.81 -17.76
N GLN E 95 -17.26 3.82 -18.43
CA GLN E 95 -17.00 2.53 -17.84
C GLN E 95 -15.55 2.19 -18.22
N GLN E 96 -14.78 1.65 -17.27
CA GLN E 96 -13.40 1.24 -17.53
C GLN E 96 -13.29 -0.28 -17.65
N VAL E 97 -12.87 -0.74 -18.82
CA VAL E 97 -12.72 -2.19 -19.04
CA VAL E 97 -12.73 -2.17 -19.08
C VAL E 97 -11.30 -2.64 -18.70
N ASP E 98 -11.18 -3.91 -18.35
CA ASP E 98 -9.92 -4.54 -17.96
C ASP E 98 -8.95 -4.60 -19.12
N LYS E 99 -7.66 -4.62 -18.82
CA LYS E 99 -6.62 -4.62 -19.86
C LYS E 99 -6.70 -5.78 -20.87
N GLY E 100 -7.22 -6.94 -20.43
CA GLY E 100 -7.36 -8.11 -21.31
C GLY E 100 -8.32 -7.90 -22.46
N ALA E 101 -9.26 -6.98 -22.29
CA ALA E 101 -10.33 -6.76 -23.28
C ALA E 101 -10.02 -5.73 -24.35
N ILE E 102 -9.00 -4.90 -24.13
CA ILE E 102 -8.80 -3.71 -24.96
C ILE E 102 -8.52 -4.00 -26.44
N LYS E 103 -7.63 -4.97 -26.74
CA LYS E 103 -7.36 -5.37 -28.12
C LYS E 103 -8.65 -5.75 -28.84
N PHE E 104 -9.55 -6.41 -28.13
CA PHE E 104 -10.79 -6.85 -28.74
C PHE E 104 -11.82 -5.74 -28.89
N VAL E 105 -11.89 -4.84 -27.92
CA VAL E 105 -12.68 -3.63 -28.04
C VAL E 105 -12.24 -2.85 -29.28
N LEU E 106 -10.93 -2.75 -29.52
CA LEU E 106 -10.41 -2.10 -30.72
C LEU E 106 -10.52 -2.95 -32.01
N SER E 107 -11.22 -4.09 -31.91
CA SER E 107 -11.59 -4.92 -33.05
C SER E 107 -13.11 -4.98 -33.24
N GLY E 108 -13.84 -4.17 -32.47
CA GLY E 108 -15.29 -4.08 -32.55
C GLY E 108 -16.04 -5.06 -31.67
N ALA E 109 -15.31 -5.82 -30.84
CA ALA E 109 -15.95 -6.76 -29.94
C ALA E 109 -16.79 -6.03 -28.89
N ASN E 110 -17.94 -6.62 -28.56
CA ASN E 110 -18.73 -6.16 -27.44
C ASN E 110 -18.02 -6.42 -26.10
N ILE E 111 -18.41 -5.70 -25.06
CA ILE E 111 -17.78 -5.80 -23.77
C ILE E 111 -18.55 -6.82 -22.94
N MET E 112 -17.89 -7.92 -22.60
CA MET E 112 -18.55 -8.98 -21.88
C MET E 112 -18.43 -8.65 -20.42
N CYS E 113 -19.37 -9.14 -19.60
CA CYS E 113 -19.35 -8.81 -18.16
C CYS E 113 -18.02 -9.07 -17.44
N PRO E 114 -17.36 -10.23 -17.70
CA PRO E 114 -16.07 -10.49 -17.01
C PRO E 114 -14.97 -9.46 -17.28
N GLY E 115 -15.05 -8.76 -18.40
CA GLY E 115 -14.19 -7.64 -18.69
C GLY E 115 -14.44 -6.39 -17.85
N LEU E 116 -15.56 -6.37 -17.12
CA LEU E 116 -15.92 -5.24 -16.26
C LEU E 116 -15.91 -5.56 -14.75
N THR E 117 -15.71 -6.83 -14.40
CA THR E 117 -15.77 -7.25 -13.01
C THR E 117 -14.38 -7.58 -12.41
N SER E 118 -13.36 -7.63 -13.25
CA SER E 118 -12.01 -7.96 -12.79
C SER E 118 -11.34 -6.74 -12.15
N PRO E 119 -10.23 -6.92 -11.40
CA PRO E 119 -9.68 -5.80 -10.65
C PRO E 119 -9.20 -4.60 -11.47
N GLY E 120 -8.79 -4.82 -12.71
CA GLY E 120 -8.39 -3.72 -13.59
C GLY E 120 -9.53 -2.92 -14.19
N ALA E 121 -10.76 -3.41 -14.04
CA ALA E 121 -11.94 -2.71 -14.51
C ALA E 121 -12.47 -1.74 -13.45
N LYS E 122 -13.22 -0.74 -13.90
CA LYS E 122 -14.00 0.10 -12.99
C LYS E 122 -15.40 0.27 -13.53
N LEU E 123 -16.37 -0.23 -12.76
CA LEU E 123 -17.75 -0.30 -13.17
C LEU E 123 -18.59 0.72 -12.37
N TYR E 124 -19.31 1.59 -13.06
CA TYR E 124 -20.13 2.64 -12.44
C TYR E 124 -21.62 2.47 -12.76
N PRO E 125 -22.48 3.07 -11.93
CA PRO E 125 -23.89 2.91 -12.19
C PRO E 125 -24.30 3.41 -13.58
N ALA E 126 -25.13 2.62 -14.24
CA ALA E 126 -25.62 2.95 -15.57
C ALA E 126 -26.72 1.98 -15.92
N ALA E 127 -27.86 2.54 -16.30
CA ALA E 127 -29.03 1.81 -16.66
C ALA E 127 -28.91 1.21 -18.05
N VAL E 128 -29.68 0.16 -18.31
CA VAL E 128 -29.80 -0.39 -19.65
C VAL E 128 -30.21 0.71 -20.67
N ASP E 129 -29.54 0.66 -21.84
CA ASP E 129 -29.67 1.60 -22.96
C ASP E 129 -28.94 2.94 -22.75
N THR E 130 -28.24 3.11 -21.64
CA THR E 130 -27.42 4.29 -21.45
C THR E 130 -26.20 4.25 -22.37
N ILE E 131 -25.95 5.36 -23.07
CA ILE E 131 -24.80 5.49 -23.96
C ILE E 131 -23.62 5.87 -23.10
N VAL E 132 -22.53 5.11 -23.20
CA VAL E 132 -21.37 5.29 -22.33
C VAL E 132 -20.05 5.36 -23.11
N ALA E 133 -19.06 6.00 -22.51
CA ALA E 133 -17.67 6.01 -22.99
C ALA E 133 -16.91 4.85 -22.39
N ILE E 134 -16.21 4.08 -23.22
CA ILE E 134 -15.40 2.99 -22.74
C ILE E 134 -13.95 3.41 -22.66
N MET E 135 -13.39 3.29 -21.46
CA MET E 135 -12.03 3.72 -21.12
C MET E 135 -11.19 2.52 -20.75
N ALA E 136 -9.87 2.66 -20.92
CA ALA E 136 -8.86 1.75 -20.38
C ALA E 136 -8.13 2.47 -19.25
N ALA E 137 -7.56 1.69 -18.34
CA ALA E 137 -6.85 2.27 -17.19
C ALA E 137 -5.66 3.10 -17.69
N GLY E 138 -4.72 2.41 -18.31
CA GLY E 138 -3.47 3.01 -18.78
C GLY E 138 -3.61 3.52 -20.20
N ALA E 139 -4.63 4.37 -20.39
CA ALA E 139 -4.90 5.07 -21.64
C ALA E 139 -5.96 6.16 -21.29
N ALA E 140 -5.67 7.41 -21.61
CA ALA E 140 -6.41 8.58 -21.06
C ALA E 140 -7.67 9.06 -21.83
N HIS E 141 -7.89 8.55 -23.06
CA HIS E 141 -9.01 8.96 -23.93
C HIS E 141 -9.96 7.77 -24.16
N ALA E 142 -11.23 8.03 -24.46
CA ALA E 142 -12.20 6.92 -24.72
C ALA E 142 -11.79 6.11 -25.95
N LEU E 143 -11.88 4.80 -25.85
CA LEU E 143 -11.51 3.93 -26.97
C LEU E 143 -12.73 3.46 -27.76
N CYS E 144 -13.91 3.61 -27.18
CA CYS E 144 -15.11 3.10 -27.76
C CYS E 144 -16.34 3.82 -27.20
N VAL E 145 -17.35 3.96 -28.03
CA VAL E 145 -18.68 4.39 -27.57
C VAL E 145 -19.56 3.14 -27.51
N GLY E 146 -20.20 2.94 -26.37
CA GLY E 146 -21.03 1.78 -26.17
C GLY E 146 -22.41 2.08 -25.65
N VAL E 147 -23.24 1.05 -25.61
CA VAL E 147 -24.56 1.15 -24.98
CA VAL E 147 -24.61 1.11 -25.06
C VAL E 147 -24.76 0.00 -24.03
N MET E 148 -25.12 0.33 -22.80
CA MET E 148 -25.38 -0.70 -21.76
C MET E 148 -26.45 -1.68 -22.24
N LYS E 149 -26.12 -2.97 -22.26
CA LYS E 149 -27.11 -4.02 -22.56
C LYS E 149 -27.64 -4.70 -21.29
N MET E 150 -26.88 -4.60 -20.22
CA MET E 150 -27.30 -4.96 -18.87
C MET E 150 -26.99 -3.78 -17.95
N SER E 151 -27.72 -3.62 -16.86
CA SER E 151 -27.36 -2.55 -15.92
C SER E 151 -26.02 -2.87 -15.31
N ALA E 152 -25.31 -1.83 -14.87
CA ALA E 152 -24.04 -2.02 -14.16
C ALA E 152 -24.23 -2.92 -12.96
N GLU E 153 -25.38 -2.76 -12.29
CA GLU E 153 -25.71 -3.59 -11.13
C GLU E 153 -25.72 -5.07 -11.52
N ASP E 154 -26.41 -5.38 -12.61
CA ASP E 154 -26.52 -6.77 -13.09
C ASP E 154 -25.24 -7.32 -13.73
N ILE E 155 -24.46 -6.46 -14.40
CA ILE E 155 -23.13 -6.89 -14.86
C ILE E 155 -22.31 -7.45 -13.69
N GLU E 156 -22.31 -6.75 -12.56
CA GLU E 156 -21.52 -7.14 -11.40
C GLU E 156 -22.06 -8.41 -10.74
N LYS E 157 -23.38 -8.52 -10.64
CA LYS E 157 -24.05 -9.66 -9.97
C LYS E 157 -24.03 -10.95 -10.80
N VAL E 158 -24.27 -10.83 -12.10
CA VAL E 158 -24.41 -11.96 -13.00
C VAL E 158 -23.06 -12.38 -13.58
N ASN E 159 -22.26 -11.42 -14.00
CA ASN E 159 -20.92 -11.70 -14.53
C ASN E 159 -20.92 -12.70 -15.72
N LYS E 160 -21.89 -12.58 -16.60
CA LYS E 160 -22.00 -13.42 -17.78
C LYS E 160 -22.82 -12.70 -18.85
N GLY E 161 -22.37 -12.82 -20.10
CA GLY E 161 -23.06 -12.25 -21.22
C GLY E 161 -22.53 -10.88 -21.64
N ILE E 162 -23.18 -10.32 -22.64
CA ILE E 162 -22.80 -9.02 -23.19
C ILE E 162 -23.27 -7.92 -22.24
N GLY E 163 -22.32 -7.21 -21.67
CA GLY E 163 -22.60 -6.11 -20.75
C GLY E 163 -22.86 -4.81 -21.47
N ILE E 164 -22.03 -4.51 -22.48
CA ILE E 164 -22.08 -3.27 -23.22
C ILE E 164 -21.85 -3.56 -24.70
N GLU E 165 -22.76 -3.09 -25.56
CA GLU E 165 -22.60 -3.20 -27.00
C GLU E 165 -21.63 -2.15 -27.49
N ASN E 166 -20.62 -2.59 -28.25
CA ASN E 166 -19.63 -1.72 -28.89
C ASN E 166 -20.19 -1.16 -30.22
N ILE E 167 -20.47 0.14 -30.26
CA ILE E 167 -21.10 0.83 -31.40
CA ILE E 167 -21.04 0.68 -31.49
C ILE E 167 -20.07 1.51 -32.34
N HIS E 168 -18.99 2.02 -31.75
CA HIS E 168 -18.03 2.85 -32.50
C HIS E 168 -16.73 2.80 -31.73
N TYR E 169 -15.62 2.55 -32.41
CA TYR E 169 -14.33 2.40 -31.72
C TYR E 169 -13.18 3.06 -32.44
N LEU E 170 -12.11 3.33 -31.70
CA LEU E 170 -10.94 4.01 -32.26
C LEU E 170 -10.43 3.24 -33.50
N ASN E 171 -10.24 3.94 -34.61
N ASN E 171 -10.26 3.99 -34.59
CA ASN E 171 -9.74 3.38 -35.89
CA ASN E 171 -9.80 3.50 -35.92
C ASN E 171 -10.71 2.50 -36.67
C ASN E 171 -10.70 2.45 -36.59
N ASP E 172 -12.01 2.55 -36.32
CA ASP E 172 -13.02 1.94 -37.18
C ASP E 172 -13.25 2.86 -38.40
N GLY E 173 -14.17 2.49 -39.28
CA GLY E 173 -14.38 3.25 -40.52
C GLY E 173 -14.78 4.70 -40.35
N LEU E 174 -15.55 4.99 -39.31
CA LEU E 174 -15.96 6.36 -39.00
C LEU E 174 -14.82 7.21 -38.46
N TRP E 175 -13.99 6.62 -37.60
CA TRP E 175 -12.79 7.29 -37.12
C TRP E 175 -11.88 7.65 -38.31
N HIS E 176 -11.65 6.68 -39.19
CA HIS E 176 -10.82 6.88 -40.37
CA HIS E 176 -10.82 6.87 -40.38
C HIS E 176 -11.39 7.94 -41.31
N MET E 177 -12.72 7.98 -41.45
CA MET E 177 -13.36 8.98 -42.30
C MET E 177 -12.92 10.39 -41.88
N LYS E 178 -13.01 10.67 -40.58
CA LYS E 178 -12.45 11.86 -39.92
C LYS E 178 -13.23 13.14 -40.14
N THR E 179 -13.44 13.51 -41.40
CA THR E 179 -14.18 14.72 -41.79
C THR E 179 -15.03 14.40 -43.01
N TYR E 180 -16.01 15.26 -43.29
CA TYR E 180 -16.78 15.17 -44.53
C TYR E 180 -16.47 16.36 -45.43
N LYS E 181 -15.97 16.07 -46.64
CA LYS E 181 -15.63 17.11 -47.63
C LYS E 181 -15.05 18.39 -47.00
N MET F 1 -10.96 -34.71 -18.95
CA MET F 1 -11.53 -35.49 -20.10
C MET F 1 -10.45 -36.05 -21.04
N PHE F 2 -9.23 -35.48 -21.02
CA PHE F 2 -8.20 -35.89 -21.97
C PHE F 2 -6.85 -36.22 -21.33
N LYS F 3 -6.82 -36.52 -20.03
CA LYS F 3 -5.54 -36.79 -19.35
C LYS F 3 -4.79 -37.98 -20.00
N LYS F 4 -5.53 -39.04 -20.32
CA LYS F 4 -4.94 -40.21 -20.96
C LYS F 4 -5.31 -40.33 -22.45
N PHE F 5 -5.74 -39.22 -23.07
CA PHE F 5 -6.08 -39.20 -24.50
C PHE F 5 -4.81 -39.23 -25.33
N ASP F 6 -4.79 -40.10 -26.35
CA ASP F 6 -3.69 -40.16 -27.34
C ASP F 6 -4.30 -40.27 -28.74
N GLU F 7 -4.05 -39.24 -29.56
CA GLU F 7 -4.62 -39.16 -30.92
C GLU F 7 -4.28 -40.38 -31.76
N LYS F 8 -3.16 -41.03 -31.45
CA LYS F 8 -2.72 -42.22 -32.20
C LYS F 8 -3.47 -43.47 -31.82
N GLU F 9 -4.18 -43.45 -30.69
CA GLU F 9 -4.90 -44.62 -30.18
C GLU F 9 -6.42 -44.42 -30.03
N ASN F 10 -6.85 -43.19 -29.74
CA ASN F 10 -8.21 -42.97 -29.24
C ASN F 10 -9.13 -42.18 -30.19
N VAL F 11 -8.72 -42.01 -31.43
CA VAL F 11 -9.56 -41.42 -32.49
C VAL F 11 -10.12 -42.60 -33.29
N SER F 12 -11.46 -42.65 -33.39
CA SER F 12 -12.15 -43.76 -34.08
CA SER F 12 -12.16 -43.76 -34.08
C SER F 12 -12.40 -43.46 -35.56
N ASN F 13 -12.89 -42.25 -35.85
CA ASN F 13 -13.23 -41.84 -37.20
C ASN F 13 -13.46 -40.34 -37.31
N CYS F 14 -13.79 -39.88 -38.50
CA CYS F 14 -14.10 -38.49 -38.75
C CYS F 14 -15.24 -38.41 -39.78
N ILE F 15 -16.17 -37.48 -39.57
CA ILE F 15 -17.26 -37.27 -40.52
CA ILE F 15 -17.27 -37.27 -40.49
C ILE F 15 -17.34 -35.80 -40.91
N GLN F 16 -17.69 -35.54 -42.16
CA GLN F 16 -17.91 -34.20 -42.62
C GLN F 16 -19.40 -33.85 -42.47
N LEU F 17 -19.65 -32.71 -41.85
CA LEU F 17 -21.01 -32.31 -41.54
C LEU F 17 -21.69 -31.63 -42.73
N LYS F 18 -23.00 -31.75 -42.77
CA LYS F 18 -23.80 -31.10 -43.81
C LYS F 18 -24.31 -29.72 -43.35
N THR F 19 -24.73 -28.94 -44.32
CA THR F 19 -25.14 -27.55 -44.14
C THR F 19 -26.09 -27.25 -42.99
N SER F 20 -27.25 -27.91 -42.93
CA SER F 20 -28.22 -27.58 -41.89
CA SER F 20 -28.24 -27.62 -41.89
C SER F 20 -27.66 -27.94 -40.51
N VAL F 21 -26.90 -29.04 -40.42
CA VAL F 21 -26.26 -29.42 -39.16
C VAL F 21 -25.26 -28.35 -38.70
N ILE F 22 -24.47 -27.83 -39.63
CA ILE F 22 -23.49 -26.76 -39.34
C ILE F 22 -24.18 -25.52 -38.84
N LYS F 23 -25.26 -25.12 -39.52
CA LYS F 23 -26.02 -23.93 -39.13
CA LYS F 23 -26.02 -23.93 -39.13
C LYS F 23 -26.54 -24.03 -37.69
N GLY F 24 -27.03 -25.21 -37.34
CA GLY F 24 -27.53 -25.46 -36.00
C GLY F 24 -26.44 -25.41 -34.94
N ILE F 25 -25.28 -25.97 -35.25
CA ILE F 25 -24.13 -25.90 -34.36
C ILE F 25 -23.71 -24.44 -34.15
N LYS F 26 -23.65 -23.65 -35.24
CA LYS F 26 -23.28 -22.23 -35.11
C LYS F 26 -24.26 -21.46 -34.25
N ASN F 27 -25.56 -21.73 -34.41
CA ASN F 27 -26.58 -21.12 -33.54
C ASN F 27 -26.37 -21.48 -32.05
N GLN F 28 -26.03 -22.73 -31.80
CA GLN F 28 -25.82 -23.25 -30.46
C GLN F 28 -24.59 -22.59 -29.82
N LEU F 29 -23.53 -22.44 -30.60
CA LEU F 29 -22.29 -21.81 -30.11
C LEU F 29 -22.51 -20.32 -29.79
N ILE F 30 -23.21 -19.62 -30.66
CA ILE F 30 -23.55 -18.19 -30.43
C ILE F 30 -24.40 -18.03 -29.15
N GLU F 31 -25.36 -18.90 -28.96
CA GLU F 31 -26.16 -18.95 -27.72
C GLU F 31 -25.30 -19.18 -26.46
N GLN F 32 -24.39 -20.14 -26.56
CA GLN F 32 -23.51 -20.54 -25.44
C GLN F 32 -22.48 -19.48 -25.12
N PHE F 33 -21.92 -18.91 -26.17
CA PHE F 33 -20.77 -18.03 -26.12
C PHE F 33 -21.03 -16.75 -26.96
N PRO F 34 -21.94 -15.87 -26.49
CA PRO F 34 -22.33 -14.69 -27.30
C PRO F 34 -21.16 -13.81 -27.77
N GLY F 35 -20.06 -13.80 -27.02
CA GLY F 35 -18.88 -13.08 -27.39
C GLY F 35 -18.22 -13.58 -28.66
N ILE F 36 -18.48 -14.84 -29.03
CA ILE F 36 -17.83 -15.45 -30.21
C ILE F 36 -18.39 -14.98 -31.56
N GLU F 37 -19.60 -14.44 -31.54
CA GLU F 37 -20.40 -14.26 -32.76
C GLU F 37 -19.69 -13.54 -33.91
N PRO F 38 -19.00 -12.42 -33.64
CA PRO F 38 -18.31 -11.71 -34.74
C PRO F 38 -17.06 -12.43 -35.31
N TRP F 39 -16.63 -13.48 -34.65
CA TRP F 39 -15.47 -14.22 -35.03
C TRP F 39 -15.80 -15.57 -35.64
N LEU F 40 -17.06 -16.01 -35.54
CA LEU F 40 -17.38 -17.36 -35.98
C LEU F 40 -17.08 -17.60 -37.46
N ASN F 41 -17.29 -16.58 -38.29
CA ASN F 41 -17.02 -16.70 -39.72
C ASN F 41 -15.51 -16.78 -40.06
N GLN F 42 -14.64 -16.33 -39.15
CA GLN F 42 -13.20 -16.49 -39.38
CA GLN F 42 -13.18 -16.47 -39.31
C GLN F 42 -12.72 -17.84 -38.85
N ILE F 43 -13.33 -18.30 -37.76
CA ILE F 43 -13.02 -19.57 -37.13
C ILE F 43 -13.62 -20.72 -37.96
N MET F 44 -14.79 -20.48 -38.55
CA MET F 44 -15.51 -21.50 -39.32
C MET F 44 -15.97 -20.88 -40.63
N PRO F 45 -15.02 -20.61 -41.56
CA PRO F 45 -15.48 -19.95 -42.79
C PRO F 45 -16.50 -20.80 -43.56
N LYS F 46 -17.62 -20.19 -43.94
CA LYS F 46 -18.71 -20.85 -44.69
C LYS F 46 -18.24 -21.76 -45.85
N LYS F 47 -17.17 -21.34 -46.54
CA LYS F 47 -16.62 -22.11 -47.65
C LYS F 47 -15.93 -23.41 -47.22
N ASP F 48 -15.40 -23.45 -45.99
CA ASP F 48 -14.54 -24.55 -45.60
C ASP F 48 -15.32 -25.68 -44.96
N PRO F 49 -14.90 -26.95 -45.22
CA PRO F 49 -15.57 -28.11 -44.56
C PRO F 49 -15.50 -28.07 -43.03
N VAL F 50 -16.58 -28.47 -42.38
CA VAL F 50 -16.63 -28.67 -40.93
C VAL F 50 -16.68 -30.17 -40.69
N LYS F 51 -15.78 -30.68 -39.86
CA LYS F 51 -15.75 -32.10 -39.54
C LYS F 51 -15.86 -32.33 -38.05
N ILE F 52 -16.36 -33.51 -37.68
CA ILE F 52 -16.27 -33.97 -36.29
C ILE F 52 -15.38 -35.19 -36.19
N VAL F 53 -14.38 -35.11 -35.34
CA VAL F 53 -13.53 -36.25 -35.05
C VAL F 53 -14.16 -37.05 -33.89
N ARG F 54 -14.52 -38.30 -34.17
CA ARG F 54 -15.15 -39.16 -33.18
C ARG F 54 -14.06 -39.91 -32.46
N CYS F 55 -14.02 -39.77 -31.14
CA CYS F 55 -12.99 -40.36 -30.30
C CYS F 55 -13.61 -41.31 -29.27
N HIS F 56 -12.75 -42.00 -28.51
CA HIS F 56 -13.23 -42.93 -27.49
CA HIS F 56 -13.18 -42.91 -27.45
C HIS F 56 -13.98 -42.16 -26.39
N GLU F 57 -14.67 -42.90 -25.52
CA GLU F 57 -15.43 -42.35 -24.38
C GLU F 57 -16.45 -41.28 -24.80
N HIS F 58 -17.04 -41.47 -25.99
CA HIS F 58 -18.12 -40.63 -26.52
C HIS F 58 -17.72 -39.18 -26.72
N ILE F 59 -16.44 -38.96 -26.99
CA ILE F 59 -15.92 -37.62 -27.20
C ILE F 59 -15.96 -37.27 -28.68
N GLU F 60 -16.35 -36.03 -28.96
CA GLU F 60 -16.33 -35.48 -30.32
C GLU F 60 -15.58 -34.16 -30.35
N ILE F 61 -14.76 -33.95 -31.38
CA ILE F 61 -14.01 -32.72 -31.54
C ILE F 61 -14.42 -32.09 -32.84
N LEU F 62 -14.87 -30.85 -32.78
CA LEU F 62 -15.29 -30.07 -33.95
C LEU F 62 -14.05 -29.40 -34.55
N THR F 63 -13.83 -29.61 -35.86
CA THR F 63 -12.57 -29.18 -36.53
C THR F 63 -12.86 -28.51 -37.88
N VAL F 64 -12.09 -27.46 -38.18
CA VAL F 64 -12.17 -26.77 -39.47
C VAL F 64 -10.73 -26.48 -39.88
N ASN F 65 -10.40 -26.80 -41.12
CA ASN F 65 -9.04 -26.54 -41.65
C ASN F 65 -7.92 -27.11 -40.74
N GLY F 66 -8.18 -28.26 -40.13
CA GLY F 66 -7.21 -28.93 -39.27
C GLY F 66 -7.17 -28.42 -37.83
N GLU F 67 -7.78 -27.27 -37.57
CA GLU F 67 -7.79 -26.69 -36.25
C GLU F 67 -8.87 -27.34 -35.36
N LEU F 68 -8.54 -27.54 -34.09
CA LEU F 68 -9.47 -28.13 -33.09
C LEU F 68 -10.13 -26.97 -32.36
N LEU F 69 -11.46 -26.83 -32.54
CA LEU F 69 -12.18 -25.64 -32.13
C LEU F 69 -12.94 -25.84 -30.81
N PHE F 70 -13.82 -26.85 -30.80
CA PHE F 70 -14.65 -27.17 -29.65
C PHE F 70 -14.69 -28.70 -29.49
N PHE F 71 -15.02 -29.18 -28.30
CA PHE F 71 -15.20 -30.61 -28.03
C PHE F 71 -16.41 -30.80 -27.11
N ARG F 72 -16.95 -32.02 -27.11
CA ARG F 72 -18.03 -32.40 -26.22
C ARG F 72 -17.93 -33.90 -25.92
N GLN F 73 -18.72 -34.34 -24.96
CA GLN F 73 -18.78 -35.73 -24.58
C GLN F 73 -20.25 -36.13 -24.39
N ARG F 74 -20.61 -37.30 -24.88
CA ARG F 74 -21.99 -37.79 -24.81
C ARG F 74 -23.01 -36.75 -25.24
N GLU F 75 -22.74 -36.13 -26.40
CA GLU F 75 -23.65 -35.16 -27.02
C GLU F 75 -23.96 -33.97 -26.09
N GLY F 76 -23.07 -33.69 -25.12
CA GLY F 76 -23.25 -32.57 -24.16
C GLY F 76 -22.90 -31.23 -24.77
N PRO F 77 -22.86 -30.16 -23.95
CA PRO F 77 -22.50 -28.85 -24.47
C PRO F 77 -21.09 -28.83 -25.05
N PHE F 78 -20.89 -27.98 -26.05
CA PHE F 78 -19.55 -27.78 -26.56
C PHE F 78 -18.71 -26.91 -25.58
N TYR F 79 -17.44 -27.28 -25.47
CA TYR F 79 -16.42 -26.51 -24.72
C TYR F 79 -15.38 -26.04 -25.72
N PRO F 80 -14.86 -24.83 -25.54
CA PRO F 80 -13.74 -24.42 -26.41
C PRO F 80 -12.46 -25.15 -26.05
N THR F 81 -11.61 -25.45 -27.06
CA THR F 81 -10.26 -25.94 -26.77
C THR F 81 -9.49 -24.77 -26.16
N LEU F 82 -8.45 -25.09 -25.41
CA LEU F 82 -7.64 -24.08 -24.78
C LEU F 82 -6.91 -23.24 -25.81
N ARG F 83 -6.46 -23.84 -26.90
CA ARG F 83 -5.81 -23.04 -27.96
C ARG F 83 -6.77 -22.00 -28.55
N LEU F 84 -8.05 -22.36 -28.74
CA LEU F 84 -9.03 -21.40 -29.22
C LEU F 84 -9.28 -20.33 -28.17
N LEU F 85 -9.50 -20.75 -26.93
CA LEU F 85 -9.72 -19.81 -25.83
C LEU F 85 -8.57 -18.81 -25.70
N HIS F 86 -7.34 -19.26 -25.90
CA HIS F 86 -6.20 -18.32 -25.75
C HIS F 86 -6.25 -17.21 -26.79
N LYS F 87 -6.79 -17.54 -27.98
CA LYS F 87 -6.96 -16.58 -29.08
C LYS F 87 -8.14 -15.64 -28.81
N TYR F 88 -9.18 -16.18 -28.18
CA TYR F 88 -10.41 -15.40 -27.86
C TYR F 88 -10.86 -15.57 -26.40
N PRO F 89 -10.10 -15.01 -25.45
CA PRO F 89 -10.29 -15.33 -24.03
C PRO F 89 -11.56 -14.74 -23.42
N PHE F 90 -12.08 -13.69 -24.07
CA PHE F 90 -13.30 -13.00 -23.62
C PHE F 90 -14.55 -13.83 -23.68
N ILE F 91 -14.52 -14.99 -24.32
CA ILE F 91 -15.76 -15.75 -24.51
C ILE F 91 -16.17 -16.61 -23.30
N LEU F 92 -15.30 -16.66 -22.29
CA LEU F 92 -15.65 -17.29 -21.01
C LEU F 92 -15.40 -16.34 -19.83
N PRO F 93 -16.30 -16.40 -18.81
CA PRO F 93 -15.90 -15.88 -17.53
C PRO F 93 -14.67 -16.66 -16.99
N HIS F 94 -13.94 -16.07 -16.04
CA HIS F 94 -12.81 -16.74 -15.44
C HIS F 94 -12.87 -16.81 -13.91
N GLN F 95 -12.11 -17.77 -13.39
CA GLN F 95 -11.86 -17.90 -11.95
C GLN F 95 -10.38 -18.06 -11.74
N GLN F 96 -9.85 -17.47 -10.67
CA GLN F 96 -8.40 -17.57 -10.39
C GLN F 96 -8.16 -18.43 -9.19
N VAL F 97 -7.41 -19.50 -9.37
CA VAL F 97 -7.10 -20.43 -8.30
C VAL F 97 -5.79 -20.01 -7.64
N ASP F 98 -5.61 -20.39 -6.38
CA ASP F 98 -4.42 -20.01 -5.62
CA ASP F 98 -4.42 -20.04 -5.60
C ASP F 98 -3.17 -20.83 -6.05
N LYS F 99 -2.01 -20.43 -5.54
CA LYS F 99 -0.71 -21.06 -5.90
C LYS F 99 -0.56 -22.59 -5.70
N GLY F 100 -1.08 -23.11 -4.61
CA GLY F 100 -0.94 -24.54 -4.33
C GLY F 100 -1.57 -25.47 -5.37
N ALA F 101 -2.56 -24.98 -6.12
CA ALA F 101 -3.39 -25.83 -7.01
C ALA F 101 -2.83 -26.02 -8.42
N ILE F 102 -1.97 -25.10 -8.86
CA ILE F 102 -1.54 -25.03 -10.25
C ILE F 102 -0.83 -26.26 -10.81
N LYS F 103 0.14 -26.80 -10.06
CA LYS F 103 0.74 -28.08 -10.40
C LYS F 103 -0.35 -29.10 -10.63
N PHE F 104 -1.39 -29.07 -9.79
CA PHE F 104 -2.42 -30.06 -9.85
C PHE F 104 -3.46 -29.78 -10.95
N VAL F 105 -3.75 -28.52 -11.20
CA VAL F 105 -4.59 -28.13 -12.36
C VAL F 105 -3.93 -28.68 -13.65
N LEU F 106 -2.60 -28.54 -13.73
CA LEU F 106 -1.83 -29.04 -14.88
C LEU F 106 -1.62 -30.56 -14.83
N SER F 107 -2.28 -31.23 -13.89
CA SER F 107 -2.34 -32.68 -13.81
C SER F 107 -3.78 -33.20 -13.97
N GLY F 108 -4.72 -32.32 -14.34
CA GLY F 108 -6.13 -32.69 -14.50
C GLY F 108 -6.98 -32.68 -13.23
N ALA F 109 -6.39 -32.32 -12.09
CA ALA F 109 -7.13 -32.28 -10.81
C ALA F 109 -8.24 -31.27 -10.85
N ASN F 110 -9.38 -31.64 -10.28
CA ASN F 110 -10.48 -30.66 -10.07
C ASN F 110 -10.11 -29.57 -9.06
N ILE F 111 -10.83 -28.45 -9.10
CA ILE F 111 -10.60 -27.32 -8.20
C ILE F 111 -11.51 -27.44 -6.97
N MET F 112 -10.90 -27.72 -5.83
CA MET F 112 -11.64 -27.79 -4.55
C MET F 112 -11.96 -26.40 -4.03
N CYS F 113 -13.07 -26.27 -3.28
CA CYS F 113 -13.51 -24.94 -2.84
C CYS F 113 -12.42 -24.17 -2.10
N PRO F 114 -11.64 -24.85 -1.23
CA PRO F 114 -10.61 -24.08 -0.47
C PRO F 114 -9.50 -23.47 -1.32
N GLY F 115 -9.32 -23.95 -2.55
CA GLY F 115 -8.40 -23.33 -3.51
C GLY F 115 -8.92 -22.06 -4.18
N LEU F 116 -10.20 -21.74 -3.93
CA LEU F 116 -10.86 -20.56 -4.47
C LEU F 116 -11.23 -19.51 -3.42
N THR F 117 -11.12 -19.87 -2.14
CA THR F 117 -11.57 -18.98 -1.06
C THR F 117 -10.39 -18.27 -0.36
N SER F 118 -9.17 -18.71 -0.64
CA SER F 118 -7.95 -18.18 -0.02
C SER F 118 -7.54 -16.82 -0.64
N PRO F 119 -6.60 -16.11 0.00
CA PRO F 119 -6.44 -14.71 -0.44
C PRO F 119 -5.82 -14.56 -1.86
N GLY F 120 -5.05 -15.57 -2.28
CA GLY F 120 -4.41 -15.59 -3.62
C GLY F 120 -5.32 -16.06 -4.74
N ALA F 121 -6.52 -16.51 -4.39
CA ALA F 121 -7.56 -16.80 -5.37
C ALA F 121 -8.42 -15.57 -5.65
N LYS F 122 -9.13 -15.59 -6.79
CA LYS F 122 -10.12 -14.59 -7.10
C LYS F 122 -11.37 -15.34 -7.61
N LEU F 123 -12.45 -15.20 -6.86
CA LEU F 123 -13.67 -15.94 -7.11
C LEU F 123 -14.75 -14.97 -7.54
N TYR F 124 -15.31 -15.18 -8.71
CA TYR F 124 -16.28 -14.27 -9.33
C TYR F 124 -17.61 -14.95 -9.46
N PRO F 125 -18.70 -14.16 -9.56
CA PRO F 125 -20.02 -14.82 -9.67
C PRO F 125 -20.09 -15.75 -10.85
N ALA F 126 -20.69 -16.92 -10.63
CA ALA F 126 -20.84 -17.93 -11.69
C ALA F 126 -21.83 -18.98 -11.23
N ALA F 127 -22.87 -19.16 -12.02
CA ALA F 127 -23.89 -20.16 -11.70
C ALA F 127 -23.34 -21.58 -11.89
N VAL F 128 -23.97 -22.56 -11.25
CA VAL F 128 -23.62 -23.94 -11.47
CA VAL F 128 -23.66 -23.96 -11.48
C VAL F 128 -23.69 -24.24 -12.99
N ASP F 129 -22.74 -25.06 -13.45
CA ASP F 129 -22.62 -25.51 -14.84
C ASP F 129 -22.15 -24.45 -15.84
N THR F 130 -21.77 -23.27 -15.37
CA THR F 130 -21.13 -22.29 -16.22
C THR F 130 -19.72 -22.80 -16.58
N ILE F 131 -19.41 -22.75 -17.87
CA ILE F 131 -18.08 -23.09 -18.38
C ILE F 131 -17.18 -21.89 -18.15
N VAL F 132 -16.00 -22.11 -17.53
CA VAL F 132 -15.10 -21.04 -17.12
C VAL F 132 -13.64 -21.33 -17.51
N ALA F 133 -12.88 -20.25 -17.69
CA ALA F 133 -11.42 -20.28 -17.82
C ALA F 133 -10.81 -20.28 -16.41
N ILE F 134 -9.89 -21.20 -16.17
CA ILE F 134 -9.18 -21.27 -14.90
C ILE F 134 -7.80 -20.59 -15.07
N MET F 135 -7.60 -19.52 -14.34
CA MET F 135 -6.33 -18.74 -14.36
C MET F 135 -5.50 -18.94 -13.06
N ALA F 136 -4.20 -18.77 -13.20
CA ALA F 136 -3.26 -18.51 -12.09
C ALA F 136 -2.79 -17.05 -12.14
N ALA F 137 -2.58 -16.43 -10.98
CA ALA F 137 -2.07 -15.06 -10.92
C ALA F 137 -0.78 -14.92 -11.74
N GLY F 138 0.07 -15.95 -11.70
CA GLY F 138 1.38 -15.91 -12.40
C GLY F 138 1.39 -16.26 -13.86
N ALA F 139 0.23 -16.44 -14.48
CA ALA F 139 0.19 -16.80 -15.91
C ALA F 139 -0.88 -16.00 -16.69
N ALA F 140 -0.53 -15.51 -17.88
CA ALA F 140 -1.44 -14.64 -18.69
C ALA F 140 -2.52 -15.44 -19.43
N HIS F 141 -2.31 -16.74 -19.56
CA HIS F 141 -3.15 -17.57 -20.38
C HIS F 141 -3.87 -18.55 -19.46
N ALA F 142 -5.12 -18.87 -19.80
CA ALA F 142 -5.87 -19.88 -19.05
C ALA F 142 -5.11 -21.20 -19.01
N LEU F 143 -5.11 -21.85 -17.86
CA LEU F 143 -4.41 -23.11 -17.71
C LEU F 143 -5.34 -24.29 -17.92
N CYS F 144 -6.64 -24.04 -17.79
CA CYS F 144 -7.61 -25.09 -18.01
C CYS F 144 -9.00 -24.50 -18.27
N VAL F 145 -9.83 -25.31 -18.91
CA VAL F 145 -11.25 -25.05 -19.06
C VAL F 145 -11.97 -25.89 -18.01
N GLY F 146 -12.88 -25.24 -17.27
CA GLY F 146 -13.61 -25.92 -16.22
C GLY F 146 -15.10 -25.66 -16.32
N VAL F 147 -15.82 -26.36 -15.46
CA VAL F 147 -17.26 -26.14 -15.33
CA VAL F 147 -17.28 -26.26 -15.33
C VAL F 147 -17.60 -26.13 -13.84
N MET F 148 -18.31 -25.09 -13.46
CA MET F 148 -18.68 -24.90 -12.06
C MET F 148 -19.56 -26.08 -11.61
N LYS F 149 -19.16 -26.74 -10.53
CA LYS F 149 -19.99 -27.76 -9.89
C LYS F 149 -20.80 -27.22 -8.71
N MET F 150 -20.36 -26.11 -8.15
CA MET F 150 -21.11 -25.35 -7.17
C MET F 150 -21.11 -23.92 -7.67
N SER F 151 -22.15 -23.15 -7.36
CA SER F 151 -22.14 -21.72 -7.66
C SER F 151 -21.00 -21.06 -6.91
N ALA F 152 -20.51 -19.93 -7.41
CA ALA F 152 -19.47 -19.17 -6.68
C ALA F 152 -19.96 -18.78 -5.29
N GLU F 153 -21.25 -18.47 -5.16
CA GLU F 153 -21.83 -18.17 -3.85
CA GLU F 153 -21.83 -18.18 -3.83
C GLU F 153 -21.61 -19.34 -2.89
N ASP F 154 -21.97 -20.55 -3.33
CA ASP F 154 -21.90 -21.77 -2.48
C ASP F 154 -20.45 -22.14 -2.19
N ILE F 155 -19.56 -21.93 -3.16
CA ILE F 155 -18.13 -22.16 -2.95
C ILE F 155 -17.62 -21.33 -1.76
N GLU F 156 -17.93 -20.06 -1.74
CA GLU F 156 -17.49 -19.19 -0.67
C GLU F 156 -18.14 -19.56 0.67
N LYS F 157 -19.44 -19.86 0.64
CA LYS F 157 -20.18 -20.07 1.88
C LYS F 157 -19.87 -21.42 2.51
N VAL F 158 -19.73 -22.45 1.69
CA VAL F 158 -19.56 -23.83 2.17
C VAL F 158 -18.07 -24.18 2.36
N ASN F 159 -17.26 -23.79 1.39
CA ASN F 159 -15.80 -24.01 1.46
C ASN F 159 -15.42 -25.49 1.67
N LYS F 160 -16.09 -26.37 0.94
CA LYS F 160 -15.82 -27.80 1.01
C LYS F 160 -16.37 -28.50 -0.22
N GLY F 161 -15.60 -29.47 -0.74
CA GLY F 161 -16.01 -30.24 -1.90
C GLY F 161 -15.47 -29.67 -3.21
N ILE F 162 -15.84 -30.33 -4.30
CA ILE F 162 -15.40 -29.93 -5.64
C ILE F 162 -16.15 -28.68 -6.04
N GLY F 163 -15.43 -27.61 -6.32
CA GLY F 163 -16.04 -26.36 -6.77
C GLY F 163 -16.17 -26.28 -8.29
N ILE F 164 -15.11 -26.73 -8.99
CA ILE F 164 -15.02 -26.63 -10.45
C ILE F 164 -14.34 -27.89 -11.00
N GLU F 165 -14.99 -28.54 -11.98
CA GLU F 165 -14.45 -29.74 -12.59
C GLU F 165 -13.50 -29.30 -13.70
N ASN F 166 -12.30 -29.87 -13.69
CA ASN F 166 -11.25 -29.60 -14.67
C ASN F 166 -11.43 -30.53 -15.87
N ILE F 167 -11.86 -29.95 -17.00
CA ILE F 167 -12.26 -30.68 -18.18
C ILE F 167 -11.12 -30.85 -19.20
N HIS F 168 -10.28 -29.84 -19.32
CA HIS F 168 -9.26 -29.77 -20.40
C HIS F 168 -8.19 -28.83 -19.89
N TYR F 169 -6.93 -29.24 -19.96
CA TYR F 169 -5.84 -28.45 -19.37
C TYR F 169 -4.64 -28.40 -20.30
N LEU F 170 -3.80 -27.41 -20.06
CA LEU F 170 -2.63 -27.15 -20.88
CA LEU F 170 -2.64 -27.14 -20.88
C LEU F 170 -1.72 -28.37 -20.88
N ASN F 171 -1.41 -28.85 -22.08
CA ASN F 171 -0.60 -30.03 -22.32
C ASN F 171 -1.19 -31.39 -21.89
N ASP F 172 -2.51 -31.44 -21.83
CA ASP F 172 -3.20 -32.71 -21.85
C ASP F 172 -3.18 -33.27 -23.27
N GLY F 173 -3.81 -34.42 -23.46
CA GLY F 173 -3.81 -35.11 -24.76
C GLY F 173 -4.40 -34.34 -25.91
N LEU F 174 -5.43 -33.55 -25.63
CA LEU F 174 -6.07 -32.72 -26.65
C LEU F 174 -5.19 -31.53 -27.04
N TRP F 175 -4.55 -30.91 -26.05
CA TRP F 175 -3.55 -29.90 -26.27
C TRP F 175 -2.44 -30.45 -27.19
N HIS F 176 -1.93 -31.62 -26.82
CA HIS F 176 -0.81 -32.23 -27.54
C HIS F 176 -1.20 -32.61 -28.98
N MET F 177 -2.42 -33.12 -29.16
CA MET F 177 -2.92 -33.44 -30.49
C MET F 177 -2.78 -32.25 -31.44
N LYS F 178 -3.22 -31.07 -30.97
CA LYS F 178 -3.01 -29.77 -31.62
C LYS F 178 -3.80 -29.53 -32.91
N THR F 179 -3.70 -30.48 -33.84
CA THR F 179 -4.39 -30.42 -35.14
C THR F 179 -4.97 -31.80 -35.52
N TYR F 180 -5.88 -31.80 -36.49
CA TYR F 180 -6.34 -33.01 -37.12
C TYR F 180 -6.07 -32.93 -38.64
N LYS F 181 -5.19 -33.80 -39.13
CA LYS F 181 -4.92 -33.95 -40.57
C LYS F 181 -5.03 -32.64 -41.35
N MET G 1 22.49 -30.93 14.88
CA MET G 1 23.41 -31.58 15.86
C MET G 1 22.70 -32.64 16.68
N PHE G 2 21.36 -32.61 16.73
CA PHE G 2 20.59 -33.46 17.61
C PHE G 2 19.44 -34.20 16.90
N LYS G 3 19.52 -34.33 15.57
CA LYS G 3 18.41 -34.96 14.82
C LYS G 3 18.17 -36.39 15.29
N LYS G 4 19.24 -37.13 15.48
CA LYS G 4 19.16 -38.54 15.98
C LYS G 4 19.56 -38.70 17.45
N PHE G 5 19.53 -37.61 18.21
CA PHE G 5 19.84 -37.65 19.64
C PHE G 5 18.69 -38.21 20.47
N ASP G 6 19.01 -39.17 21.33
CA ASP G 6 18.03 -39.76 22.26
C ASP G 6 18.66 -39.77 23.64
N GLU G 7 18.07 -39.05 24.59
CA GLU G 7 18.61 -38.94 25.97
C GLU G 7 18.82 -40.30 26.64
N LYS G 8 17.99 -41.27 26.26
CA LYS G 8 18.06 -42.62 26.85
C LYS G 8 19.25 -43.39 26.33
N GLU G 9 19.77 -42.99 25.17
CA GLU G 9 20.85 -43.72 24.51
C GLU G 9 22.18 -42.96 24.42
N ASN G 10 22.12 -41.62 24.32
CA ASN G 10 23.27 -40.83 23.88
C ASN G 10 23.90 -39.91 24.93
N VAL G 11 23.44 -40.04 26.17
CA VAL G 11 24.04 -39.37 27.32
C VAL G 11 24.95 -40.38 28.05
N SER G 12 26.22 -40.04 28.20
CA SER G 12 27.17 -40.94 28.87
C SER G 12 27.35 -40.63 30.36
N ASN G 13 27.55 -39.35 30.71
CA ASN G 13 27.91 -38.94 32.06
CA ASN G 13 27.75 -38.98 32.10
C ASN G 13 27.49 -37.50 32.34
N CYS G 14 27.56 -37.11 33.61
CA CYS G 14 27.30 -35.74 34.03
C CYS G 14 28.33 -35.30 35.06
N ILE G 15 28.91 -34.11 34.86
CA ILE G 15 29.95 -33.57 35.73
C ILE G 15 29.45 -32.32 36.43
N GLN G 16 29.46 -32.31 37.76
CA GLN G 16 29.20 -31.10 38.52
C GLN G 16 30.45 -30.23 38.47
N LEU G 17 30.30 -28.98 38.03
CA LEU G 17 31.46 -28.11 37.78
C LEU G 17 31.89 -27.35 39.04
N LYS G 18 33.18 -27.05 39.12
CA LYS G 18 33.74 -26.32 40.24
C LYS G 18 33.75 -24.83 39.97
N THR G 19 33.83 -24.06 41.06
CA THR G 19 33.67 -22.60 41.07
C THR G 19 34.45 -21.87 39.97
N SER G 20 35.76 -22.11 39.90
CA SER G 20 36.60 -21.45 38.91
C SER G 20 36.16 -21.77 37.47
N VAL G 21 35.70 -22.99 37.25
CA VAL G 21 35.29 -23.40 35.91
C VAL G 21 33.97 -22.70 35.55
N ILE G 22 33.04 -22.68 36.51
CA ILE G 22 31.75 -22.00 36.36
C ILE G 22 31.93 -20.50 36.07
N LYS G 23 32.81 -19.85 36.83
CA LYS G 23 33.12 -18.42 36.61
C LYS G 23 33.72 -18.18 35.21
N GLY G 24 34.53 -19.11 34.74
CA GLY G 24 35.09 -19.04 33.39
C GLY G 24 34.04 -19.23 32.30
N ILE G 25 33.06 -20.11 32.52
CA ILE G 25 32.00 -20.35 31.54
C ILE G 25 31.10 -19.12 31.45
N LYS G 26 30.73 -18.57 32.63
CA LYS G 26 29.92 -17.33 32.68
C LYS G 26 30.61 -16.20 31.91
N ASN G 27 31.92 -16.07 32.06
CA ASN G 27 32.65 -15.03 31.33
C ASN G 27 32.59 -15.27 29.83
N GLN G 28 32.67 -16.53 29.41
CA GLN G 28 32.56 -16.85 28.00
C GLN G 28 31.18 -16.51 27.46
N LEU G 29 30.16 -16.81 28.25
CA LEU G 29 28.78 -16.57 27.84
C LEU G 29 28.51 -15.09 27.68
N ILE G 30 29.05 -14.29 28.61
CA ILE G 30 28.85 -12.81 28.54
C ILE G 30 29.53 -12.23 27.31
N GLU G 31 30.69 -12.79 26.99
CA GLU G 31 31.44 -12.35 25.80
CA GLU G 31 31.47 -12.42 25.81
C GLU G 31 30.70 -12.71 24.52
N GLN G 32 30.15 -13.94 24.45
CA GLN G 32 29.45 -14.42 23.25
C GLN G 32 28.13 -13.74 23.09
N PHE G 33 27.44 -13.57 24.20
CA PHE G 33 26.05 -13.13 24.25
C PHE G 33 25.88 -12.01 25.29
N PRO G 34 26.34 -10.78 24.97
CA PRO G 34 26.29 -9.71 25.97
C PRO G 34 24.91 -9.41 26.57
N GLY G 35 23.84 -9.71 25.83
CA GLY G 35 22.49 -9.58 26.31
C GLY G 35 22.16 -10.39 27.54
N ILE G 36 22.87 -11.50 27.73
CA ILE G 36 22.56 -12.43 28.83
C ILE G 36 23.05 -11.94 30.20
N GLU G 37 24.02 -11.03 30.21
CA GLU G 37 24.72 -10.66 31.47
C GLU G 37 23.85 -10.41 32.70
N PRO G 38 22.80 -9.56 32.60
CA PRO G 38 21.99 -9.30 33.81
C PRO G 38 21.01 -10.41 34.18
N TRP G 39 20.97 -11.48 33.39
CA TRP G 39 20.07 -12.59 33.60
C TRP G 39 20.76 -13.83 34.16
N LEU G 40 22.09 -13.83 34.16
CA LEU G 40 22.87 -14.99 34.57
C LEU G 40 22.60 -15.42 36.02
N ASN G 41 22.35 -14.45 36.90
CA ASN G 41 22.07 -14.79 38.31
C ASN G 41 20.69 -15.43 38.51
N GLN G 42 19.80 -15.30 37.52
CA GLN G 42 18.51 -16.02 37.54
CA GLN G 42 18.51 -16.02 37.52
C GLN G 42 18.64 -17.39 36.86
N ILE G 43 19.36 -17.45 35.74
CA ILE G 43 19.47 -18.72 35.02
CA ILE G 43 19.57 -18.66 34.95
C ILE G 43 20.56 -19.61 35.63
N MET G 44 21.54 -19.01 36.29
CA MET G 44 22.60 -19.74 37.00
C MET G 44 22.77 -19.15 38.41
N PRO G 45 21.77 -19.32 39.27
CA PRO G 45 21.89 -18.72 40.59
C PRO G 45 23.08 -19.31 41.34
N LYS G 46 23.82 -18.46 42.05
CA LYS G 46 25.06 -18.85 42.73
C LYS G 46 24.86 -19.94 43.79
N LYS G 47 23.62 -20.09 44.27
CA LYS G 47 23.25 -21.09 45.27
C LYS G 47 23.05 -22.50 44.71
N ASP G 48 23.00 -22.64 43.38
CA ASP G 48 22.65 -23.92 42.73
C ASP G 48 23.83 -24.52 41.95
N PRO G 49 23.95 -25.87 41.95
CA PRO G 49 25.07 -26.47 41.25
C PRO G 49 24.98 -26.30 39.74
N VAL G 50 26.12 -26.19 39.07
CA VAL G 50 26.19 -26.15 37.61
C VAL G 50 26.82 -27.42 37.05
N LYS G 51 26.16 -28.02 36.07
CA LYS G 51 26.59 -29.31 35.54
C LYS G 51 26.81 -29.27 34.03
N ILE G 52 27.71 -30.12 33.55
CA ILE G 52 27.81 -30.42 32.13
C ILE G 52 27.39 -31.88 31.91
N VAL G 53 26.40 -32.07 31.03
CA VAL G 53 25.97 -33.40 30.62
C VAL G 53 26.80 -33.75 29.40
N ARG G 54 27.58 -34.83 29.52
CA ARG G 54 28.42 -35.30 28.44
C ARG G 54 27.64 -36.31 27.60
N CYS G 55 27.67 -36.12 26.28
CA CYS G 55 26.88 -36.89 25.34
C CYS G 55 27.77 -37.42 24.25
N HIS G 56 27.22 -38.30 23.41
CA HIS G 56 27.97 -38.86 22.29
CA HIS G 56 27.92 -38.85 22.25
C HIS G 56 28.33 -37.74 21.29
N GLU G 57 29.27 -38.04 20.40
CA GLU G 57 29.71 -37.13 19.34
C GLU G 57 30.33 -35.82 19.86
N HIS G 58 31.00 -35.93 21.00
CA HIS G 58 31.71 -34.82 21.64
C HIS G 58 30.81 -33.64 22.00
N ILE G 59 29.56 -33.92 22.36
CA ILE G 59 28.60 -32.90 22.73
C ILE G 59 28.51 -32.72 24.24
N GLU G 60 28.39 -31.47 24.70
CA GLU G 60 28.21 -31.14 26.11
C GLU G 60 27.07 -30.18 26.26
N ILE G 61 26.22 -30.42 27.26
CA ILE G 61 25.07 -29.58 27.58
C ILE G 61 25.25 -28.97 28.96
N LEU G 62 25.24 -27.65 29.03
CA LEU G 62 25.28 -26.93 30.31
C LEU G 62 23.91 -26.87 30.94
N THR G 63 23.79 -27.32 32.20
CA THR G 63 22.51 -27.38 32.87
C THR G 63 22.58 -26.88 34.33
N VAL G 64 21.48 -26.27 34.77
CA VAL G 64 21.31 -25.79 36.14
C VAL G 64 19.88 -26.03 36.56
N ASN G 65 19.69 -26.73 37.69
CA ASN G 65 18.37 -27.06 38.19
C ASN G 65 17.52 -27.87 37.20
N GLY G 66 18.20 -28.70 36.42
CA GLY G 66 17.54 -29.53 35.43
C GLY G 66 17.25 -28.85 34.10
N GLU G 67 17.30 -27.51 34.08
CA GLU G 67 17.10 -26.75 32.85
C GLU G 67 18.33 -26.85 31.93
N LEU G 68 18.10 -27.05 30.63
CA LEU G 68 19.18 -27.14 29.66
C LEU G 68 19.37 -25.75 29.08
N LEU G 69 20.56 -25.19 29.27
CA LEU G 69 20.81 -23.78 29.03
C LEU G 69 21.55 -23.53 27.73
N PHE G 70 22.74 -24.13 27.62
CA PHE G 70 23.63 -23.98 26.45
C PHE G 70 24.25 -25.33 26.11
N PHE G 71 24.74 -25.47 24.88
CA PHE G 71 25.44 -26.67 24.45
C PHE G 71 26.58 -26.34 23.49
N ARG G 72 27.49 -27.28 23.35
CA ARG G 72 28.64 -27.14 22.47
C ARG G 72 29.10 -28.53 21.97
N GLN G 73 29.92 -28.54 20.93
CA GLN G 73 30.47 -29.78 20.34
C GLN G 73 31.96 -29.59 20.08
N ARG G 74 32.75 -30.60 20.44
CA ARG G 74 34.21 -30.59 20.28
C ARG G 74 34.83 -29.30 20.79
N GLU G 75 34.45 -28.90 22.00
CA GLU G 75 34.99 -27.67 22.63
C GLU G 75 34.77 -26.38 21.79
N GLY G 76 33.75 -26.39 20.93
CA GLY G 76 33.41 -25.23 20.10
C GLY G 76 32.68 -24.21 20.95
N PRO G 77 32.15 -23.16 20.30
CA PRO G 77 31.41 -22.14 21.06
C PRO G 77 30.10 -22.70 21.61
N PHE G 78 29.60 -22.06 22.67
CA PHE G 78 28.28 -22.40 23.21
C PHE G 78 27.15 -21.83 22.35
N TYR G 79 26.09 -22.62 22.26
CA TYR G 79 24.84 -22.23 21.63
C TYR G 79 23.75 -22.29 22.69
N PRO G 80 22.77 -21.35 22.67
CA PRO G 80 21.66 -21.47 23.57
C PRO G 80 20.72 -22.57 23.13
N THR G 81 20.12 -23.28 24.07
CA THR G 81 18.98 -24.12 23.70
C THR G 81 17.82 -23.24 23.21
N LEU G 82 16.97 -23.81 22.39
CA LEU G 82 15.75 -23.09 21.95
C LEU G 82 14.83 -22.72 23.12
N ARG G 83 14.72 -23.58 24.14
CA ARG G 83 13.86 -23.26 25.27
C ARG G 83 14.39 -22.03 26.02
N LEU G 84 15.72 -21.93 26.16
CA LEU G 84 16.31 -20.74 26.79
C LEU G 84 16.10 -19.51 25.89
N LEU G 85 16.39 -19.67 24.61
CA LEU G 85 16.22 -18.57 23.65
C LEU G 85 14.80 -18.03 23.66
N HIS G 86 13.79 -18.91 23.77
CA HIS G 86 12.40 -18.46 23.80
C HIS G 86 12.09 -17.59 24.98
N LYS G 87 12.75 -17.84 26.10
CA LYS G 87 12.59 -16.98 27.30
C LYS G 87 13.33 -15.67 27.15
N TYR G 88 14.50 -15.70 26.50
CA TYR G 88 15.34 -14.51 26.30
C TYR G 88 15.77 -14.34 24.84
N PRO G 89 14.84 -13.94 23.97
CA PRO G 89 15.13 -13.98 22.53
C PRO G 89 16.19 -12.99 22.08
N PHE G 90 16.52 -12.02 22.94
CA PHE G 90 17.64 -11.08 22.69
C PHE G 90 19.05 -11.71 22.73
N ILE G 91 19.20 -12.95 23.16
CA ILE G 91 20.52 -13.60 23.18
C ILE G 91 21.16 -13.46 21.77
N LEU G 92 20.33 -13.60 20.71
CA LEU G 92 20.82 -13.75 19.33
C LEU G 92 20.20 -12.79 18.30
N PRO G 93 20.98 -12.39 17.28
CA PRO G 93 20.39 -11.82 16.09
C PRO G 93 19.54 -12.85 15.40
N HIS G 94 18.61 -12.43 14.54
CA HIS G 94 17.77 -13.37 13.84
C HIS G 94 17.83 -13.22 12.35
N GLN G 95 17.42 -14.30 11.68
CA GLN G 95 17.19 -14.32 10.25
C GLN G 95 15.82 -14.93 10.00
N GLN G 96 15.08 -14.40 9.04
CA GLN G 96 13.78 -14.96 8.70
C GLN G 96 13.84 -15.66 7.35
N VAL G 97 13.49 -16.94 7.35
CA VAL G 97 13.51 -17.75 6.14
CA VAL G 97 13.53 -17.77 6.17
C VAL G 97 12.13 -17.75 5.50
N ASP G 98 12.10 -18.00 4.21
CA ASP G 98 10.89 -18.00 3.42
C ASP G 98 10.00 -19.21 3.75
N LYS G 99 8.72 -19.09 3.41
CA LYS G 99 7.71 -20.09 3.81
CA LYS G 99 7.67 -20.09 3.74
C LYS G 99 7.98 -21.52 3.33
N GLY G 100 8.60 -21.66 2.15
CA GLY G 100 8.94 -22.98 1.62
C GLY G 100 10.00 -23.75 2.38
N ALA G 101 10.84 -23.05 3.16
CA ALA G 101 11.94 -23.67 3.88
C ALA G 101 11.55 -24.24 5.24
N ILE G 102 10.43 -23.78 5.78
CA ILE G 102 10.15 -24.04 7.19
C ILE G 102 10.01 -25.51 7.56
N LYS G 103 9.28 -26.28 6.76
CA LYS G 103 9.17 -27.71 6.97
C LYS G 103 10.55 -28.37 7.05
N PHE G 104 11.48 -27.86 6.25
CA PHE G 104 12.81 -28.49 6.17
C PHE G 104 13.68 -28.04 7.32
N VAL G 105 13.54 -26.79 7.76
CA VAL G 105 14.21 -26.33 9.00
C VAL G 105 13.79 -27.21 10.19
N LEU G 106 12.50 -27.54 10.22
CA LEU G 106 11.97 -28.41 11.25
C LEU G 106 12.30 -29.90 11.01
N SER G 107 13.15 -30.18 10.00
CA SER G 107 13.73 -31.52 9.81
C SER G 107 15.26 -31.57 9.95
N GLY G 108 15.86 -30.46 10.38
CA GLY G 108 17.31 -30.36 10.60
C GLY G 108 18.09 -29.89 9.39
N ALA G 109 17.38 -29.58 8.30
CA ALA G 109 17.99 -29.11 7.04
C ALA G 109 18.67 -27.76 7.21
N ASN G 110 19.85 -27.60 6.60
CA ASN G 110 20.50 -26.31 6.54
C ASN G 110 19.70 -25.31 5.71
N ILE G 111 19.98 -24.03 5.90
CA ILE G 111 19.23 -22.96 5.20
C ILE G 111 20.09 -22.58 4.01
N MET G 112 19.56 -22.78 2.82
CA MET G 112 20.28 -22.46 1.59
C MET G 112 20.07 -21.00 1.28
N CYS G 113 21.03 -20.38 0.59
CA CYS G 113 20.92 -18.95 0.29
C CYS G 113 19.58 -18.53 -0.32
N PRO G 114 19.02 -19.29 -1.30
CA PRO G 114 17.77 -18.87 -1.89
C PRO G 114 16.57 -18.84 -0.94
N GLY G 115 16.69 -19.52 0.20
CA GLY G 115 15.69 -19.46 1.25
C GLY G 115 15.72 -18.15 2.05
N LEU G 116 16.78 -17.35 1.87
CA LEU G 116 16.97 -16.08 2.59
C LEU G 116 16.88 -14.84 1.70
N THR G 117 16.86 -15.01 0.37
CA THR G 117 16.93 -13.88 -0.58
C THR G 117 15.60 -13.53 -1.21
N SER G 118 14.59 -14.37 -0.96
CA SER G 118 13.27 -14.23 -1.60
C SER G 118 12.38 -13.25 -0.84
N PRO G 119 11.22 -12.84 -1.43
CA PRO G 119 10.47 -11.71 -0.86
C PRO G 119 9.95 -11.98 0.57
N GLY G 120 9.64 -13.23 0.86
CA GLY G 120 9.11 -13.64 2.15
C GLY G 120 10.15 -13.89 3.22
N ALA G 121 11.44 -13.79 2.85
CA ALA G 121 12.55 -13.88 3.79
C ALA G 121 12.92 -12.52 4.25
N LYS G 122 13.63 -12.44 5.38
CA LYS G 122 14.29 -11.21 5.80
C LYS G 122 15.70 -11.53 6.24
N LEU G 123 16.65 -10.97 5.52
CA LEU G 123 18.06 -11.23 5.75
C LEU G 123 18.73 -9.98 6.33
N TYR G 124 19.30 -10.15 7.50
CA TYR G 124 19.94 -9.07 8.30
C TYR G 124 21.44 -9.27 8.31
N PRO G 125 22.20 -8.17 8.48
CA PRO G 125 23.64 -8.33 8.50
C PRO G 125 24.10 -9.32 9.56
N ALA G 126 25.08 -10.15 9.22
CA ALA G 126 25.63 -11.13 10.13
C ALA G 126 26.87 -11.66 9.51
N ALA G 127 27.96 -11.56 10.28
CA ALA G 127 29.26 -12.04 9.87
C ALA G 127 29.27 -13.55 9.82
N VAL G 128 30.20 -14.09 9.04
CA VAL G 128 30.38 -15.54 9.04
CA VAL G 128 30.41 -15.55 9.05
C VAL G 128 30.61 -16.02 10.49
N ASP G 129 30.00 -17.15 10.82
CA ASP G 129 30.12 -17.80 12.13
C ASP G 129 29.35 -17.11 13.25
N THR G 130 28.49 -16.13 12.91
CA THR G 130 27.55 -15.59 13.88
C THR G 130 26.44 -16.63 14.18
N ILE G 131 26.19 -16.86 15.45
CA ILE G 131 25.08 -17.74 15.88
C ILE G 131 23.79 -16.93 15.82
N VAL G 132 22.77 -17.46 15.15
CA VAL G 132 21.54 -16.77 14.88
C VAL G 132 20.30 -17.60 15.18
N ALA G 133 19.23 -16.91 15.49
CA ALA G 133 17.90 -17.50 15.58
C ALA G 133 17.23 -17.49 14.21
N ILE G 134 16.63 -18.61 13.84
CA ILE G 134 15.90 -18.77 12.57
C ILE G 134 14.40 -18.66 12.84
N MET G 135 13.77 -17.67 12.19
CA MET G 135 12.35 -17.30 12.39
C MET G 135 11.54 -17.59 11.10
N ALA G 136 10.27 -17.90 11.30
CA ALA G 136 9.27 -17.87 10.24
C ALA G 136 8.41 -16.65 10.43
N ALA G 137 7.97 -16.04 9.33
N ALA G 137 7.94 -16.06 9.34
CA ALA G 137 6.93 -15.02 9.42
CA ALA G 137 7.11 -14.85 9.41
C ALA G 137 5.73 -15.71 10.05
C ALA G 137 5.92 -15.03 10.36
N GLY G 138 5.07 -15.07 10.99
N GLY G 138 5.28 -16.20 10.27
CA GLY G 138 3.88 -15.71 11.56
CA GLY G 138 4.03 -16.45 11.01
C GLY G 138 4.11 -16.93 12.47
C GLY G 138 4.20 -17.27 12.27
N ALA G 139 5.35 -17.13 12.93
CA ALA G 139 5.62 -17.89 14.16
C ALA G 139 6.43 -16.96 15.04
N ALA G 140 5.95 -16.71 16.27
CA ALA G 140 6.56 -15.73 17.20
C ALA G 140 7.87 -16.23 17.86
N HIS G 141 8.13 -17.52 17.80
CA HIS G 141 9.26 -18.12 18.52
C HIS G 141 10.19 -18.70 17.53
N ALA G 142 11.50 -18.64 17.81
CA ALA G 142 12.53 -19.19 16.92
C ALA G 142 12.29 -20.68 16.72
N LEU G 143 12.43 -21.12 15.49
CA LEU G 143 12.24 -22.53 15.16
C LEU G 143 13.56 -23.32 15.12
N CYS G 144 14.68 -22.60 15.07
CA CYS G 144 16.00 -23.24 14.99
C CYS G 144 17.07 -22.25 15.44
N VAL G 145 18.16 -22.78 15.97
CA VAL G 145 19.39 -22.05 16.19
C VAL G 145 20.38 -22.49 15.09
N GLY G 146 20.99 -21.52 14.42
CA GLY G 146 21.96 -21.84 13.40
C GLY G 146 23.22 -21.03 13.51
N VAL G 147 24.14 -21.30 12.60
CA VAL G 147 25.40 -20.55 12.51
C VAL G 147 25.63 -20.14 11.08
N MET G 148 25.90 -18.86 10.87
CA MET G 148 26.14 -18.39 9.51
C MET G 148 27.38 -19.10 8.92
N LYS G 149 27.23 -19.71 7.75
CA LYS G 149 28.35 -20.29 6.99
C LYS G 149 28.86 -19.37 5.91
N MET G 150 28.01 -18.43 5.49
CA MET G 150 28.36 -17.35 4.60
C MET G 150 27.89 -16.07 5.28
N SER G 151 28.62 -14.98 5.11
CA SER G 151 28.12 -13.71 5.63
C SER G 151 26.79 -13.37 4.94
N ALA G 152 25.99 -12.54 5.58
CA ALA G 152 24.72 -12.06 4.95
C ALA G 152 24.97 -11.35 3.64
N GLU G 153 26.08 -10.61 3.55
CA GLU G 153 26.46 -9.94 2.32
C GLU G 153 26.67 -10.96 1.21
N ASP G 154 27.42 -12.04 1.50
CA ASP G 154 27.68 -13.08 0.49
C ASP G 154 26.43 -13.85 0.15
N ILE G 155 25.57 -14.10 1.13
CA ILE G 155 24.30 -14.77 0.85
C ILE G 155 23.50 -14.01 -0.20
N GLU G 156 23.34 -12.72 0.03
CA GLU G 156 22.63 -11.85 -0.90
C GLU G 156 23.29 -11.74 -2.27
N LYS G 157 24.61 -11.60 -2.31
CA LYS G 157 25.31 -11.32 -3.56
C LYS G 157 25.58 -12.57 -4.40
N VAL G 158 25.78 -13.70 -3.72
CA VAL G 158 26.10 -14.99 -4.35
C VAL G 158 24.86 -15.83 -4.61
N ASN G 159 23.97 -15.89 -3.62
CA ASN G 159 22.71 -16.63 -3.74
C ASN G 159 22.89 -18.10 -4.18
N LYS G 160 23.88 -18.77 -3.62
CA LYS G 160 24.14 -20.18 -3.92
C LYS G 160 24.94 -20.79 -2.77
N GLY G 161 24.58 -22.01 -2.40
CA GLY G 161 25.26 -22.73 -1.34
C GLY G 161 24.55 -22.63 0.00
N ILE G 162 25.13 -23.33 0.97
CA ILE G 162 24.60 -23.32 2.34
C ILE G 162 24.88 -21.93 2.96
N GLY G 163 23.81 -21.23 3.31
CA GLY G 163 23.90 -19.94 3.99
C GLY G 163 24.09 -20.03 5.50
N ILE G 164 23.28 -20.89 6.13
CA ILE G 164 23.23 -21.04 7.59
C ILE G 164 23.12 -22.54 7.90
N GLU G 165 24.01 -23.02 8.75
CA GLU G 165 23.94 -24.39 9.23
C GLU G 165 22.92 -24.51 10.37
N ASN G 166 22.02 -25.46 10.22
CA ASN G 166 20.99 -25.74 11.20
C ASN G 166 21.60 -26.64 12.29
N ILE G 167 21.72 -26.09 13.51
CA ILE G 167 22.37 -26.76 14.63
C ILE G 167 21.40 -27.42 15.59
N HIS G 168 20.28 -26.76 15.84
CA HIS G 168 19.31 -27.24 16.81
C HIS G 168 17.95 -26.70 16.38
N TYR G 169 16.96 -27.57 16.38
CA TYR G 169 15.63 -27.20 15.92
C TYR G 169 14.49 -27.71 16.79
N LEU G 170 13.32 -27.08 16.64
CA LEU G 170 12.17 -27.39 17.48
C LEU G 170 11.77 -28.85 17.29
N ASN G 171 11.65 -29.58 18.38
CA ASN G 171 11.31 -31.00 18.33
C ASN G 171 12.41 -31.94 17.87
N ASP G 172 13.67 -31.48 17.87
CA ASP G 172 14.79 -32.41 17.76
C ASP G 172 14.98 -33.12 19.11
N GLY G 173 15.96 -34.02 19.18
CA GLY G 173 16.22 -34.77 20.39
C GLY G 173 16.57 -33.96 21.63
N LEU G 174 17.23 -32.81 21.46
CA LEU G 174 17.52 -31.92 22.57
C LEU G 174 16.27 -31.20 23.08
N TRP G 175 15.43 -30.70 22.16
CA TRP G 175 14.14 -30.14 22.51
C TRP G 175 13.33 -31.17 23.33
N HIS G 176 13.28 -32.41 22.83
CA HIS G 176 12.47 -33.47 23.44
CA HIS G 176 12.46 -33.43 23.45
C HIS G 176 12.99 -33.84 24.81
N MET G 177 14.32 -33.81 24.98
CA MET G 177 14.94 -34.16 26.25
C MET G 177 14.39 -33.25 27.35
N LYS G 178 14.35 -31.94 27.07
CA LYS G 178 13.62 -30.93 27.84
C LYS G 178 14.30 -30.51 29.16
N THR G 179 14.53 -31.49 30.04
CA THR G 179 15.23 -31.26 31.30
C THR G 179 16.19 -32.41 31.52
N TYR G 180 17.17 -32.20 32.40
CA TYR G 180 17.99 -33.28 32.87
C TYR G 180 17.67 -33.59 34.33
N LYS G 181 17.41 -34.87 34.62
CA LYS G 181 17.32 -35.40 36.00
C LYS G 181 17.46 -34.33 37.08
N MET H 1 15.03 -30.52 -23.29
CA MET H 1 15.71 -31.83 -23.52
C MET H 1 14.73 -33.00 -23.75
N PHE H 2 13.48 -32.81 -23.38
CA PHE H 2 12.47 -33.91 -23.35
C PHE H 2 11.15 -33.56 -24.04
N LYS H 3 11.11 -32.49 -24.82
CA LYS H 3 9.86 -32.11 -25.47
C LYS H 3 9.26 -33.22 -26.34
N LYS H 4 10.11 -33.89 -27.12
CA LYS H 4 9.70 -35.02 -27.97
C LYS H 4 10.05 -36.41 -27.38
N PHE H 5 10.40 -36.48 -26.11
CA PHE H 5 10.78 -37.74 -25.48
C PHE H 5 9.55 -38.59 -25.21
N ASP H 6 9.64 -39.87 -25.58
CA ASP H 6 8.58 -40.86 -25.31
C ASP H 6 9.23 -42.08 -24.74
N GLU H 7 8.89 -42.43 -23.50
CA GLU H 7 9.47 -43.59 -22.82
C GLU H 7 9.33 -44.89 -23.64
N LYS H 8 8.24 -44.99 -24.40
CA LYS H 8 8.01 -46.19 -25.21
C LYS H 8 8.94 -46.28 -26.44
N GLU H 9 9.53 -45.15 -26.84
CA GLU H 9 10.39 -45.11 -28.04
C GLU H 9 11.86 -44.86 -27.72
N ASN H 10 12.15 -44.08 -26.69
CA ASN H 10 13.46 -43.45 -26.54
C ASN H 10 14.33 -43.97 -25.39
N VAL H 11 13.90 -45.04 -24.72
CA VAL H 11 14.75 -45.72 -23.72
C VAL H 11 15.48 -46.87 -24.40
N SER H 12 16.81 -46.89 -24.32
CA SER H 12 17.61 -48.01 -24.88
C SER H 12 17.85 -49.18 -23.92
N ASN H 13 18.48 -48.91 -22.77
CA ASN H 13 18.95 -49.93 -21.83
CA ASN H 13 18.73 -49.97 -21.79
C ASN H 13 18.92 -49.41 -20.38
N CYS H 14 19.26 -50.29 -19.44
CA CYS H 14 19.39 -49.93 -18.05
C CYS H 14 20.62 -50.59 -17.41
N ILE H 15 21.37 -49.84 -16.60
CA ILE H 15 22.53 -50.38 -15.87
C ILE H 15 22.30 -50.30 -14.39
N GLN H 16 22.51 -51.43 -13.70
CA GLN H 16 22.51 -51.48 -12.26
C GLN H 16 23.92 -51.09 -11.85
N LEU H 17 24.04 -50.04 -11.03
CA LEU H 17 25.34 -49.47 -10.66
C LEU H 17 26.03 -50.20 -9.53
N LYS H 18 27.37 -50.27 -9.58
CA LYS H 18 28.12 -50.89 -8.51
C LYS H 18 28.43 -49.90 -7.38
N THR H 19 28.76 -50.44 -6.23
CA THR H 19 28.87 -49.65 -4.99
C THR H 19 29.73 -48.40 -5.13
N SER H 20 30.95 -48.57 -5.64
CA SER H 20 31.89 -47.45 -5.75
CA SER H 20 31.88 -47.44 -5.74
C SER H 20 31.37 -46.37 -6.69
N VAL H 21 30.76 -46.78 -7.79
CA VAL H 21 30.20 -45.86 -8.78
C VAL H 21 29.06 -45.03 -8.14
N ILE H 22 28.20 -45.69 -7.39
CA ILE H 22 27.13 -45.00 -6.65
C ILE H 22 27.69 -43.95 -5.68
N LYS H 23 28.67 -44.37 -4.90
CA LYS H 23 29.37 -43.45 -3.96
C LYS H 23 29.92 -42.23 -4.69
N GLY H 24 30.55 -42.43 -5.85
CA GLY H 24 31.04 -41.33 -6.70
C GLY H 24 29.95 -40.36 -7.13
N ILE H 25 28.84 -40.92 -7.58
CA ILE H 25 27.69 -40.12 -7.99
C ILE H 25 27.13 -39.34 -6.81
N LYS H 26 27.00 -39.98 -5.68
CA LYS H 26 26.52 -39.27 -4.48
C LYS H 26 27.47 -38.14 -4.14
N ASN H 27 28.78 -38.36 -4.27
CA ASN H 27 29.77 -37.31 -4.00
C ASN H 27 29.58 -36.13 -4.95
N GLN H 28 29.37 -36.44 -6.22
CA GLN H 28 29.14 -35.43 -7.22
C GLN H 28 27.87 -34.62 -6.96
N LEU H 29 26.80 -35.32 -6.57
CA LEU H 29 25.54 -34.65 -6.27
C LEU H 29 25.65 -33.71 -5.08
N ILE H 30 26.39 -34.11 -4.06
CA ILE H 30 26.62 -33.23 -2.90
C ILE H 30 27.43 -32.01 -3.30
N GLU H 31 28.45 -32.20 -4.14
CA GLU H 31 29.27 -31.06 -4.66
C GLU H 31 28.41 -30.08 -5.46
N GLN H 32 27.51 -30.62 -6.27
CA GLN H 32 26.65 -29.80 -7.14
C GLN H 32 25.57 -29.10 -6.37
N PHE H 33 24.96 -29.86 -5.47
CA PHE H 33 23.74 -29.48 -4.75
C PHE H 33 23.91 -29.76 -3.23
N PRO H 34 24.64 -28.89 -2.53
CA PRO H 34 24.92 -29.21 -1.11
C PRO H 34 23.68 -29.42 -0.26
N GLY H 35 22.56 -28.81 -0.66
CA GLY H 35 21.29 -29.01 0.05
C GLY H 35 20.76 -30.43 0.05
N ILE H 36 21.22 -31.26 -0.89
CA ILE H 36 20.75 -32.66 -0.97
C ILE H 36 21.35 -33.61 0.08
N GLU H 37 22.46 -33.23 0.69
CA GLU H 37 23.31 -34.19 1.44
C GLU H 37 22.56 -35.05 2.47
N PRO H 38 21.78 -34.42 3.38
CA PRO H 38 21.09 -35.23 4.43
C PRO H 38 19.86 -35.97 3.98
N TRP H 39 19.51 -35.86 2.69
CA TRP H 39 18.35 -36.49 2.11
C TRP H 39 18.73 -37.66 1.21
N LEU H 40 20.01 -37.82 0.92
CA LEU H 40 20.44 -38.92 0.04
C LEU H 40 20.06 -40.31 0.58
N ASN H 41 20.11 -40.51 1.89
CA ASN H 41 19.71 -41.81 2.48
C ASN H 41 18.23 -42.11 2.30
N GLN H 42 17.43 -41.07 2.06
CA GLN H 42 16.00 -41.23 1.83
CA GLN H 42 15.98 -41.20 1.83
C GLN H 42 15.71 -41.44 0.35
N ILE H 43 16.34 -40.66 -0.53
CA ILE H 43 16.07 -40.81 -1.96
C ILE H 43 16.90 -41.96 -2.62
N MET H 44 18.04 -42.27 -2.02
CA MET H 44 18.90 -43.38 -2.46
C MET H 44 19.23 -44.28 -1.29
N PRO H 45 18.23 -45.05 -0.80
CA PRO H 45 18.50 -45.86 0.38
C PRO H 45 19.57 -46.90 0.08
N LYS H 46 20.49 -47.07 1.01
CA LYS H 46 21.67 -47.92 0.80
C LYS H 46 21.26 -49.36 0.53
N LYS H 47 20.07 -49.76 1.01
CA LYS H 47 19.55 -51.12 0.80
C LYS H 47 19.02 -51.39 -0.61
N ASP H 48 18.74 -50.34 -1.39
CA ASP H 48 18.05 -50.47 -2.68
C ASP H 48 19.02 -50.25 -3.86
N PRO H 49 18.82 -50.98 -4.98
CA PRO H 49 19.68 -50.77 -6.14
C PRO H 49 19.50 -49.41 -6.80
N VAL H 50 20.55 -48.96 -7.44
CA VAL H 50 20.60 -47.71 -8.12
C VAL H 50 20.84 -48.01 -9.58
N LYS H 51 20.05 -47.40 -10.46
CA LYS H 51 20.16 -47.66 -11.88
C LYS H 51 20.27 -46.40 -12.70
N ILE H 52 20.94 -46.53 -13.84
CA ILE H 52 20.94 -45.52 -14.88
CA ILE H 52 20.93 -45.51 -14.87
C ILE H 52 20.14 -46.04 -16.08
N VAL H 53 19.10 -45.30 -16.45
CA VAL H 53 18.30 -45.58 -17.65
C VAL H 53 18.95 -44.84 -18.78
N ARG H 54 19.46 -45.59 -19.76
CA ARG H 54 20.12 -45.01 -20.91
C ARG H 54 19.11 -44.74 -21.98
N CYS H 55 19.09 -43.50 -22.48
CA CYS H 55 18.11 -43.04 -23.47
C CYS H 55 18.77 -42.49 -24.74
N HIS H 56 17.94 -42.18 -25.74
CA HIS H 56 18.43 -41.57 -26.98
CA HIS H 56 18.38 -41.54 -26.99
C HIS H 56 19.02 -40.19 -26.72
N GLU H 57 19.86 -39.73 -27.66
CA GLU H 57 20.52 -38.42 -27.62
C GLU H 57 21.49 -38.32 -26.43
N HIS H 58 22.01 -39.47 -26.01
CA HIS H 58 23.00 -39.58 -24.92
C HIS H 58 22.47 -39.13 -23.58
N ILE H 59 21.18 -39.34 -23.35
CA ILE H 59 20.56 -38.98 -22.07
C ILE H 59 20.60 -40.16 -21.10
N GLU H 60 20.87 -39.85 -19.83
CA GLU H 60 20.82 -40.84 -18.79
C GLU H 60 19.94 -40.31 -17.69
N ILE H 61 19.16 -41.21 -17.09
CA ILE H 61 18.31 -40.91 -15.95
C ILE H 61 18.69 -41.78 -14.77
N LEU H 62 19.07 -41.15 -13.67
CA LEU H 62 19.35 -41.85 -12.42
C LEU H 62 18.04 -42.19 -11.72
N THR H 63 17.84 -43.47 -11.44
CA THR H 63 16.62 -43.96 -10.81
C THR H 63 16.87 -44.89 -9.61
N VAL H 64 16.02 -44.74 -8.59
CA VAL H 64 15.99 -45.63 -7.44
C VAL H 64 14.53 -45.95 -7.11
N ASN H 65 14.22 -47.24 -6.96
CA ASN H 65 12.86 -47.66 -6.63
C ASN H 65 11.80 -47.15 -7.62
N GLY H 66 12.17 -47.11 -8.90
CA GLY H 66 11.30 -46.59 -9.96
C GLY H 66 11.21 -45.07 -10.08
N GLU H 67 11.66 -44.35 -9.05
CA GLU H 67 11.62 -42.87 -9.04
C GLU H 67 12.73 -42.32 -9.91
N LEU H 68 12.42 -41.28 -10.67
CA LEU H 68 13.38 -40.63 -11.55
C LEU H 68 13.94 -39.44 -10.78
N LEU H 69 15.26 -39.49 -10.50
CA LEU H 69 15.87 -38.56 -9.53
C LEU H 69 16.57 -37.38 -10.22
N PHE H 70 17.56 -37.70 -11.04
CA PHE H 70 18.33 -36.74 -11.81
C PHE H 70 18.54 -37.24 -13.23
N PHE H 71 18.89 -36.35 -14.15
CA PHE H 71 19.24 -36.71 -15.53
C PHE H 71 20.45 -35.92 -16.00
N ARG H 72 21.15 -36.46 -16.99
CA ARG H 72 22.26 -35.77 -17.60
C ARG H 72 22.34 -36.14 -19.08
N GLN H 73 23.16 -35.40 -19.80
CA GLN H 73 23.38 -35.62 -21.22
C GLN H 73 24.87 -35.68 -21.44
N ARG H 74 25.35 -36.69 -22.16
CA ARG H 74 26.79 -36.70 -22.60
C ARG H 74 27.78 -36.49 -21.44
N GLU H 75 27.57 -37.22 -20.34
CA GLU H 75 28.47 -37.18 -19.15
C GLU H 75 28.51 -35.81 -18.43
N GLY H 76 27.59 -34.91 -18.79
CA GLY H 76 27.54 -33.57 -18.23
C GLY H 76 26.97 -33.56 -16.83
N PRO H 77 26.71 -32.36 -16.28
CA PRO H 77 26.15 -32.21 -14.94
C PRO H 77 24.81 -32.91 -14.82
N PHE H 78 24.52 -33.41 -13.64
CA PHE H 78 23.18 -33.88 -13.33
C PHE H 78 22.26 -32.72 -13.06
N TYR H 79 20.99 -32.91 -13.44
CA TYR H 79 19.94 -31.94 -13.21
C TYR H 79 18.84 -32.70 -12.50
N PRO H 80 18.20 -32.09 -11.48
CA PRO H 80 17.09 -32.79 -10.83
C PRO H 80 15.86 -32.87 -11.71
N THR H 81 15.10 -33.97 -11.60
CA THR H 81 13.79 -33.97 -12.23
C THR H 81 12.89 -33.00 -11.46
N LEU H 82 11.87 -32.50 -12.13
CA LEU H 82 10.85 -31.65 -11.46
C LEU H 82 10.13 -32.37 -10.34
N ARG H 83 9.84 -33.67 -10.47
CA ARG H 83 9.18 -34.38 -9.37
C ARG H 83 10.05 -34.43 -8.12
N LEU H 84 11.36 -34.57 -8.29
CA LEU H 84 12.27 -34.58 -7.14
C LEU H 84 12.35 -33.18 -6.54
N LEU H 85 12.45 -32.19 -7.41
CA LEU H 85 12.55 -30.77 -7.00
C LEU H 85 11.33 -30.34 -6.20
N HIS H 86 10.16 -30.84 -6.60
CA HIS H 86 8.95 -30.49 -5.90
C HIS H 86 8.97 -31.00 -4.47
N LYS H 87 9.58 -32.17 -4.25
CA LYS H 87 9.73 -32.73 -2.90
CA LYS H 87 9.74 -32.74 -2.90
C LYS H 87 10.78 -31.98 -2.07
N TYR H 88 11.85 -31.54 -2.74
CA TYR H 88 13.02 -30.87 -2.11
C TYR H 88 13.41 -29.59 -2.87
N PRO H 89 12.60 -28.54 -2.75
CA PRO H 89 12.79 -27.36 -3.63
C PRO H 89 14.08 -26.58 -3.35
N PHE H 90 14.64 -26.77 -2.14
CA PHE H 90 15.94 -26.17 -1.73
C PHE H 90 17.17 -26.62 -2.51
N ILE H 91 17.03 -27.63 -3.37
CA ILE H 91 18.17 -28.17 -4.14
C ILE H 91 18.79 -27.07 -5.03
N LEU H 92 17.95 -26.14 -5.53
CA LEU H 92 18.32 -25.12 -6.52
C LEU H 92 17.91 -23.69 -6.15
N PRO H 93 18.70 -22.69 -6.58
CA PRO H 93 18.24 -21.32 -6.58
C PRO H 93 17.06 -21.22 -7.52
N HIS H 94 16.20 -20.25 -7.32
CA HIS H 94 15.08 -20.06 -8.21
C HIS H 94 15.10 -18.68 -8.89
N GLN H 95 14.39 -18.64 -10.00
CA GLN H 95 14.09 -17.39 -10.74
C GLN H 95 12.61 -17.38 -11.05
N GLN H 96 11.98 -16.21 -10.98
CA GLN H 96 10.56 -16.11 -11.21
C GLN H 96 10.32 -15.33 -12.49
N VAL H 97 9.66 -15.98 -13.44
CA VAL H 97 9.38 -15.33 -14.72
CA VAL H 97 9.36 -15.40 -14.73
C VAL H 97 8.00 -14.71 -14.69
N ASP H 98 7.82 -13.74 -15.59
CA ASP H 98 6.60 -12.97 -15.67
C ASP H 98 5.48 -13.77 -16.29
N LYS H 99 4.26 -13.30 -16.11
CA LYS H 99 3.09 -14.09 -16.50
C LYS H 99 2.94 -14.31 -18.01
N GLY H 100 3.48 -13.42 -18.85
CA GLY H 100 3.44 -13.61 -20.28
C GLY H 100 4.21 -14.82 -20.77
N ALA H 101 5.20 -15.26 -19.95
CA ALA H 101 6.17 -16.31 -20.33
C ALA H 101 5.71 -17.72 -20.01
N ILE H 102 4.77 -17.87 -19.09
CA ILE H 102 4.53 -19.19 -18.50
C ILE H 102 3.97 -20.24 -19.47
N LYS H 103 2.99 -19.87 -20.32
CA LYS H 103 2.51 -20.79 -21.36
C LYS H 103 3.66 -21.32 -22.20
N PHE H 104 4.61 -20.45 -22.51
CA PHE H 104 5.72 -20.80 -23.39
C PHE H 104 6.78 -21.60 -22.66
N VAL H 105 7.05 -21.29 -21.39
CA VAL H 105 7.90 -22.16 -20.55
C VAL H 105 7.35 -23.61 -20.55
N LEU H 106 6.02 -23.72 -20.42
CA LEU H 106 5.31 -25.01 -20.48
C LEU H 106 5.20 -25.59 -21.88
N SER H 107 5.88 -24.95 -22.86
CA SER H 107 6.03 -25.50 -24.20
C SER H 107 7.51 -25.76 -24.55
N GLY H 108 8.42 -25.60 -23.58
CA GLY H 108 9.85 -25.86 -23.81
C GLY H 108 10.65 -24.63 -24.20
N ALA H 109 10.00 -23.48 -24.30
CA ALA H 109 10.66 -22.23 -24.69
C ALA H 109 11.68 -21.80 -23.66
N ASN H 110 12.79 -21.25 -24.12
CA ASN H 110 13.77 -20.67 -23.23
C ASN H 110 13.22 -19.38 -22.61
N ILE H 111 13.86 -18.91 -21.55
CA ILE H 111 13.42 -17.73 -20.83
C ILE H 111 14.27 -16.56 -21.34
N MET H 112 13.62 -15.60 -21.97
CA MET H 112 14.34 -14.46 -22.53
C MET H 112 14.47 -13.41 -21.44
N CYS H 113 15.49 -12.57 -21.55
CA CYS H 113 15.76 -11.60 -20.51
C CYS H 113 14.55 -10.72 -20.14
N PRO H 114 13.78 -10.24 -21.15
CA PRO H 114 12.61 -9.38 -20.77
C PRO H 114 11.52 -10.08 -19.98
N GLY H 115 11.54 -11.41 -19.96
CA GLY H 115 10.67 -12.19 -19.10
C GLY H 115 11.10 -12.23 -17.63
N LEU H 116 12.32 -11.74 -17.34
CA LEU H 116 12.88 -11.74 -16.01
C LEU H 116 13.07 -10.32 -15.43
N THR H 117 12.88 -9.27 -16.26
CA THR H 117 13.14 -7.91 -15.83
C THR H 117 11.88 -7.09 -15.57
N SER H 118 10.73 -7.61 -15.96
CA SER H 118 9.46 -6.90 -15.85
C SER H 118 8.94 -6.97 -14.41
N PRO H 119 7.92 -6.16 -14.07
CA PRO H 119 7.54 -6.06 -12.64
C PRO H 119 7.04 -7.36 -11.99
N GLY H 120 6.43 -8.24 -12.77
CA GLY H 120 5.91 -9.50 -12.25
C GLY H 120 6.96 -10.58 -12.09
N ALA H 121 8.16 -10.34 -12.64
CA ALA H 121 9.30 -11.26 -12.47
C ALA H 121 10.06 -10.96 -11.19
N LYS H 122 10.86 -11.92 -10.74
CA LYS H 122 11.83 -11.70 -9.67
C LYS H 122 13.12 -12.39 -10.10
N LEU H 123 14.16 -11.59 -10.22
CA LEU H 123 15.44 -12.02 -10.70
C LEU H 123 16.43 -11.97 -9.54
N TYR H 124 17.10 -13.09 -9.29
CA TYR H 124 18.09 -13.25 -8.21
C TYR H 124 19.48 -13.54 -8.75
N PRO H 125 20.53 -13.21 -7.98
CA PRO H 125 21.87 -13.49 -8.46
C PRO H 125 22.07 -14.96 -8.87
N ALA H 126 22.68 -15.16 -10.03
CA ALA H 126 22.94 -16.50 -10.57
C ALA H 126 23.97 -16.39 -11.69
N ALA H 127 25.01 -17.22 -11.59
CA ALA H 127 26.14 -17.22 -12.51
C ALA H 127 25.81 -18.03 -13.77
N VAL H 128 26.45 -17.72 -14.87
CA VAL H 128 26.33 -18.55 -16.05
C VAL H 128 26.61 -20.01 -15.69
N ASP H 129 25.75 -20.89 -16.21
CA ASP H 129 25.78 -22.34 -15.99
C ASP H 129 25.24 -22.82 -14.64
N THR H 130 24.73 -21.91 -13.81
CA THR H 130 24.00 -22.32 -12.61
C THR H 130 22.67 -22.92 -13.02
N ILE H 131 22.40 -24.08 -12.45
CA ILE H 131 21.11 -24.76 -12.62
C ILE H 131 20.06 -24.17 -11.64
N VAL H 132 18.89 -23.82 -12.17
CA VAL H 132 17.87 -23.08 -11.44
C VAL H 132 16.47 -23.61 -11.69
N ALA H 133 15.64 -23.42 -10.70
CA ALA H 133 14.22 -23.68 -10.77
C ALA H 133 13.52 -22.43 -11.31
N ILE H 134 12.63 -22.63 -12.27
CA ILE H 134 11.84 -21.54 -12.83
C ILE H 134 10.45 -21.58 -12.19
N MET H 135 10.10 -20.49 -11.53
CA MET H 135 8.78 -20.29 -10.89
C MET H 135 7.88 -19.26 -11.60
N ALA H 136 6.57 -19.44 -11.45
CA ALA H 136 5.55 -18.38 -11.70
C ALA H 136 5.10 -17.78 -10.37
N ALA H 137 4.63 -16.53 -10.40
N ALA H 137 4.69 -16.51 -10.40
CA ALA H 137 3.89 -15.98 -9.26
CA ALA H 137 4.23 -15.83 -9.21
C ALA H 137 2.56 -16.74 -9.14
C ALA H 137 3.14 -16.64 -8.50
N GLY H 138 2.13 -17.05 -7.93
N GLY H 138 2.09 -16.98 -9.24
CA GLY H 138 0.86 -17.79 -7.77
CA GLY H 138 0.92 -17.66 -8.67
C GLY H 138 0.89 -19.21 -8.37
C GLY H 138 0.95 -19.18 -8.79
N ALA H 139 2.08 -19.79 -8.42
CA ALA H 139 2.27 -21.21 -8.63
C ALA H 139 3.36 -21.61 -7.66
N ALA H 140 3.03 -22.49 -6.71
CA ALA H 140 3.95 -22.86 -5.60
C ALA H 140 5.11 -23.79 -6.00
N HIS H 141 4.98 -24.47 -7.13
CA HIS H 141 5.92 -25.50 -7.53
C HIS H 141 6.66 -25.05 -8.78
N ALA H 142 7.94 -25.40 -8.89
CA ALA H 142 8.74 -25.12 -10.11
C ALA H 142 8.06 -25.68 -11.37
N LEU H 143 8.03 -24.86 -12.42
CA LEU H 143 7.44 -25.26 -13.69
C LEU H 143 8.49 -25.75 -14.67
N CYS H 144 9.77 -25.44 -14.42
CA CYS H 144 10.80 -25.89 -15.31
C CYS H 144 12.15 -25.87 -14.58
N VAL H 145 13.06 -26.73 -15.01
CA VAL H 145 14.47 -26.66 -14.60
C VAL H 145 15.22 -25.95 -15.74
N GLY H 146 16.02 -24.96 -15.39
CA GLY H 146 16.78 -24.21 -16.39
C GLY H 146 18.26 -24.14 -16.07
N VAL H 147 19.03 -23.66 -17.04
CA VAL H 147 20.43 -23.31 -16.79
CA VAL H 147 20.45 -23.36 -16.86
C VAL H 147 20.71 -21.91 -17.32
N MET H 148 21.28 -21.09 -16.43
CA MET H 148 21.60 -19.69 -16.76
C MET H 148 22.52 -19.64 -17.97
N LYS H 149 22.12 -18.90 -19.00
CA LYS H 149 23.01 -18.62 -20.16
C LYS H 149 23.68 -17.24 -20.11
N MET H 150 23.08 -16.35 -19.34
CA MET H 150 23.61 -15.02 -18.98
C MET H 150 23.54 -14.94 -17.47
N SER H 151 24.48 -14.23 -16.83
CA SER H 151 24.35 -13.96 -15.40
C SER H 151 23.11 -13.09 -15.16
N ALA H 152 22.56 -13.21 -13.96
CA ALA H 152 21.42 -12.34 -13.57
C ALA H 152 21.78 -10.89 -13.71
N GLU H 153 23.01 -10.53 -13.38
CA GLU H 153 23.48 -9.18 -13.52
C GLU H 153 23.31 -8.68 -14.97
N ASP H 154 23.82 -9.47 -15.90
CA ASP H 154 23.71 -9.15 -17.33
C ASP H 154 22.27 -9.20 -17.84
N ILE H 155 21.47 -10.15 -17.35
CA ILE H 155 20.05 -10.18 -17.70
C ILE H 155 19.40 -8.83 -17.38
N GLU H 156 19.62 -8.34 -16.17
CA GLU H 156 19.04 -7.08 -15.73
C GLU H 156 19.60 -5.89 -16.57
N LYS H 157 20.91 -5.85 -16.74
CA LYS H 157 21.57 -4.67 -17.35
C LYS H 157 21.47 -4.60 -18.88
N VAL H 158 21.44 -5.76 -19.52
CA VAL H 158 21.37 -5.89 -21.01
C VAL H 158 19.91 -6.02 -21.52
N ASN H 159 19.12 -6.85 -20.84
CA ASN H 159 17.70 -7.03 -21.13
C ASN H 159 17.46 -7.47 -22.58
N LYS H 160 18.30 -8.36 -23.09
CA LYS H 160 18.17 -8.86 -24.47
C LYS H 160 18.88 -10.19 -24.56
N GLY H 161 18.23 -11.15 -25.23
CA GLY H 161 18.83 -12.46 -25.47
C GLY H 161 18.22 -13.53 -24.58
N ILE H 162 18.69 -14.75 -24.81
CA ILE H 162 18.31 -15.90 -24.00
C ILE H 162 18.97 -15.81 -22.63
N GLY H 163 18.15 -15.67 -21.58
CA GLY H 163 18.67 -15.58 -20.24
C GLY H 163 18.92 -16.93 -19.60
N ILE H 164 17.94 -17.84 -19.78
CA ILE H 164 17.98 -19.15 -19.16
C ILE H 164 17.48 -20.18 -20.18
N GLU H 165 18.24 -21.26 -20.33
CA GLU H 165 17.87 -22.37 -21.20
C GLU H 165 16.90 -23.31 -20.46
N ASN H 166 15.77 -23.61 -21.09
CA ASN H 166 14.75 -24.50 -20.54
C ASN H 166 15.14 -25.92 -20.87
N ILE H 167 15.48 -26.72 -19.86
CA ILE H 167 15.97 -28.10 -20.02
CA ILE H 167 15.91 -28.11 -20.17
C ILE H 167 14.89 -29.17 -19.81
N HIS H 168 13.95 -28.87 -18.93
CA HIS H 168 12.95 -29.87 -18.49
C HIS H 168 11.79 -29.09 -17.93
N TYR H 169 10.57 -29.39 -18.39
CA TYR H 169 9.39 -28.62 -17.97
C TYR H 169 8.22 -29.53 -17.66
N LEU H 170 7.29 -29.00 -16.88
CA LEU H 170 6.14 -29.76 -16.41
C LEU H 170 5.32 -30.26 -17.60
N ASN H 171 5.00 -31.55 -17.58
CA ASN H 171 4.29 -32.24 -18.69
C ASN H 171 5.08 -32.42 -19.98
N ASP H 172 6.41 -32.35 -19.93
CA ASP H 172 7.24 -32.82 -21.01
C ASP H 172 7.33 -34.34 -20.93
N GLY H 173 8.11 -34.95 -21.81
CA GLY H 173 8.17 -36.40 -21.87
C GLY H 173 8.73 -37.09 -20.66
N LEU H 174 9.70 -36.44 -19.99
CA LEU H 174 10.25 -36.95 -18.76
C LEU H 174 9.26 -36.88 -17.61
N TRP H 175 8.53 -35.76 -17.51
CA TRP H 175 7.45 -35.64 -16.59
C TRP H 175 6.43 -36.76 -16.81
N HIS H 176 6.01 -36.94 -18.04
CA HIS H 176 5.00 -37.96 -18.37
CA HIS H 176 4.99 -37.94 -18.34
C HIS H 176 5.47 -39.37 -18.07
N MET H 177 6.76 -39.63 -18.27
CA MET H 177 7.32 -40.96 -18.00
C MET H 177 7.06 -41.34 -16.56
N LYS H 178 7.29 -40.39 -15.64
CA LYS H 178 6.91 -40.46 -14.22
C LYS H 178 7.71 -41.45 -13.34
N THR H 179 7.84 -42.69 -13.81
CA THR H 179 8.56 -43.71 -13.10
C THR H 179 9.18 -44.63 -14.13
N TYR H 180 10.20 -45.38 -13.70
CA TYR H 180 10.81 -46.38 -14.58
C TYR H 180 10.33 -47.75 -14.14
N MET I 1 5.01 3.23 -40.35
CA MET I 1 5.33 2.77 -41.73
C MET I 1 4.06 2.48 -42.56
N PHE I 2 2.93 2.24 -41.88
CA PHE I 2 1.72 1.74 -42.55
C PHE I 2 0.47 2.54 -42.27
N LYS I 3 0.61 3.77 -41.80
CA LYS I 3 -0.55 4.58 -41.47
C LYS I 3 -1.46 4.78 -42.68
N LYS I 4 -0.87 5.05 -43.84
CA LYS I 4 -1.64 5.24 -45.10
C LYS I 4 -1.58 4.05 -46.06
N PHE I 5 -1.10 2.90 -45.58
CA PHE I 5 -1.00 1.70 -46.38
C PHE I 5 -2.36 1.10 -46.63
N ASP I 6 -2.62 0.75 -47.89
CA ASP I 6 -3.86 0.09 -48.31
C ASP I 6 -3.47 -1.07 -49.23
N GLU I 7 -3.78 -2.28 -48.81
CA GLU I 7 -3.38 -3.48 -49.52
C GLU I 7 -3.89 -3.51 -50.98
N LYS I 8 -4.99 -2.79 -51.20
CA LYS I 8 -5.63 -2.72 -52.51
C LYS I 8 -4.91 -1.78 -53.47
N GLU I 9 -4.03 -0.93 -52.94
CA GLU I 9 -3.30 0.07 -53.74
C GLU I 9 -1.78 -0.07 -53.68
N ASN I 10 -1.25 -0.56 -52.55
CA ASN I 10 0.17 -0.40 -52.25
C ASN I 10 1.03 -1.67 -52.31
N VAL I 11 0.47 -2.78 -52.82
CA VAL I 11 1.22 -4.02 -53.10
C VAL I 11 1.60 -4.10 -54.59
N SER I 12 2.89 -4.28 -54.89
CA SER I 12 3.37 -4.18 -56.28
C SER I 12 3.76 -5.52 -56.94
N ASN I 13 4.53 -6.36 -56.23
CA ASN I 13 4.93 -7.69 -56.76
CA ASN I 13 4.93 -7.68 -56.76
C ASN I 13 5.17 -8.69 -55.63
N CYS I 14 5.24 -9.96 -55.98
CA CYS I 14 5.53 -11.01 -55.03
C CYS I 14 6.54 -11.97 -55.61
N ILE I 15 7.43 -12.46 -54.76
CA ILE I 15 8.44 -13.43 -55.16
CA ILE I 15 8.42 -13.44 -55.17
C ILE I 15 8.42 -14.60 -54.19
N GLN I 16 8.66 -15.81 -54.71
CA GLN I 16 8.81 -16.99 -53.86
C GLN I 16 10.28 -17.24 -53.70
N LEU I 17 10.72 -17.40 -52.46
CA LEU I 17 12.13 -17.51 -52.21
C LEU I 17 12.62 -18.93 -52.42
N LYS I 18 13.88 -19.03 -52.84
CA LYS I 18 14.56 -20.28 -53.01
C LYS I 18 15.16 -20.74 -51.70
N THR I 19 15.49 -22.02 -51.64
CA THR I 19 16.02 -22.66 -50.43
C THR I 19 17.14 -21.86 -49.77
N SER I 20 18.16 -21.54 -50.54
CA SER I 20 19.35 -20.86 -50.02
C SER I 20 19.01 -19.49 -49.39
N VAL I 21 18.11 -18.76 -50.03
CA VAL I 21 17.63 -17.47 -49.56
C VAL I 21 16.86 -17.65 -48.23
N ILE I 22 15.95 -18.62 -48.19
CA ILE I 22 15.16 -18.92 -46.97
C ILE I 22 16.06 -19.26 -45.76
N LYS I 23 17.09 -20.07 -45.99
CA LYS I 23 18.05 -20.44 -44.93
C LYS I 23 18.76 -19.21 -44.37
N GLY I 24 19.13 -18.28 -45.25
CA GLY I 24 19.77 -17.02 -44.86
C GLY I 24 18.85 -16.16 -44.02
N ILE I 25 17.58 -16.06 -44.45
CA ILE I 25 16.58 -15.26 -43.75
C ILE I 25 16.30 -15.87 -42.37
N LYS I 26 16.10 -17.18 -42.30
CA LYS I 26 15.88 -17.84 -41.00
C LYS I 26 17.05 -17.61 -40.05
N ASN I 27 18.28 -17.64 -40.58
CA ASN I 27 19.45 -17.36 -39.76
C ASN I 27 19.50 -15.92 -39.24
N GLN I 28 19.10 -14.96 -40.08
CA GLN I 28 18.90 -13.56 -39.68
C GLN I 28 17.86 -13.42 -38.58
N LEU I 29 16.72 -14.08 -38.75
CA LEU I 29 15.64 -14.05 -37.74
C LEU I 29 16.11 -14.61 -36.37
N ILE I 30 16.84 -15.72 -36.40
CA ILE I 30 17.36 -16.32 -35.16
C ILE I 30 18.37 -15.37 -34.52
N GLU I 31 19.21 -14.76 -35.34
CA GLU I 31 20.19 -13.78 -34.84
C GLU I 31 19.50 -12.59 -34.18
N GLN I 32 18.54 -12.02 -34.88
CA GLN I 32 17.75 -10.88 -34.37
C GLN I 32 16.93 -11.25 -33.13
N PHE I 33 16.23 -12.38 -33.20
CA PHE I 33 15.19 -12.77 -32.23
C PHE I 33 15.40 -14.21 -31.78
N PRO I 34 16.39 -14.46 -30.90
CA PRO I 34 16.73 -15.86 -30.52
C PRO I 34 15.58 -16.67 -29.94
N GLY I 35 14.60 -15.98 -29.36
CA GLY I 35 13.41 -16.63 -28.84
C GLY I 35 12.61 -17.36 -29.90
N ILE I 36 12.76 -16.94 -31.17
CA ILE I 36 11.91 -17.47 -32.25
C ILE I 36 12.32 -18.86 -32.70
N GLU I 37 13.56 -19.24 -32.43
CA GLU I 37 14.17 -20.46 -33.03
C GLU I 37 13.30 -21.75 -33.02
N PRO I 38 12.75 -22.15 -31.85
CA PRO I 38 12.01 -23.43 -31.85
C PRO I 38 10.61 -23.32 -32.42
N TRP I 39 10.23 -22.10 -32.79
CA TRP I 39 8.94 -21.83 -33.33
C TRP I 39 8.97 -21.70 -34.85
N LEU I 40 10.18 -21.57 -35.41
CA LEU I 40 10.34 -21.39 -36.87
C LEU I 40 9.74 -22.54 -37.69
N ASN I 41 9.85 -23.76 -37.21
CA ASN I 41 9.24 -24.90 -37.93
C ASN I 41 7.72 -24.86 -37.96
N GLN I 42 7.11 -24.15 -37.01
CA GLN I 42 5.67 -23.92 -37.01
C GLN I 42 5.28 -22.74 -37.88
N ILE I 43 5.95 -21.61 -37.71
CA ILE I 43 5.55 -20.44 -38.49
CA ILE I 43 5.69 -20.35 -38.43
C ILE I 43 6.11 -20.44 -39.90
N MET I 44 7.21 -21.17 -40.15
CA MET I 44 7.78 -21.33 -41.50
C MET I 44 8.15 -22.82 -41.76
N PRO I 45 7.13 -23.70 -41.84
CA PRO I 45 7.39 -25.13 -42.04
C PRO I 45 8.14 -25.35 -43.35
N LYS I 46 9.15 -26.21 -43.30
CA LYS I 46 10.12 -26.32 -44.39
C LYS I 46 9.47 -26.71 -45.70
N LYS I 47 8.36 -27.44 -45.65
CA LYS I 47 7.71 -27.89 -46.88
C LYS I 47 6.85 -26.81 -47.53
N ASP I 48 6.56 -25.72 -46.81
CA ASP I 48 5.65 -24.68 -47.30
C ASP I 48 6.37 -23.52 -47.99
N PRO I 49 5.73 -22.95 -49.03
CA PRO I 49 6.38 -21.83 -49.75
C PRO I 49 6.60 -20.61 -48.87
N VAL I 50 7.73 -19.95 -49.03
CA VAL I 50 8.04 -18.69 -48.33
C VAL I 50 8.07 -17.59 -49.38
N LYS I 51 7.23 -16.57 -49.20
CA LYS I 51 7.13 -15.49 -50.16
C LYS I 51 7.40 -14.12 -49.54
N ILE I 52 7.87 -13.20 -50.37
CA ILE I 52 8.02 -11.81 -49.98
C ILE I 52 7.08 -10.97 -50.81
N VAL I 53 6.17 -10.27 -50.14
CA VAL I 53 5.23 -9.36 -50.76
C VAL I 53 5.91 -7.97 -50.85
N ARG I 54 6.27 -7.55 -52.06
CA ARG I 54 6.89 -6.23 -52.28
C ARG I 54 5.82 -5.14 -52.33
N CYS I 55 6.03 -4.08 -51.53
CA CYS I 55 5.04 -3.01 -51.36
C CYS I 55 5.69 -1.68 -51.68
N HIS I 56 4.87 -0.63 -51.74
CA HIS I 56 5.35 0.71 -51.97
CA HIS I 56 5.34 0.72 -51.95
C HIS I 56 6.32 1.12 -50.84
N GLU I 57 7.10 2.18 -51.08
CA GLU I 57 8.04 2.71 -50.08
C GLU I 57 9.09 1.70 -49.61
N HIS I 58 9.46 0.79 -50.51
CA HIS I 58 10.55 -0.19 -50.33
C HIS I 58 10.31 -1.13 -49.17
N ILE I 59 9.04 -1.42 -48.93
CA ILE I 59 8.63 -2.31 -47.86
C ILE I 59 8.44 -3.71 -48.45
N GLU I 60 8.93 -4.71 -47.71
CA GLU I 60 8.69 -6.12 -48.02
C GLU I 60 8.07 -6.83 -46.82
N ILE I 61 7.07 -7.68 -47.07
CA ILE I 61 6.40 -8.48 -46.05
C ILE I 61 6.73 -9.94 -46.28
N LEU I 62 7.29 -10.60 -45.28
CA LEU I 62 7.60 -12.02 -45.35
C LEU I 62 6.32 -12.78 -44.97
N THR I 63 5.90 -13.69 -45.85
CA THR I 63 4.61 -14.39 -45.67
C THR I 63 4.76 -15.90 -45.91
N VAL I 64 4.04 -16.67 -45.10
CA VAL I 64 3.96 -18.13 -45.26
C VAL I 64 2.51 -18.54 -45.02
N ASN I 65 1.93 -19.28 -45.97
CA ASN I 65 0.55 -19.76 -45.88
C ASN I 65 -0.46 -18.62 -45.68
N GLY I 66 -0.18 -17.48 -46.32
CA GLY I 66 -1.05 -16.31 -46.24
C GLY I 66 -0.86 -15.44 -45.00
N GLU I 67 -0.11 -15.94 -44.02
CA GLU I 67 0.16 -15.21 -42.78
C GLU I 67 1.29 -14.22 -43.00
N LEU I 68 1.13 -13.03 -42.43
CA LEU I 68 2.14 -11.97 -42.51
C LEU I 68 2.99 -12.08 -41.23
N LEU I 69 4.26 -12.41 -41.39
CA LEU I 69 5.13 -12.81 -40.27
C LEU I 69 6.02 -11.65 -39.82
N PHE I 70 6.79 -11.14 -40.78
CA PHE I 70 7.76 -10.07 -40.54
C PHE I 70 7.75 -9.12 -41.72
N PHE I 71 8.23 -7.91 -41.50
CA PHE I 71 8.39 -6.91 -42.57
C PHE I 71 9.72 -6.15 -42.42
N ARG I 72 10.13 -5.49 -43.49
CA ARG I 72 11.35 -4.69 -43.48
C ARG I 72 11.20 -3.60 -44.50
N GLN I 73 12.07 -2.60 -44.40
CA GLN I 73 12.08 -1.46 -45.33
C GLN I 73 13.50 -1.25 -45.81
N ARG I 74 13.66 -1.03 -47.10
CA ARG I 74 14.98 -0.86 -47.71
C ARG I 74 15.98 -1.97 -47.31
N GLU I 75 15.49 -3.20 -47.24
CA GLU I 75 16.27 -4.39 -46.90
C GLU I 75 17.00 -4.29 -45.57
N GLY I 76 16.39 -3.55 -44.65
CA GLY I 76 16.90 -3.42 -43.31
C GLY I 76 16.52 -4.60 -42.43
N PRO I 77 16.60 -4.42 -41.10
CA PRO I 77 16.20 -5.49 -40.19
C PRO I 77 14.76 -5.89 -40.36
N PHE I 78 14.46 -7.16 -40.08
CA PHE I 78 13.08 -7.61 -40.05
C PHE I 78 12.45 -7.21 -38.71
N TYR I 79 11.17 -6.85 -38.78
CA TYR I 79 10.37 -6.52 -37.62
C TYR I 79 9.16 -7.47 -37.63
N PRO I 80 8.78 -8.02 -36.45
CA PRO I 80 7.57 -8.85 -36.45
C PRO I 80 6.29 -8.03 -36.69
N THR I 81 5.30 -8.61 -37.35
CA THR I 81 3.95 -8.02 -37.35
C THR I 81 3.39 -8.12 -35.93
N LEU I 82 2.43 -7.26 -35.60
CA LEU I 82 1.77 -7.28 -34.29
C LEU I 82 0.98 -8.54 -34.09
N ARG I 83 0.37 -9.04 -35.17
CA ARG I 83 -0.41 -10.28 -35.04
C ARG I 83 0.51 -11.44 -34.63
N LEU I 84 1.72 -11.49 -35.20
CA LEU I 84 2.70 -12.52 -34.81
C LEU I 84 3.21 -12.29 -33.39
N LEU I 85 3.55 -11.05 -33.09
CA LEU I 85 3.99 -10.69 -31.74
C LEU I 85 2.97 -11.08 -30.69
N HIS I 86 1.69 -10.83 -30.94
CA HIS I 86 0.68 -11.20 -29.96
C HIS I 86 0.63 -12.70 -29.67
N LYS I 87 0.95 -13.51 -30.68
CA LYS I 87 0.99 -14.95 -30.52
CA LYS I 87 0.99 -14.95 -30.52
C LYS I 87 2.29 -15.40 -29.85
N TYR I 88 3.36 -14.63 -30.06
CA TYR I 88 4.69 -14.96 -29.49
C TYR I 88 5.37 -13.74 -28.87
N PRO I 89 4.83 -13.25 -27.75
CA PRO I 89 5.26 -11.94 -27.24
C PRO I 89 6.67 -11.90 -26.69
N PHE I 90 7.25 -13.07 -26.43
CA PHE I 90 8.71 -13.21 -26.07
C PHE I 90 9.70 -12.86 -27.20
N ILE I 91 9.24 -12.68 -28.43
CA ILE I 91 10.11 -12.29 -29.55
C ILE I 91 10.95 -11.03 -29.14
N LEU I 92 10.34 -10.11 -28.38
CA LEU I 92 10.88 -8.73 -28.19
C LEU I 92 10.88 -8.26 -26.74
N PRO I 93 11.87 -7.44 -26.36
CA PRO I 93 11.73 -6.67 -25.13
C PRO I 93 10.57 -5.70 -25.26
N HIS I 94 10.09 -5.20 -24.14
CA HIS I 94 9.03 -4.22 -24.17
C HIS I 94 9.38 -2.94 -23.43
N GLN I 95 8.63 -1.88 -23.78
CA GLN I 95 8.69 -0.62 -23.05
C GLN I 95 7.23 -0.24 -22.79
N GLN I 96 6.96 0.37 -21.62
CA GLN I 96 5.60 0.78 -21.28
C GLN I 96 5.47 2.32 -21.28
N VAL I 97 4.63 2.83 -22.15
CA VAL I 97 4.40 4.26 -22.26
C VAL I 97 3.29 4.66 -21.29
N ASP I 98 3.22 5.96 -20.97
CA ASP I 98 2.22 6.44 -19.99
C ASP I 98 0.83 6.54 -20.65
N LYS I 99 -0.20 6.54 -19.79
N LYS I 99 -0.22 6.68 -19.82
CA LYS I 99 -1.57 6.81 -20.22
CA LYS I 99 -1.62 6.83 -20.29
C LYS I 99 -1.57 8.19 -20.85
C LYS I 99 -1.84 7.85 -21.44
N GLY I 100 -2.30 8.35 -21.96
N GLY I 100 -1.34 9.07 -21.27
CA GLY I 100 -2.32 9.63 -22.63
CA GLY I 100 -1.56 10.12 -22.26
C GLY I 100 -1.38 9.70 -23.81
C GLY I 100 -1.40 9.66 -23.71
N ALA I 101 -0.46 8.73 -23.92
CA ALA I 101 0.12 8.42 -25.22
C ALA I 101 -0.70 7.37 -26.00
N ILE I 102 -1.55 6.60 -25.35
CA ILE I 102 -2.29 5.48 -26.02
C ILE I 102 -3.06 5.87 -27.32
N LYS I 103 -3.93 6.86 -27.24
CA LYS I 103 -4.62 7.37 -28.43
C LYS I 103 -3.58 7.70 -29.50
N PHE I 104 -2.47 8.30 -29.10
CA PHE I 104 -1.50 8.78 -30.07
C PHE I 104 -0.65 7.66 -30.65
N VAL I 105 -0.30 6.68 -29.83
CA VAL I 105 0.41 5.50 -30.33
C VAL I 105 -0.47 4.82 -31.38
N LEU I 106 -1.77 4.75 -31.10
CA LEU I 106 -2.74 4.17 -32.02
C LEU I 106 -3.07 5.07 -33.22
N SER I 107 -2.38 6.22 -33.32
CA SER I 107 -2.40 7.07 -34.49
C SER I 107 -1.06 7.14 -35.24
N GLY I 108 -0.10 6.32 -34.83
CA GLY I 108 1.20 6.24 -35.49
C GLY I 108 2.25 7.16 -34.90
N ALA I 109 1.90 7.89 -33.85
CA ALA I 109 2.83 8.79 -33.18
C ALA I 109 4.04 8.06 -32.61
N ASN I 110 5.21 8.65 -32.82
CA ASN I 110 6.42 8.20 -32.13
C ASN I 110 6.34 8.41 -30.64
N ILE I 111 7.16 7.67 -29.90
CA ILE I 111 7.21 7.78 -28.43
C ILE I 111 8.29 8.78 -28.06
N MET I 112 7.87 9.87 -27.44
CA MET I 112 8.76 10.92 -26.99
C MET I 112 9.36 10.55 -25.60
N CYS I 113 10.59 10.97 -25.33
CA CYS I 113 11.23 10.60 -24.07
C CYS I 113 10.37 10.90 -22.84
N PRO I 114 9.71 12.07 -22.78
CA PRO I 114 8.88 12.34 -21.60
C PRO I 114 7.70 11.40 -21.41
N GLY I 115 7.35 10.66 -22.44
CA GLY I 115 6.35 9.62 -22.34
C GLY I 115 6.86 8.34 -21.70
N LEU I 116 8.18 8.25 -21.49
CA LEU I 116 8.83 7.04 -20.96
C LEU I 116 9.46 7.25 -19.59
N THR I 117 9.52 8.51 -19.12
CA THR I 117 10.24 8.86 -17.90
C THR I 117 9.32 9.16 -16.71
N SER I 118 8.01 9.23 -16.98
CA SER I 118 7.00 9.60 -15.98
C SER I 118 6.67 8.41 -15.08
N PRO I 119 5.92 8.65 -13.98
CA PRO I 119 5.67 7.53 -13.10
C PRO I 119 4.78 6.42 -13.70
N GLY I 120 3.89 6.78 -14.62
CA GLY I 120 3.03 5.80 -15.29
C GLY I 120 3.70 5.01 -16.42
N ALA I 121 4.96 5.32 -16.71
CA ALA I 121 5.73 4.61 -17.74
C ALA I 121 6.64 3.60 -17.07
N LYS I 122 7.15 2.65 -17.86
CA LYS I 122 8.15 1.70 -17.39
C LYS I 122 9.19 1.58 -18.51
N LEU I 123 10.42 1.97 -18.21
CA LEU I 123 11.51 2.01 -19.17
C LEU I 123 12.59 0.98 -18.77
N TYR I 124 12.88 0.07 -19.69
CA TYR I 124 13.88 -1.01 -19.52
C TYR I 124 15.08 -0.84 -20.43
N PRO I 125 16.24 -1.43 -20.06
CA PRO I 125 17.43 -1.25 -20.87
C PRO I 125 17.19 -1.71 -22.32
N ALA I 126 17.67 -0.91 -23.27
CA ALA I 126 17.49 -1.21 -24.66
C ALA I 126 18.39 -0.27 -25.39
N ALA I 127 19.18 -0.83 -26.29
CA ALA I 127 20.13 -0.08 -27.05
C ALA I 127 19.47 0.52 -28.29
N VAL I 128 20.11 1.52 -28.86
CA VAL I 128 19.69 2.08 -30.16
C VAL I 128 19.58 0.95 -31.18
N ASP I 129 18.48 0.98 -31.95
CA ASP I 129 18.12 -0.01 -32.97
C ASP I 129 17.43 -1.26 -32.41
N THR I 130 17.35 -1.41 -31.09
CA THR I 130 16.63 -2.56 -30.55
C THR I 130 15.13 -2.41 -30.84
N ILE I 131 14.55 -3.50 -31.35
CA ILE I 131 13.16 -3.58 -31.73
C ILE I 131 12.36 -4.00 -30.48
N VAL I 132 11.31 -3.25 -30.19
CA VAL I 132 10.58 -3.42 -28.92
C VAL I 132 9.08 -3.43 -29.12
N ALA I 133 8.41 -4.10 -28.21
CA ALA I 133 6.96 -4.02 -28.12
C ALA I 133 6.64 -2.81 -27.25
N ILE I 134 5.67 -2.00 -27.70
CA ILE I 134 5.18 -0.86 -26.92
C ILE I 134 3.88 -1.26 -26.23
N MET I 135 3.88 -1.19 -24.92
CA MET I 135 2.73 -1.57 -24.07
C MET I 135 2.16 -0.36 -23.35
N ALA I 136 0.87 -0.45 -23.04
CA ALA I 136 0.21 0.46 -22.10
C ALA I 136 -0.13 -0.34 -20.85
N ALA I 137 -0.13 0.29 -19.69
CA ALA I 137 -0.65 -0.38 -18.48
C ALA I 137 -2.10 -0.86 -18.68
N GLY I 138 -2.90 -0.08 -19.42
CA GLY I 138 -4.33 -0.37 -19.65
C GLY I 138 -4.66 -1.38 -20.71
N ALA I 139 -3.65 -2.08 -21.24
CA ALA I 139 -3.83 -3.05 -22.30
C ALA I 139 -2.83 -4.20 -22.17
N ALA I 140 -3.32 -5.43 -22.33
CA ALA I 140 -2.52 -6.66 -22.15
C ALA I 140 -1.67 -7.05 -23.39
N HIS I 141 -2.01 -6.47 -24.55
CA HIS I 141 -1.38 -6.81 -25.81
C HIS I 141 -0.61 -5.60 -26.31
N ALA I 142 0.56 -5.84 -26.88
CA ALA I 142 1.35 -4.75 -27.46
C ALA I 142 0.50 -3.91 -28.44
N LEU I 143 0.60 -2.59 -28.32
CA LEU I 143 -0.17 -1.70 -29.18
C LEU I 143 0.63 -1.27 -30.42
N CYS I 144 1.96 -1.34 -30.33
CA CYS I 144 2.80 -1.04 -31.49
C CYS I 144 4.18 -1.74 -31.40
N VAL I 145 4.84 -1.83 -32.55
CA VAL I 145 6.23 -2.25 -32.64
C VAL I 145 7.03 -0.98 -32.85
N GLY I 146 8.10 -0.87 -32.06
CA GLY I 146 8.98 0.28 -32.10
C GLY I 146 10.41 -0.10 -32.26
N VAL I 147 11.21 0.91 -32.61
CA VAL I 147 12.66 0.78 -32.69
CA VAL I 147 12.67 0.80 -32.73
C VAL I 147 13.29 1.91 -31.88
N MET I 148 14.13 1.54 -30.92
CA MET I 148 14.83 2.52 -30.09
C MET I 148 15.67 3.45 -30.96
N LYS I 149 15.44 4.76 -30.82
CA LYS I 149 16.25 5.79 -31.50
C LYS I 149 17.32 6.37 -30.56
N MET I 150 17.04 6.23 -29.28
CA MET I 150 17.96 6.57 -28.21
CA MET I 150 17.96 6.56 -28.19
C MET I 150 18.01 5.37 -27.28
N SER I 151 19.13 5.15 -26.63
CA SER I 151 19.18 4.08 -25.63
C SER I 151 18.24 4.43 -24.45
N ALA I 152 17.78 3.41 -23.72
CA ALA I 152 16.93 3.65 -22.55
C ALA I 152 17.65 4.53 -21.52
N GLU I 153 18.95 4.30 -21.35
CA GLU I 153 19.78 5.09 -20.46
C GLU I 153 19.76 6.60 -20.87
N ASP I 154 19.90 6.86 -22.16
CA ASP I 154 19.96 8.25 -22.66
C ASP I 154 18.60 8.91 -22.60
N ILE I 155 17.53 8.15 -22.87
CA ILE I 155 16.14 8.63 -22.72
C ILE I 155 15.94 9.21 -21.32
N GLU I 156 16.39 8.47 -20.31
CA GLU I 156 16.22 8.88 -18.91
C GLU I 156 17.07 10.10 -18.59
N LYS I 157 18.27 10.17 -19.16
CA LYS I 157 19.15 11.30 -18.91
C LYS I 157 18.69 12.61 -19.57
N VAL I 158 18.23 12.53 -20.83
CA VAL I 158 17.98 13.68 -21.67
C VAL I 158 16.51 14.13 -21.60
N ASN I 159 15.57 13.18 -21.48
CA ASN I 159 14.13 13.50 -21.38
C ASN I 159 13.62 14.53 -22.42
N LYS I 160 14.07 14.38 -23.65
CA LYS I 160 13.71 15.26 -24.74
C LYS I 160 14.01 14.57 -26.06
N GLY I 161 13.06 14.66 -27.00
CA GLY I 161 13.21 14.16 -28.34
C GLY I 161 12.54 12.82 -28.51
N ILE I 162 12.65 12.28 -29.72
CA ILE I 162 12.07 10.97 -30.04
C ILE I 162 12.90 9.87 -29.42
N GLY I 163 12.30 9.11 -28.51
CA GLY I 163 12.97 7.97 -27.90
C GLY I 163 12.82 6.68 -28.67
N ILE I 164 11.62 6.44 -29.17
CA ILE I 164 11.28 5.21 -29.89
C ILE I 164 10.43 5.56 -31.11
N GLU I 165 10.81 5.04 -32.27
CA GLU I 165 10.03 5.23 -33.52
C GLU I 165 8.93 4.17 -33.62
N ASN I 166 7.71 4.64 -33.81
CA ASN I 166 6.54 3.78 -33.94
C ASN I 166 6.44 3.39 -35.40
N ILE I 167 6.70 2.11 -35.66
CA ILE I 167 6.82 1.51 -37.01
CA ILE I 167 6.75 1.63 -37.07
C ILE I 167 5.53 0.81 -37.49
N HIS I 168 4.71 0.35 -36.55
CA HIS I 168 3.57 -0.50 -36.87
C HIS I 168 2.69 -0.56 -35.65
N TYR I 169 1.41 -0.24 -35.80
CA TYR I 169 0.50 -0.20 -34.67
C TYR I 169 -0.84 -0.86 -34.94
N LEU I 170 -1.55 -1.11 -33.86
CA LEU I 170 -2.79 -1.86 -33.90
C LEU I 170 -3.79 -1.11 -34.77
N ASN I 171 -4.34 -1.81 -35.77
N ASN I 171 -4.29 -1.85 -35.77
CA ASN I 171 -5.30 -1.21 -36.73
CA ASN I 171 -5.23 -1.36 -36.77
C ASN I 171 -4.72 -0.29 -37.78
C ASN I 171 -4.70 -0.21 -37.62
N ASP I 172 -3.41 -0.28 -37.94
CA ASP I 172 -2.85 0.42 -39.12
C ASP I 172 -3.13 -0.42 -40.39
N GLY I 173 -2.60 0.00 -41.52
CA GLY I 173 -2.89 -0.65 -42.81
C GLY I 173 -2.43 -2.10 -42.86
N LEU I 174 -1.30 -2.40 -42.21
CA LEU I 174 -0.74 -3.73 -42.19
C LEU I 174 -1.60 -4.68 -41.34
N TRP I 175 -1.97 -4.20 -40.15
CA TRP I 175 -2.89 -4.93 -39.30
C TRP I 175 -4.17 -5.27 -40.08
N HIS I 176 -4.76 -4.26 -40.70
CA HIS I 176 -5.99 -4.42 -41.49
CA HIS I 176 -5.99 -4.45 -41.46
C HIS I 176 -5.82 -5.42 -42.63
N MET I 177 -4.69 -5.38 -43.33
CA MET I 177 -4.42 -6.30 -44.45
C MET I 177 -4.63 -7.75 -43.99
N LYS I 178 -4.07 -8.06 -42.82
CA LYS I 178 -4.29 -9.34 -42.09
C LYS I 178 -3.68 -10.59 -42.73
N THR I 179 -4.06 -10.88 -43.98
CA THR I 179 -3.51 -11.99 -44.75
C THR I 179 -3.13 -11.53 -46.16
N TYR I 180 -2.19 -12.25 -46.80
CA TYR I 180 -1.81 -11.97 -48.17
C TYR I 180 -2.74 -12.66 -49.19
N LYS I 181 -2.95 -11.97 -50.31
CA LYS I 181 -3.82 -12.41 -51.40
C LYS I 181 -3.11 -12.03 -52.70
N ALA I 182 -2.80 -13.01 -53.56
CA ALA I 182 -1.99 -12.74 -54.77
C ALA I 182 -2.75 -12.00 -55.90
N HIS I 183 -4.04 -11.75 -55.69
CA HIS I 183 -4.86 -10.98 -56.66
C HIS I 183 -4.76 -9.44 -56.51
N HIS I 184 -4.08 -8.97 -55.45
CA HIS I 184 -3.93 -7.53 -55.20
C HIS I 184 -2.82 -6.86 -56.05
N HIS I 185 -2.10 -7.65 -56.86
CA HIS I 185 -1.10 -7.10 -57.79
C HIS I 185 -0.90 -7.98 -59.04
N HIS I 186 -0.29 -7.39 -60.07
CA HIS I 186 0.01 -8.10 -61.31
C HIS I 186 1.34 -8.84 -61.16
N HIS I 187 1.52 -9.91 -61.94
CA HIS I 187 2.67 -10.80 -61.75
C HIS I 187 3.62 -10.85 -62.94
N MET J 1 3.27 36.15 -19.70
CA MET J 1 3.31 37.03 -20.93
C MET J 1 1.94 37.65 -21.26
N PHE J 2 0.86 37.06 -20.77
CA PHE J 2 -0.50 37.46 -21.18
C PHE J 2 -1.45 37.74 -20.02
N LYS J 3 -0.93 37.97 -18.83
CA LYS J 3 -1.78 38.18 -17.68
C LYS J 3 -2.66 39.43 -17.83
N LYS J 4 -2.08 40.47 -18.42
CA LYS J 4 -2.80 41.73 -18.66
C LYS J 4 -3.21 41.92 -20.12
N PHE J 5 -3.07 40.86 -20.94
CA PHE J 5 -3.41 40.90 -22.38
C PHE J 5 -4.92 40.94 -22.59
N ASP J 6 -5.34 41.86 -23.45
CA ASP J 6 -6.76 42.02 -23.82
C ASP J 6 -6.85 42.08 -25.33
N GLU J 7 -7.54 41.11 -25.93
CA GLU J 7 -7.64 40.99 -27.38
C GLU J 7 -8.24 42.26 -28.04
N LYS J 8 -9.09 42.94 -27.30
CA LYS J 8 -9.74 44.14 -27.78
C LYS J 8 -8.85 45.38 -27.77
N GLU J 9 -7.72 45.33 -27.05
CA GLU J 9 -6.79 46.47 -26.93
C GLU J 9 -5.37 46.21 -27.47
N ASN J 10 -4.89 44.98 -27.37
CA ASN J 10 -3.45 44.70 -27.53
C ASN J 10 -3.05 43.97 -28.83
N VAL J 11 -3.97 43.88 -29.79
CA VAL J 11 -3.66 43.37 -31.14
C VAL J 11 -3.41 44.56 -32.07
N SER J 12 -2.27 44.55 -32.77
CA SER J 12 -1.84 45.71 -33.58
CA SER J 12 -1.83 45.70 -33.58
C SER J 12 -1.98 45.49 -35.10
N ASN J 13 -1.41 44.39 -35.62
CA ASN J 13 -1.47 44.11 -37.07
C ASN J 13 -1.45 42.62 -37.40
N CYS J 14 -1.63 42.30 -38.67
CA CYS J 14 -1.63 40.92 -39.13
C CYS J 14 -1.03 40.81 -40.52
N ILE J 15 -0.20 39.77 -40.69
CA ILE J 15 0.41 39.45 -41.96
CA ILE J 15 0.39 39.46 -41.96
C ILE J 15 0.08 38.02 -42.34
N GLN J 16 -0.15 37.77 -43.63
CA GLN J 16 -0.29 36.42 -44.13
C GLN J 16 1.03 36.01 -44.79
N LEU J 17 1.52 34.80 -44.48
CA LEU J 17 2.83 34.36 -44.93
C LEU J 17 2.82 33.72 -46.32
N LYS J 18 3.92 33.88 -47.04
CA LYS J 18 4.13 33.21 -48.34
C LYS J 18 4.53 31.74 -48.17
N THR J 19 4.28 30.93 -49.20
CA THR J 19 4.48 29.47 -49.12
C THR J 19 5.88 29.08 -48.66
N SER J 20 6.89 29.75 -49.21
CA SER J 20 8.28 29.44 -48.88
CA SER J 20 8.28 29.43 -48.87
C SER J 20 8.60 29.75 -47.41
N VAL J 21 8.08 30.87 -46.90
CA VAL J 21 8.25 31.22 -45.50
C VAL J 21 7.49 30.23 -44.56
N ILE J 22 6.27 29.86 -44.94
CA ILE J 22 5.49 28.86 -44.16
C ILE J 22 6.23 27.53 -44.06
N LYS J 23 6.77 27.03 -45.19
CA LYS J 23 7.55 25.77 -45.22
C LYS J 23 8.73 25.84 -44.27
N GLY J 24 9.42 26.98 -44.30
CA GLY J 24 10.53 27.25 -43.37
C GLY J 24 10.12 27.16 -41.92
N ILE J 25 9.03 27.83 -41.57
CA ILE J 25 8.51 27.82 -40.19
C ILE J 25 8.15 26.41 -39.74
N LYS J 26 7.47 25.66 -40.60
CA LYS J 26 7.12 24.27 -40.30
C LYS J 26 8.37 23.42 -40.05
N ASN J 27 9.38 23.55 -40.91
CA ASN J 27 10.65 22.80 -40.75
C ASN J 27 11.28 23.09 -39.37
N GLN J 28 11.16 24.33 -38.91
CA GLN J 28 11.68 24.71 -37.59
C GLN J 28 10.78 24.35 -36.40
N LEU J 29 9.46 24.34 -36.58
CA LEU J 29 8.58 23.76 -35.54
C LEU J 29 8.87 22.27 -35.35
N ILE J 30 9.15 21.58 -36.44
CA ILE J 30 9.53 20.15 -36.38
C ILE J 30 10.79 19.96 -35.54
N GLU J 31 11.75 20.89 -35.69
CA GLU J 31 12.99 20.84 -34.93
C GLU J 31 12.76 21.09 -33.45
N GLN J 32 11.93 22.10 -33.14
CA GLN J 32 11.62 22.45 -31.76
C GLN J 32 10.81 21.37 -31.05
N PHE J 33 9.81 20.84 -31.76
CA PHE J 33 8.80 19.93 -31.23
C PHE J 33 8.65 18.70 -32.12
N PRO J 34 9.64 17.77 -32.09
CA PRO J 34 9.60 16.66 -33.07
C PRO J 34 8.34 15.79 -33.03
N GLY J 35 7.68 15.69 -31.88
CA GLY J 35 6.42 15.01 -31.79
C GLY J 35 5.32 15.59 -32.68
N ILE J 36 5.47 16.85 -33.09
CA ILE J 36 4.43 17.54 -33.88
C ILE J 36 4.38 17.16 -35.37
N GLU J 37 5.49 16.64 -35.91
CA GLU J 37 5.63 16.42 -37.37
C GLU J 37 4.44 15.76 -38.13
N PRO J 38 3.96 14.57 -37.68
CA PRO J 38 2.88 13.94 -38.46
C PRO J 38 1.52 14.65 -38.33
N TRP J 39 1.46 15.69 -37.50
CA TRP J 39 0.25 16.40 -37.19
C TRP J 39 0.22 17.78 -37.83
N LEU J 40 1.36 18.25 -38.30
CA LEU J 40 1.48 19.61 -38.80
C LEU J 40 0.60 19.88 -40.00
N ASN J 41 0.43 18.91 -40.87
CA ASN J 41 -0.43 19.08 -42.05
C ASN J 41 -1.91 19.15 -41.69
N GLN J 42 -2.28 18.73 -40.49
CA GLN J 42 -3.65 18.88 -40.00
C GLN J 42 -3.85 20.19 -39.24
N ILE J 43 -2.83 20.60 -38.50
CA ILE J 43 -2.83 21.83 -37.73
CA ILE J 43 -2.96 21.85 -37.76
C ILE J 43 -2.69 23.03 -38.68
N MET J 44 -1.87 22.82 -39.72
CA MET J 44 -1.57 23.86 -40.71
C MET J 44 -1.73 23.28 -42.13
N PRO J 45 -2.98 23.02 -42.57
CA PRO J 45 -3.19 22.45 -43.89
C PRO J 45 -2.52 23.28 -44.98
N LYS J 46 -1.83 22.61 -45.87
CA LYS J 46 -1.02 23.26 -46.89
C LYS J 46 -1.85 24.28 -47.68
N LYS J 47 -3.14 23.97 -47.87
CA LYS J 47 -4.07 24.84 -48.63
C LYS J 47 -4.42 26.14 -47.92
N ASP J 48 -4.47 26.10 -46.59
CA ASP J 48 -5.06 27.19 -45.82
C ASP J 48 -4.06 28.30 -45.52
N PRO J 49 -4.56 29.56 -45.46
CA PRO J 49 -3.76 30.73 -45.05
C PRO J 49 -3.13 30.60 -43.68
N VAL J 50 -1.84 30.96 -43.59
CA VAL J 50 -1.15 31.04 -42.31
C VAL J 50 -0.86 32.51 -42.07
N LYS J 51 -1.30 33.00 -40.93
CA LYS J 51 -1.14 34.39 -40.55
C LYS J 51 -0.38 34.55 -39.23
N ILE J 52 0.37 35.64 -39.14
CA ILE J 52 1.00 36.04 -37.88
C ILE J 52 0.35 37.32 -37.37
N VAL J 53 -0.27 37.22 -36.21
CA VAL J 53 -0.90 38.33 -35.53
C VAL J 53 0.13 39.02 -34.64
N ARG J 54 0.42 40.29 -34.98
CA ARG J 54 1.36 41.10 -34.21
C ARG J 54 0.62 41.76 -33.09
N CYS J 55 1.18 41.65 -31.88
CA CYS J 55 0.56 42.18 -30.68
C CYS J 55 1.53 43.15 -30.00
N HIS J 56 1.07 43.78 -28.93
CA HIS J 56 1.94 44.65 -28.14
CA HIS J 56 1.91 44.64 -28.09
C HIS J 56 3.05 43.83 -27.47
N GLU J 57 4.06 44.53 -26.96
CA GLU J 57 5.17 43.88 -26.25
C GLU J 57 5.92 42.87 -27.14
N HIS J 58 5.96 43.16 -28.44
CA HIS J 58 6.71 42.38 -29.43
C HIS J 58 6.27 40.92 -29.48
N ILE J 59 4.98 40.72 -29.26
CA ILE J 59 4.40 39.35 -29.30
C ILE J 59 3.80 39.06 -30.68
N GLU J 60 4.11 37.87 -31.24
CA GLU J 60 3.49 37.37 -32.48
C GLU J 60 2.77 36.08 -32.17
N ILE J 61 1.60 35.89 -32.75
CA ILE J 61 0.82 34.65 -32.64
C ILE J 61 0.64 34.03 -33.99
N LEU J 62 1.08 32.79 -34.15
CA LEU J 62 0.87 32.04 -35.38
C LEU J 62 -0.55 31.49 -35.39
N THR J 63 -1.32 31.80 -36.43
CA THR J 63 -2.71 31.39 -36.51
C THR J 63 -3.06 30.75 -37.88
N VAL J 64 -3.95 29.75 -37.85
CA VAL J 64 -4.51 29.12 -39.04
C VAL J 64 -6.01 28.90 -38.82
N ASN J 65 -6.82 29.36 -39.76
CA ASN J 65 -8.30 29.24 -39.65
C ASN J 65 -8.85 29.79 -38.34
N GLY J 66 -8.27 30.92 -37.88
CA GLY J 66 -8.69 31.58 -36.67
C GLY J 66 -8.11 31.01 -35.38
N GLU J 67 -7.64 29.76 -35.43
CA GLU J 67 -7.11 29.06 -34.25
C GLU J 67 -5.74 29.61 -33.90
N LEU J 68 -5.48 29.77 -32.61
CA LEU J 68 -4.20 30.27 -32.14
C LEU J 68 -3.29 29.06 -31.82
N LEU J 69 -2.22 28.92 -32.59
CA LEU J 69 -1.38 27.71 -32.56
C LEU J 69 -0.11 27.88 -31.71
N PHE J 70 0.68 28.90 -32.04
CA PHE J 70 1.94 29.15 -31.35
C PHE J 70 2.10 30.65 -31.16
N PHE J 71 2.98 31.03 -30.24
CA PHE J 71 3.31 32.44 -30.06
C PHE J 71 4.79 32.62 -29.79
N ARG J 72 5.30 33.82 -30.04
CA ARG J 72 6.72 34.11 -29.77
C ARG J 72 6.89 35.57 -29.42
N GLN J 73 8.07 35.90 -28.89
CA GLN J 73 8.43 37.28 -28.60
C GLN J 73 9.73 37.63 -29.34
N ARG J 74 9.73 38.79 -30.00
CA ARG J 74 10.87 39.26 -30.84
C ARG J 74 11.49 38.21 -31.77
N GLU J 75 10.63 37.52 -32.51
CA GLU J 75 11.03 36.45 -33.43
C GLU J 75 11.90 35.37 -32.81
N GLY J 76 11.72 35.18 -31.50
CA GLY J 76 12.37 34.13 -30.76
C GLY J 76 11.71 32.78 -31.00
N PRO J 77 12.03 31.80 -30.14
CA PRO J 77 11.46 30.46 -30.26
C PRO J 77 9.92 30.51 -30.18
N PHE J 78 9.24 29.65 -30.95
CA PHE J 78 7.79 29.52 -30.79
C PHE J 78 7.46 28.70 -29.56
N TYR J 79 6.34 29.04 -28.94
CA TYR J 79 5.78 28.31 -27.80
C TYR J 79 4.35 27.92 -28.18
N PRO J 80 3.94 26.67 -27.86
CA PRO J 80 2.52 26.33 -28.11
C PRO J 80 1.55 27.03 -27.22
N THR J 81 0.39 27.37 -27.76
CA THR J 81 -0.71 27.78 -26.93
C THR J 81 -1.19 26.56 -26.10
N LEU J 82 -1.76 26.82 -24.94
CA LEU J 82 -2.29 25.74 -24.06
C LEU J 82 -3.42 24.99 -24.73
N ARG J 83 -4.25 25.69 -25.48
CA ARG J 83 -5.33 25.00 -26.19
C ARG J 83 -4.76 23.99 -27.20
N LEU J 84 -3.65 24.32 -27.87
CA LEU J 84 -2.99 23.37 -28.77
C LEU J 84 -2.35 22.22 -28.00
N LEU J 85 -1.62 22.57 -26.94
CA LEU J 85 -0.90 21.60 -26.12
C LEU J 85 -1.87 20.59 -25.56
N HIS J 86 -3.04 21.05 -25.12
CA HIS J 86 -4.04 20.11 -24.57
C HIS J 86 -4.44 19.01 -25.55
N LYS J 87 -4.44 19.36 -26.85
CA LYS J 87 -4.80 18.41 -27.89
CA LYS J 87 -4.79 18.42 -27.92
C LYS J 87 -3.66 17.47 -28.25
N TYR J 88 -2.41 17.96 -28.10
CA TYR J 88 -1.19 17.25 -28.46
C TYR J 88 -0.17 17.37 -27.31
N PRO J 89 -0.47 16.77 -26.15
CA PRO J 89 0.30 17.07 -24.92
C PRO J 89 1.74 16.58 -24.99
N PHE J 90 1.98 15.65 -25.91
CA PHE J 90 3.27 14.93 -26.02
C PHE J 90 4.38 15.78 -26.64
N ILE J 91 4.05 16.96 -27.13
CA ILE J 91 5.02 17.78 -27.83
C ILE J 91 5.96 18.53 -26.90
N LEU J 92 5.64 18.57 -25.59
CA LEU J 92 6.56 19.14 -24.59
C LEU J 92 6.86 18.14 -23.46
N PRO J 93 8.10 18.14 -22.96
CA PRO J 93 8.35 17.51 -21.67
C PRO J 93 7.53 18.24 -20.64
N HIS J 94 7.24 17.58 -19.51
CA HIS J 94 6.56 18.25 -18.45
C HIS J 94 7.37 18.32 -17.16
N GLN J 95 7.02 19.30 -16.35
CA GLN J 95 7.52 19.40 -14.99
C GLN J 95 6.32 19.40 -14.07
N GLN J 96 6.45 18.71 -12.94
CA GLN J 96 5.36 18.58 -12.01
C GLN J 96 5.63 19.51 -10.80
N VAL J 97 4.89 20.62 -10.75
CA VAL J 97 5.00 21.61 -9.68
C VAL J 97 4.36 21.07 -8.43
N ASP J 98 4.80 21.57 -7.25
CA ASP J 98 4.13 21.25 -6.01
C ASP J 98 2.61 21.26 -6.20
N LYS J 99 1.97 20.21 -5.73
CA LYS J 99 0.52 20.03 -5.91
C LYS J 99 -0.35 21.14 -5.32
N GLY J 100 0.12 21.82 -4.26
CA GLY J 100 -0.64 22.91 -3.65
C GLY J 100 -0.56 24.27 -4.35
N ALA J 101 0.20 24.34 -5.45
CA ALA J 101 0.51 25.62 -6.13
C ALA J 101 -0.50 26.07 -7.21
N ILE J 102 -1.56 25.32 -7.41
CA ILE J 102 -2.44 25.54 -8.57
C ILE J 102 -2.93 26.99 -8.67
N LYS J 103 -3.46 27.54 -7.58
CA LYS J 103 -3.99 28.92 -7.59
C LYS J 103 -3.00 29.92 -8.13
N PHE J 104 -1.75 29.78 -7.69
CA PHE J 104 -0.70 30.73 -8.02
C PHE J 104 -0.20 30.59 -9.45
N VAL J 105 -0.04 29.36 -9.93
CA VAL J 105 0.28 29.10 -11.33
C VAL J 105 -0.80 29.70 -12.25
N LEU J 106 -2.05 29.57 -11.82
CA LEU J 106 -3.20 30.12 -12.56
C LEU J 106 -3.38 31.65 -12.33
N SER J 107 -2.37 32.29 -11.72
CA SER J 107 -2.30 33.74 -11.60
C SER J 107 -1.01 34.29 -12.22
N GLY J 108 -0.29 33.45 -12.98
CA GLY J 108 0.89 33.87 -13.69
C GLY J 108 2.18 33.78 -12.91
N ALA J 109 2.14 33.23 -11.70
CA ALA J 109 3.33 33.15 -10.87
C ALA J 109 4.38 32.20 -11.47
N ASN J 110 5.64 32.61 -11.44
CA ASN J 110 6.73 31.77 -11.93
C ASN J 110 6.89 30.55 -11.01
N ILE J 111 7.55 29.50 -11.51
CA ILE J 111 7.79 28.28 -10.72
C ILE J 111 9.16 28.42 -10.07
N MET J 112 9.18 28.49 -8.75
CA MET J 112 10.43 28.74 -8.01
C MET J 112 11.06 27.37 -7.65
N CYS J 113 12.39 27.31 -7.48
CA CYS J 113 13.07 25.98 -7.30
C CYS J 113 12.41 25.17 -6.15
N PRO J 114 12.06 25.82 -5.01
CA PRO J 114 11.41 25.03 -3.93
C PRO J 114 10.05 24.42 -4.28
N GLY J 115 9.41 24.92 -5.30
CA GLY J 115 8.16 24.33 -5.81
C GLY J 115 8.37 23.11 -6.70
N LEU J 116 9.64 22.86 -7.06
CA LEU J 116 10.05 21.73 -7.90
C LEU J 116 10.89 20.67 -7.13
N THR J 117 11.51 21.09 -6.01
CA THR J 117 12.35 20.18 -5.24
C THR J 117 11.62 19.60 -4.01
N SER J 118 10.40 20.06 -3.75
CA SER J 118 9.58 19.52 -2.68
C SER J 118 9.22 18.06 -2.94
N PRO J 119 8.90 17.31 -1.87
CA PRO J 119 8.30 15.96 -2.07
C PRO J 119 7.00 15.99 -2.89
N GLY J 120 6.25 17.08 -2.83
CA GLY J 120 4.97 17.21 -3.57
C GLY J 120 5.11 17.53 -5.07
N ALA J 121 6.37 17.64 -5.53
CA ALA J 121 6.73 17.97 -6.92
C ALA J 121 7.54 16.84 -7.57
N LYS J 122 7.74 16.95 -8.89
CA LYS J 122 8.55 15.97 -9.68
C LYS J 122 9.34 16.74 -10.73
N LEU J 123 10.65 16.86 -10.51
CA LEU J 123 11.56 17.53 -11.42
C LEU J 123 12.23 16.53 -12.37
N TYR J 124 12.17 16.81 -13.67
CA TYR J 124 12.67 15.95 -14.70
C TYR J 124 13.81 16.66 -15.40
N PRO J 125 14.72 15.89 -16.02
CA PRO J 125 15.82 16.56 -16.70
C PRO J 125 15.31 17.57 -17.75
N ALA J 126 15.96 18.73 -17.83
CA ALA J 126 15.60 19.77 -18.78
C ALA J 126 16.70 20.85 -18.82
N ALA J 127 17.27 21.13 -19.99
CA ALA J 127 18.28 22.18 -20.13
C ALA J 127 17.64 23.58 -20.05
N VAL J 128 18.46 24.59 -19.74
CA VAL J 128 17.96 25.96 -19.74
C VAL J 128 17.33 26.24 -21.09
N ASP J 129 16.27 27.04 -21.07
CA ASP J 129 15.51 27.43 -22.26
C ASP J 129 14.59 26.34 -22.82
N THR J 130 14.55 25.16 -22.20
CA THR J 130 13.63 24.12 -22.62
C THR J 130 12.21 24.56 -22.31
N ILE J 131 11.34 24.43 -23.31
CA ILE J 131 9.93 24.77 -23.17
C ILE J 131 9.18 23.54 -22.60
N VAL J 132 8.42 23.74 -21.52
CA VAL J 132 7.82 22.63 -20.75
C VAL J 132 6.36 22.87 -20.40
N ALA J 133 5.61 21.78 -20.25
CA ALA J 133 4.27 21.84 -19.73
C ALA J 133 4.35 21.75 -18.21
N ILE J 134 3.64 22.63 -17.54
CA ILE J 134 3.60 22.59 -16.09
C ILE J 134 2.32 21.87 -15.67
N MET J 135 2.49 20.79 -14.92
CA MET J 135 1.41 19.95 -14.45
C MET J 135 1.36 20.01 -12.90
N ALA J 136 0.15 19.94 -12.36
CA ALA J 136 -0.08 19.73 -10.93
C ALA J 136 -0.89 18.44 -10.81
N ALA J 137 -0.64 17.67 -9.75
CA ALA J 137 -1.27 16.36 -9.59
C ALA J 137 -2.79 16.39 -9.71
N GLY J 138 -3.41 17.48 -9.24
CA GLY J 138 -4.88 17.59 -9.23
C GLY J 138 -5.57 17.90 -10.56
N ALA J 139 -4.80 18.07 -11.64
CA ALA J 139 -5.37 18.40 -12.95
C ALA J 139 -4.70 17.57 -14.05
N ALA J 140 -5.50 16.98 -14.92
CA ALA J 140 -4.98 16.14 -16.04
C ALA J 140 -4.41 16.92 -17.22
N HIS J 141 -4.67 18.21 -17.26
CA HIS J 141 -4.29 19.07 -18.37
C HIS J 141 -3.25 20.09 -17.85
N ALA J 142 -2.29 20.44 -18.71
CA ALA J 142 -1.28 21.43 -18.38
C ALA J 142 -1.92 22.75 -17.93
N LEU J 143 -1.43 23.31 -16.82
CA LEU J 143 -1.93 24.59 -16.28
C LEU J 143 -1.24 25.79 -16.92
N CYS J 144 0.00 25.60 -17.32
CA CYS J 144 0.77 26.61 -18.00
C CYS J 144 1.85 26.03 -18.88
N VAL J 145 2.35 26.88 -19.77
CA VAL J 145 3.54 26.63 -20.54
C VAL J 145 4.64 27.42 -19.86
N GLY J 146 5.77 26.75 -19.65
CA GLY J 146 6.94 27.36 -19.01
C GLY J 146 8.19 27.27 -19.83
N VAL J 147 9.21 28.06 -19.45
CA VAL J 147 10.52 27.99 -20.05
C VAL J 147 11.54 27.82 -18.92
N MET J 148 12.40 26.82 -19.03
CA MET J 148 13.42 26.57 -17.98
C MET J 148 14.39 27.74 -17.93
N LYS J 149 14.51 28.35 -16.77
CA LYS J 149 15.48 29.45 -16.54
C LYS J 149 16.78 28.97 -15.93
N MET J 150 16.68 27.85 -15.21
CA MET J 150 17.82 27.09 -14.70
C MET J 150 17.68 25.68 -15.23
N SER J 151 18.80 24.97 -15.45
CA SER J 151 18.72 23.54 -15.75
C SER J 151 18.05 22.83 -14.56
N ALA J 152 17.47 21.66 -14.80
CA ALA J 152 16.93 20.86 -13.70
C ALA J 152 18.06 20.45 -12.71
N GLU J 153 19.26 20.22 -13.25
CA GLU J 153 20.46 19.99 -12.46
C GLU J 153 20.74 21.14 -11.46
N ASP J 154 20.68 22.38 -11.95
CA ASP J 154 20.94 23.56 -11.10
C ASP J 154 19.76 23.85 -10.19
N ILE J 155 18.54 23.56 -10.63
CA ILE J 155 17.37 23.71 -9.73
C ILE J 155 17.58 22.86 -8.48
N GLU J 156 18.01 21.63 -8.67
CA GLU J 156 18.29 20.72 -7.55
C GLU J 156 19.49 21.19 -6.68
N LYS J 157 20.55 21.65 -7.34
CA LYS J 157 21.77 22.02 -6.61
C LYS J 157 21.61 23.35 -5.88
N VAL J 158 21.13 24.36 -6.59
CA VAL J 158 21.04 25.71 -6.07
C VAL J 158 19.77 25.86 -5.21
N ASN J 159 18.67 25.30 -5.68
CA ASN J 159 17.39 25.26 -4.93
C ASN J 159 16.88 26.62 -4.43
N LYS J 160 17.06 27.64 -5.27
CA LYS J 160 16.61 28.98 -4.99
C LYS J 160 16.57 29.75 -6.28
N GLY J 161 15.50 30.52 -6.46
CA GLY J 161 15.35 31.43 -7.58
C GLY J 161 14.29 30.91 -8.52
N ILE J 162 14.09 31.65 -9.61
CA ILE J 162 13.16 31.26 -10.65
C ILE J 162 13.72 30.05 -11.37
N GLY J 163 13.08 28.89 -11.17
CA GLY J 163 13.41 27.68 -11.98
C GLY J 163 12.81 27.67 -13.39
N ILE J 164 11.52 28.00 -13.45
CA ILE J 164 10.78 27.98 -14.70
C ILE J 164 9.92 29.28 -14.81
N GLU J 165 10.07 30.01 -15.90
CA GLU J 165 9.23 31.19 -16.17
C GLU J 165 7.88 30.74 -16.66
N ASN J 166 6.83 31.26 -16.04
CA ASN J 166 5.42 30.96 -16.39
C ASN J 166 4.98 31.94 -17.48
N ILE J 167 4.95 31.48 -18.75
CA ILE J 167 4.77 32.40 -19.89
C ILE J 167 3.33 32.47 -20.41
N HIS J 168 2.49 31.51 -20.04
CA HIS J 168 1.14 31.38 -20.60
C HIS J 168 0.39 30.38 -19.75
N TYR J 169 -0.72 30.79 -19.18
CA TYR J 169 -1.51 29.93 -18.29
C TYR J 169 -3.00 29.88 -18.65
N LEU J 170 -3.66 28.86 -18.14
CA LEU J 170 -5.07 28.60 -18.40
C LEU J 170 -5.94 29.78 -17.95
N ASN J 171 -6.64 30.36 -18.92
CA ASN J 171 -7.50 31.52 -18.75
C ASN J 171 -6.78 32.83 -18.43
N ASP J 172 -5.56 32.95 -18.93
CA ASP J 172 -4.92 34.24 -19.10
C ASP J 172 -5.54 34.93 -20.36
N GLY J 173 -5.02 36.09 -20.75
CA GLY J 173 -5.56 36.81 -21.93
C GLY J 173 -5.53 36.08 -23.26
N LEU J 174 -4.50 35.28 -23.50
CA LEU J 174 -4.35 34.51 -24.74
C LEU J 174 -5.34 33.34 -24.79
N TRP J 175 -5.51 32.64 -23.68
CA TRP J 175 -6.54 31.62 -23.56
C TRP J 175 -7.91 32.23 -23.83
N HIS J 176 -8.21 33.33 -23.16
CA HIS J 176 -9.52 33.98 -23.30
C HIS J 176 -9.79 34.45 -24.73
N MET J 177 -8.76 34.98 -25.38
CA MET J 177 -8.86 35.41 -26.78
C MET J 177 -9.43 34.31 -27.66
N LYS J 178 -8.84 33.12 -27.55
CA LYS J 178 -9.34 31.86 -28.17
C LYS J 178 -9.22 31.75 -29.69
N THR J 179 -9.66 32.80 -30.41
CA THR J 179 -9.53 32.87 -31.87
C THR J 179 -9.11 34.26 -32.35
N TYR J 180 -8.47 34.32 -33.51
CA TYR J 180 -8.10 35.60 -34.13
C TYR J 180 -9.29 36.18 -34.84
N LYS J 181 -9.50 37.48 -34.62
CA LYS J 181 -10.62 38.22 -35.18
C LYS J 181 -10.07 39.48 -35.83
N ALA J 182 -10.15 39.54 -37.16
CA ALA J 182 -9.61 40.68 -37.91
C ALA J 182 -10.24 42.06 -37.56
N HIS J 183 -11.34 42.06 -36.81
CA HIS J 183 -12.03 43.31 -36.44
C HIS J 183 -11.63 43.91 -35.07
N HIS J 184 -10.50 43.48 -34.50
CA HIS J 184 -9.96 44.11 -33.27
C HIS J 184 -8.70 44.95 -33.57
N HIS J 185 -8.38 45.13 -34.85
CA HIS J 185 -7.28 46.00 -35.24
C HIS J 185 -7.53 46.63 -36.61
N HIS J 186 -6.85 47.76 -36.87
CA HIS J 186 -6.89 48.42 -38.16
C HIS J 186 -5.88 47.78 -39.09
N HIS J 187 -6.20 47.74 -40.39
CA HIS J 187 -5.35 47.04 -41.37
C HIS J 187 -4.50 47.95 -42.24
N HIS J 188 -4.85 49.23 -42.28
CA HIS J 188 -4.05 50.21 -42.98
C HIS J 188 -4.46 51.61 -42.52
N MET K 1 10.43 34.93 18.90
CA MET K 1 10.72 36.39 18.94
C MET K 1 9.60 37.21 19.59
N PHE K 2 8.38 36.65 19.63
CA PHE K 2 7.21 37.35 20.12
C PHE K 2 6.40 36.64 21.24
N LYS K 3 7.01 35.68 21.95
CA LYS K 3 6.25 34.93 22.95
C LYS K 3 5.65 35.83 24.01
N LYS K 4 6.41 36.81 24.45
CA LYS K 4 5.97 37.71 25.52
C LYS K 4 5.71 39.16 25.01
N PHE K 5 5.67 39.32 23.69
CA PHE K 5 5.34 40.62 23.08
C PHE K 5 3.89 40.99 23.32
N ASP K 6 3.66 42.25 23.72
CA ASP K 6 2.31 42.78 23.93
C ASP K 6 2.25 44.13 23.23
N GLU K 7 1.40 44.24 22.22
CA GLU K 7 1.28 45.48 21.43
C GLU K 7 1.01 46.69 22.31
N LYS K 8 0.33 46.47 23.44
CA LYS K 8 -0.05 47.54 24.36
C LYS K 8 1.10 48.11 25.15
N GLU K 9 2.21 47.36 25.26
CA GLU K 9 3.39 47.79 26.03
C GLU K 9 4.68 47.96 25.23
N ASN K 10 4.85 47.17 24.16
CA ASN K 10 6.17 46.97 23.56
C ASN K 10 6.40 47.65 22.19
N VAL K 11 5.53 48.58 21.83
CA VAL K 11 5.71 49.39 20.63
C VAL K 11 6.21 50.76 21.05
N SER K 12 7.26 51.23 20.39
CA SER K 12 8.00 52.44 20.80
C SER K 12 7.77 53.62 19.89
N ASN K 13 7.96 53.41 18.59
CA ASN K 13 7.84 54.49 17.62
C ASN K 13 7.56 53.98 16.21
N CYS K 14 7.25 54.91 15.32
CA CYS K 14 6.95 54.63 13.94
C CYS K 14 7.56 55.69 13.01
N ILE K 15 8.13 55.24 11.89
CA ILE K 15 8.59 56.13 10.85
CA ILE K 15 8.61 56.11 10.84
C ILE K 15 7.97 55.73 9.51
N GLN K 16 7.67 56.73 8.69
CA GLN K 16 7.22 56.49 7.33
C GLN K 16 8.39 56.60 6.40
N LEU K 17 8.53 55.61 5.53
CA LEU K 17 9.74 55.53 4.71
C LEU K 17 9.64 56.40 3.46
N LYS K 18 10.80 56.89 3.03
CA LYS K 18 10.93 57.59 1.75
C LYS K 18 11.10 56.60 0.59
N THR K 19 10.88 57.06 -0.63
CA THR K 19 10.84 56.19 -1.79
C THR K 19 12.10 55.36 -2.01
N SER K 20 13.27 55.99 -1.87
CA SER K 20 14.53 55.29 -2.16
C SER K 20 14.74 54.15 -1.18
N VAL K 21 14.29 54.32 0.05
CA VAL K 21 14.45 53.27 1.06
C VAL K 21 13.46 52.13 0.80
N ILE K 22 12.23 52.48 0.45
CA ILE K 22 11.22 51.48 0.06
C ILE K 22 11.73 50.62 -1.10
N LYS K 23 12.27 51.25 -2.13
CA LYS K 23 12.85 50.53 -3.26
C LYS K 23 13.98 49.60 -2.83
N GLY K 24 14.81 50.09 -1.91
CA GLY K 24 15.93 49.26 -1.33
C GLY K 24 15.44 48.02 -0.59
N ILE K 25 14.41 48.22 0.23
CA ILE K 25 13.79 47.15 1.00
C ILE K 25 13.13 46.12 0.07
N LYS K 26 12.42 46.60 -0.94
CA LYS K 26 11.86 45.68 -1.92
C LYS K 26 12.95 44.83 -2.60
N ASN K 27 14.10 45.42 -2.90
CA ASN K 27 15.22 44.68 -3.47
C ASN K 27 15.78 43.64 -2.50
N GLN K 28 15.82 43.96 -1.23
CA GLN K 28 16.20 42.98 -0.20
C GLN K 28 15.21 41.84 -0.11
N LEU K 29 13.92 42.17 -0.17
CA LEU K 29 12.87 41.16 0.00
C LEU K 29 12.85 40.17 -1.15
N ILE K 30 13.06 40.66 -2.36
CA ILE K 30 13.12 39.81 -3.55
C ILE K 30 14.35 38.89 -3.52
N GLU K 31 15.46 39.39 -2.97
CA GLU K 31 16.67 38.55 -2.83
CA GLU K 31 16.67 38.56 -2.80
C GLU K 31 16.43 37.43 -1.81
N GLN K 32 15.81 37.78 -0.68
CA GLN K 32 15.48 36.82 0.33
C GLN K 32 14.41 35.85 -0.16
N PHE K 33 13.37 36.41 -0.78
CA PHE K 33 12.13 35.68 -1.12
C PHE K 33 11.81 35.80 -2.61
N PRO K 34 12.54 35.06 -3.44
CA PRO K 34 12.24 35.14 -4.87
C PRO K 34 10.75 34.92 -5.16
N GLY K 35 10.08 34.12 -4.33
CA GLY K 35 8.67 33.81 -4.52
C GLY K 35 7.71 34.97 -4.28
N ILE K 36 8.20 36.03 -3.61
CA ILE K 36 7.37 37.26 -3.37
C ILE K 36 7.27 38.15 -4.59
N GLU K 37 8.24 38.05 -5.50
CA GLU K 37 8.35 39.02 -6.58
C GLU K 37 7.06 39.20 -7.40
N PRO K 38 6.35 38.10 -7.73
CA PRO K 38 5.05 38.26 -8.42
C PRO K 38 4.03 39.16 -7.69
N TRP K 39 4.14 39.25 -6.36
CA TRP K 39 3.08 39.79 -5.53
C TRP K 39 3.40 41.16 -4.88
N LEU K 40 4.66 41.60 -4.95
CA LEU K 40 5.08 42.77 -4.15
C LEU K 40 4.28 44.01 -4.46
N ASN K 41 3.88 44.17 -5.72
CA ASN K 41 3.12 45.32 -6.16
C ASN K 41 1.72 45.40 -5.59
N GLN K 42 1.11 44.26 -5.24
CA GLN K 42 -0.18 44.31 -4.56
C GLN K 42 -0.03 44.31 -3.04
N ILE K 43 1.04 43.69 -2.55
CA ILE K 43 1.34 43.64 -1.11
C ILE K 43 1.78 45.04 -0.62
N MET K 44 2.59 45.71 -1.44
CA MET K 44 3.11 47.05 -1.17
C MET K 44 2.88 47.95 -2.39
N PRO K 45 1.63 48.41 -2.59
CA PRO K 45 1.30 49.27 -3.74
C PRO K 45 2.10 50.56 -3.70
N LYS K 46 2.64 50.96 -4.85
CA LYS K 46 3.54 52.10 -4.94
C LYS K 46 2.92 53.40 -4.40
N LYS K 47 1.60 53.54 -4.47
CA LYS K 47 0.93 54.72 -3.95
C LYS K 47 0.75 54.77 -2.43
N ASP K 48 0.78 53.61 -1.75
CA ASP K 48 0.46 53.54 -0.33
C ASP K 48 1.70 53.74 0.55
N PRO K 49 1.53 54.46 1.66
CA PRO K 49 2.64 54.66 2.62
C PRO K 49 3.22 53.36 3.16
N VAL K 50 4.53 53.29 3.29
CA VAL K 50 5.19 52.18 3.94
C VAL K 50 5.76 52.72 5.25
N LYS K 51 5.41 52.06 6.36
CA LYS K 51 5.88 52.46 7.68
C LYS K 51 6.65 51.33 8.38
N ILE K 52 7.63 51.73 9.20
CA ILE K 52 8.39 50.80 10.05
C ILE K 52 8.05 51.11 11.47
N VAL K 53 7.59 50.10 12.18
CA VAL K 53 7.19 50.25 13.56
C VAL K 53 8.30 49.67 14.43
N ARG K 54 8.89 50.51 15.28
CA ARG K 54 9.93 50.07 16.21
C ARG K 54 9.32 49.58 17.51
N CYS K 55 9.76 48.40 17.92
CA CYS K 55 9.31 47.77 19.13
C CYS K 55 10.51 47.47 19.99
N HIS K 56 10.23 46.90 21.16
CA HIS K 56 11.30 46.56 22.09
CA HIS K 56 11.27 46.49 22.11
C HIS K 56 12.20 45.45 21.53
N GLU K 57 13.36 45.26 22.17
CA GLU K 57 14.35 44.23 21.77
C GLU K 57 14.80 44.36 20.32
N HIS K 58 14.86 45.62 19.85
CA HIS K 58 15.38 45.97 18.54
C HIS K 58 14.58 45.32 17.38
N ILE K 59 13.29 45.10 17.61
CA ILE K 59 12.39 44.51 16.60
C ILE K 59 11.78 45.65 15.81
N GLU K 60 11.66 45.45 14.50
CA GLU K 60 10.95 46.39 13.61
C GLU K 60 9.93 45.62 12.78
N ILE K 61 8.77 46.22 12.61
CA ILE K 61 7.69 45.64 11.81
C ILE K 61 7.39 46.56 10.63
N LEU K 62 7.39 45.99 9.41
CA LEU K 62 7.06 46.71 8.19
CA LEU K 62 7.05 46.74 8.21
C LEU K 62 5.56 46.61 7.96
N THR K 63 4.89 47.76 7.82
CA THR K 63 3.44 47.79 7.72
C THR K 63 2.99 48.64 6.51
N VAL K 64 1.92 48.20 5.84
CA VAL K 64 1.27 48.98 4.76
C VAL K 64 -0.24 48.89 5.00
N ASN K 65 -0.94 50.02 4.95
CA ASN K 65 -2.39 50.07 5.25
C ASN K 65 -2.81 49.36 6.56
N GLY K 66 -1.96 49.49 7.59
CA GLY K 66 -2.19 48.91 8.90
C GLY K 66 -1.84 47.43 9.01
N GLU K 67 -1.59 46.78 7.89
CA GLU K 67 -1.32 45.34 7.84
C GLU K 67 0.13 45.10 8.18
N LEU K 68 0.40 44.07 8.97
CA LEU K 68 1.78 43.73 9.33
C LEU K 68 2.32 42.75 8.30
N LEU K 69 3.34 43.16 7.56
CA LEU K 69 3.82 42.36 6.41
C LEU K 69 5.08 41.56 6.74
N PHE K 70 6.13 42.25 7.21
CA PHE K 70 7.41 41.63 7.53
C PHE K 70 7.93 42.19 8.83
N PHE K 71 8.86 41.46 9.45
CA PHE K 71 9.53 41.95 10.64
C PHE K 71 10.99 41.55 10.64
N ARG K 72 11.75 42.19 11.51
CA ARG K 72 13.18 41.89 11.67
C ARG K 72 13.62 42.25 13.11
N GLN K 73 14.81 41.78 13.48
CA GLN K 73 15.41 42.08 14.77
C GLN K 73 16.87 42.38 14.61
N ARG K 74 17.34 43.46 15.24
CA ARG K 74 18.78 43.89 15.18
C ARG K 74 19.28 44.01 13.75
N GLU K 75 18.42 44.52 12.87
CA GLU K 75 18.76 44.79 11.47
C GLU K 75 19.18 43.53 10.71
N GLY K 76 18.60 42.41 11.14
CA GLY K 76 18.83 41.10 10.54
C GLY K 76 17.85 40.86 9.43
N PRO K 77 17.75 39.62 8.97
CA PRO K 77 16.87 39.34 7.84
C PRO K 77 15.43 39.72 8.10
N PHE K 78 14.70 40.10 7.05
CA PHE K 78 13.25 40.20 7.16
C PHE K 78 12.63 38.82 7.15
N TYR K 79 11.51 38.69 7.87
CA TYR K 79 10.68 37.49 7.89
C TYR K 79 9.25 37.92 7.61
N PRO K 80 8.47 37.10 6.86
CA PRO K 80 7.06 37.41 6.73
C PRO K 80 6.25 37.08 7.98
N THR K 81 5.18 37.83 8.21
CA THR K 81 4.21 37.50 9.22
C THR K 81 3.46 36.25 8.75
N LEU K 82 2.93 35.48 9.71
CA LEU K 82 2.08 34.33 9.37
C LEU K 82 0.84 34.76 8.59
N ARG K 83 0.25 35.90 8.97
CA ARG K 83 -0.95 36.37 8.28
C ARG K 83 -0.66 36.63 6.80
N LEU K 84 0.48 37.20 6.49
CA LEU K 84 0.87 37.40 5.10
C LEU K 84 1.11 36.06 4.40
N LEU K 85 1.85 35.18 5.06
CA LEU K 85 2.19 33.89 4.52
C LEU K 85 0.91 33.06 4.23
N HIS K 86 -0.12 33.19 5.04
CA HIS K 86 -1.35 32.42 4.82
C HIS K 86 -2.02 32.83 3.52
N LYS K 87 -1.89 34.11 3.14
CA LYS K 87 -2.43 34.59 1.87
CA LYS K 87 -2.42 34.60 1.87
C LYS K 87 -1.55 34.18 0.68
N TYR K 88 -0.24 34.11 0.90
CA TYR K 88 0.71 33.77 -0.13
C TYR K 88 1.66 32.67 0.36
N PRO K 89 1.15 31.43 0.50
CA PRO K 89 1.88 30.35 1.19
C PRO K 89 3.20 29.92 0.54
N PHE K 90 3.46 30.28 -0.71
CA PHE K 90 4.67 29.86 -1.42
C PHE K 90 5.78 30.93 -1.47
N ILE K 91 5.68 31.95 -0.62
CA ILE K 91 6.79 32.89 -0.54
C ILE K 91 7.97 32.29 0.24
N LEU K 92 7.71 31.23 1.01
CA LEU K 92 8.77 30.45 1.71
C LEU K 92 8.74 28.96 1.36
N PRO K 93 9.91 28.31 1.31
CA PRO K 93 9.94 26.85 1.34
C PRO K 93 9.27 26.31 2.61
N HIS K 94 8.81 25.05 2.54
CA HIS K 94 8.04 24.47 3.62
C HIS K 94 8.89 23.43 4.33
N GLN K 95 8.53 23.16 5.58
CA GLN K 95 8.99 21.98 6.33
C GLN K 95 7.82 21.45 7.14
N GLN K 96 7.61 20.14 7.11
CA GLN K 96 6.53 19.53 7.87
C GLN K 96 7.07 18.84 9.10
N VAL K 97 6.63 19.30 10.24
CA VAL K 97 7.07 18.69 11.51
CA VAL K 97 7.04 18.74 11.53
C VAL K 97 6.11 17.60 11.95
N ASP K 98 6.67 16.60 12.61
CA ASP K 98 5.93 15.47 13.14
C ASP K 98 4.87 15.88 14.15
N LYS K 99 3.77 15.13 14.15
CA LYS K 99 2.61 15.41 15.05
C LYS K 99 2.97 15.52 16.51
N GLY K 100 4.00 14.82 16.95
CA GLY K 100 4.40 14.90 18.35
C GLY K 100 4.99 16.24 18.76
N ALA K 101 5.49 17.01 17.80
CA ALA K 101 6.20 18.26 18.10
C ALA K 101 5.31 19.50 18.02
N ILE K 102 4.13 19.37 17.41
CA ILE K 102 3.28 20.54 17.10
C ILE K 102 2.88 21.38 18.34
N LYS K 103 2.48 20.72 19.43
CA LYS K 103 2.13 21.44 20.68
C LYS K 103 3.25 22.37 21.10
N PHE K 104 4.46 21.89 20.98
CA PHE K 104 5.64 22.64 21.40
C PHE K 104 5.98 23.76 20.45
N VAL K 105 5.81 23.53 19.14
CA VAL K 105 5.95 24.63 18.15
C VAL K 105 4.98 25.77 18.51
N LEU K 106 3.78 25.41 18.93
CA LEU K 106 2.74 26.40 19.29
C LEU K 106 3.01 27.04 20.66
N SER K 107 4.14 26.67 21.28
CA SER K 107 4.62 27.29 22.49
C SER K 107 5.95 28.06 22.29
N GLY K 108 6.37 28.21 21.04
CA GLY K 108 7.59 28.92 20.71
C GLY K 108 8.85 28.09 20.74
N ALA K 109 8.71 26.79 20.99
CA ALA K 109 9.87 25.91 21.06
C ALA K 109 10.52 25.77 19.69
N ASN K 110 11.84 25.75 19.65
CA ASN K 110 12.56 25.40 18.42
C ASN K 110 12.23 23.96 17.97
N ILE K 111 12.49 23.68 16.72
CA ILE K 111 12.23 22.37 16.13
C ILE K 111 13.53 21.59 16.17
N MET K 112 13.53 20.52 16.94
CA MET K 112 14.69 19.71 17.09
C MET K 112 14.73 18.68 15.95
N CYS K 113 15.91 18.21 15.60
CA CYS K 113 16.07 17.32 14.44
C CYS K 113 15.11 16.12 14.47
N PRO K 114 14.95 15.44 15.63
CA PRO K 114 14.04 14.32 15.68
C PRO K 114 12.58 14.63 15.32
N GLY K 115 12.17 15.91 15.45
CA GLY K 115 10.85 16.33 14.98
C GLY K 115 10.71 16.43 13.46
N LEU K 116 11.83 16.35 12.75
CA LEU K 116 11.86 16.45 11.30
C LEU K 116 12.22 15.12 10.60
N THR K 117 12.74 14.16 11.36
CA THR K 117 13.23 12.90 10.80
C THR K 117 12.24 11.75 11.08
N SER K 118 11.25 11.99 11.93
CA SER K 118 10.30 10.94 12.29
CA SER K 118 10.24 11.01 12.33
C SER K 118 9.26 10.71 11.19
N PRO K 119 8.48 9.61 11.30
CA PRO K 119 7.66 9.23 10.17
C PRO K 119 6.61 10.26 9.72
N GLY K 120 6.05 11.00 10.66
CA GLY K 120 5.01 11.97 10.38
C GLY K 120 5.51 13.29 9.86
N ALA K 121 6.83 13.47 9.84
CA ALA K 121 7.44 14.67 9.28
C ALA K 121 7.67 14.52 7.77
N LYS K 122 7.90 15.64 7.11
CA LYS K 122 8.44 15.65 5.75
C LYS K 122 9.50 16.74 5.72
N LEU K 123 10.75 16.33 5.54
CA LEU K 123 11.90 17.21 5.47
C LEU K 123 12.17 17.55 4.01
N TYR K 124 11.99 18.84 3.70
CA TYR K 124 12.16 19.36 2.35
C TYR K 124 13.61 19.82 2.23
N PRO K 125 14.17 19.68 1.04
CA PRO K 125 15.54 20.13 0.86
C PRO K 125 15.63 21.66 1.12
N ALA K 126 16.64 22.09 1.87
CA ALA K 126 16.79 23.48 2.29
C ALA K 126 18.14 23.73 2.93
N ALA K 127 18.81 24.78 2.44
CA ALA K 127 20.11 25.14 2.95
C ALA K 127 20.00 25.79 4.30
N VAL K 128 21.11 25.75 5.02
CA VAL K 128 21.24 26.42 6.27
C VAL K 128 20.93 27.92 6.07
N ASP K 129 20.32 28.55 7.08
CA ASP K 129 19.89 29.96 7.05
C ASP K 129 18.62 30.25 6.23
N THR K 130 18.03 29.23 5.60
CA THR K 130 16.80 29.43 4.83
C THR K 130 15.63 29.66 5.78
N ILE K 131 14.84 30.69 5.48
CA ILE K 131 13.65 30.99 6.24
C ILE K 131 12.53 30.11 5.69
N VAL K 132 11.84 29.42 6.58
CA VAL K 132 10.88 28.38 6.19
C VAL K 132 9.54 28.48 6.89
N ALA K 133 8.52 27.96 6.20
CA ALA K 133 7.18 27.82 6.75
C ALA K 133 7.04 26.46 7.38
N ILE K 134 6.68 26.42 8.66
CA ILE K 134 6.49 25.17 9.40
C ILE K 134 5.03 24.75 9.34
N MET K 135 4.82 23.54 8.81
CA MET K 135 3.50 22.97 8.56
C MET K 135 3.26 21.74 9.43
N ALA K 136 1.99 21.51 9.76
CA ALA K 136 1.52 20.25 10.32
C ALA K 136 0.91 19.42 9.19
N ALA K 137 0.98 18.10 9.31
CA ALA K 137 0.38 17.19 8.33
C ALA K 137 -1.12 17.48 8.15
N GLY K 138 -1.58 17.61 6.91
CA GLY K 138 -3.01 17.79 6.61
C GLY K 138 -3.62 19.19 6.73
N ALA K 139 -2.84 20.15 7.26
CA ALA K 139 -3.30 21.53 7.49
C ALA K 139 -2.54 22.46 6.54
N ALA K 140 -3.27 23.29 5.78
CA ALA K 140 -2.67 24.05 4.70
C ALA K 140 -2.02 25.31 5.22
N HIS K 141 -2.33 25.71 6.46
CA HIS K 141 -1.82 26.96 7.00
C HIS K 141 -0.57 26.76 7.86
N ALA K 142 0.50 27.48 7.54
CA ALA K 142 1.70 27.46 8.37
C ALA K 142 1.38 27.80 9.82
N LEU K 143 2.01 27.09 10.74
CA LEU K 143 1.82 27.33 12.16
C LEU K 143 2.96 28.15 12.78
N CYS K 144 4.05 28.26 12.04
CA CYS K 144 5.26 28.91 12.51
C CYS K 144 6.12 29.35 11.32
N VAL K 145 6.82 30.48 11.47
CA VAL K 145 7.92 30.86 10.62
C VAL K 145 9.23 30.56 11.36
N GLY K 146 10.13 29.86 10.72
CA GLY K 146 11.42 29.52 11.34
C GLY K 146 12.57 29.74 10.41
N VAL K 147 13.77 29.51 10.93
CA VAL K 147 14.96 29.57 10.12
CA VAL K 147 15.02 29.59 10.16
C VAL K 147 15.81 28.32 10.36
N MET K 148 16.26 27.71 9.26
CA MET K 148 17.11 26.49 9.33
C MET K 148 18.42 26.82 10.03
N LYS K 149 18.68 26.12 11.13
CA LYS K 149 19.96 26.26 11.82
C LYS K 149 20.96 25.21 11.38
N MET K 150 20.44 24.14 10.80
CA MET K 150 21.19 23.12 10.10
C MET K 150 20.57 22.93 8.74
N SER K 151 21.37 22.53 7.77
CA SER K 151 20.84 22.16 6.46
C SER K 151 19.94 20.95 6.60
N ALA K 152 19.01 20.78 5.66
CA ALA K 152 18.12 19.59 5.68
C ALA K 152 18.95 18.30 5.62
N GLU K 153 20.01 18.30 4.81
CA GLU K 153 20.94 17.17 4.74
C GLU K 153 21.51 16.82 6.12
N ASP K 154 22.00 17.83 6.84
CA ASP K 154 22.55 17.62 8.17
C ASP K 154 21.49 17.22 9.20
N ILE K 155 20.29 17.80 9.10
CA ILE K 155 19.21 17.41 10.00
C ILE K 155 18.97 15.91 9.88
N GLU K 156 18.95 15.41 8.64
CA GLU K 156 18.74 13.96 8.37
C GLU K 156 19.93 13.12 8.80
N LYS K 157 21.14 13.57 8.49
CA LYS K 157 22.38 12.78 8.74
C LYS K 157 22.83 12.81 10.18
N VAL K 158 22.66 13.95 10.84
CA VAL K 158 23.19 14.18 12.19
C VAL K 158 22.12 13.88 13.24
N ASN K 159 20.89 14.34 13.00
CA ASN K 159 19.74 14.08 13.90
C ASN K 159 20.01 14.43 15.36
N LYS K 160 20.64 15.58 15.59
CA LYS K 160 20.88 16.09 16.92
C LYS K 160 21.03 17.61 16.86
N GLY K 161 20.47 18.27 17.87
CA GLY K 161 20.58 19.72 17.98
C GLY K 161 19.36 20.40 17.40
N ILE K 162 19.36 21.73 17.47
CA ILE K 162 18.29 22.55 16.92
C ILE K 162 18.35 22.53 15.39
N GLY K 163 17.28 22.03 14.79
CA GLY K 163 17.16 21.99 13.33
C GLY K 163 16.65 23.31 12.77
N ILE K 164 15.60 23.83 13.37
CA ILE K 164 14.95 25.06 12.90
C ILE K 164 14.66 25.92 14.14
N GLU K 165 15.16 27.16 14.12
CA GLU K 165 14.79 28.15 15.13
C GLU K 165 13.36 28.67 14.87
N ASN K 166 12.53 28.62 15.88
CA ASN K 166 11.16 29.10 15.85
C ASN K 166 11.19 30.62 16.09
N ILE K 167 10.75 31.38 15.09
CA ILE K 167 10.80 32.86 15.12
C ILE K 167 9.44 33.51 15.42
N HIS K 168 8.36 32.94 14.91
CA HIS K 168 7.04 33.54 15.01
C HIS K 168 6.09 32.39 14.87
N TYR K 169 5.06 32.33 15.72
CA TYR K 169 4.10 31.22 15.69
C TYR K 169 2.67 31.65 15.93
N LEU K 170 1.74 30.78 15.55
CA LEU K 170 0.32 31.06 15.66
C LEU K 170 -0.03 31.37 17.08
N ASN K 171 -0.76 32.48 17.26
CA ASN K 171 -1.22 32.94 18.58
C ASN K 171 -0.10 33.47 19.49
N ASP K 172 1.05 33.81 18.92
CA ASP K 172 2.05 34.54 19.67
C ASP K 172 1.63 36.04 19.74
N GLY K 173 2.46 36.88 20.34
CA GLY K 173 2.07 38.30 20.51
C GLY K 173 1.93 39.08 19.21
N LEU K 174 2.71 38.70 18.20
CA LEU K 174 2.62 39.32 16.88
C LEU K 174 1.34 38.92 16.16
N TRP K 175 0.99 37.63 16.23
CA TRP K 175 -0.29 37.13 15.71
C TRP K 175 -1.45 37.91 16.28
N HIS K 176 -1.47 38.07 17.60
CA HIS K 176 -2.56 38.76 18.26
CA HIS K 176 -2.55 38.77 18.29
C HIS K 176 -2.60 40.26 17.93
N MET K 177 -1.44 40.87 17.72
CA MET K 177 -1.37 42.32 17.38
C MET K 177 -2.20 42.61 16.14
N LYS K 178 -1.96 41.82 15.07
CA LYS K 178 -2.80 41.80 13.85
C LYS K 178 -2.61 43.04 12.95
N THR K 179 -2.84 44.23 13.47
CA THR K 179 -2.68 45.47 12.70
C THR K 179 -1.87 46.51 13.47
N TYR K 180 -1.24 47.44 12.75
CA TYR K 180 -0.55 48.56 13.41
C TYR K 180 -1.57 49.60 13.80
N LYS K 181 -1.53 49.96 15.10
CA LYS K 181 -2.40 50.98 15.71
C LYS K 181 -1.53 52.13 16.28
N ALA K 182 -1.67 53.32 15.71
CA ALA K 182 -0.83 54.47 16.15
C ALA K 182 -1.07 54.90 17.61
N HIS K 183 -2.14 54.39 18.23
CA HIS K 183 -2.49 54.76 19.61
C HIS K 183 -1.90 53.88 20.74
N HIS K 184 -0.92 53.02 20.42
CA HIS K 184 -0.19 52.27 21.45
C HIS K 184 1.24 52.78 21.69
N HIS K 185 1.53 53.97 21.16
CA HIS K 185 2.80 54.61 21.44
C HIS K 185 2.64 56.13 21.28
N HIS K 186 3.48 56.87 21.98
CA HIS K 186 3.54 58.31 21.78
C HIS K 186 4.27 58.62 20.48
N HIS K 187 4.05 59.81 19.95
CA HIS K 187 4.63 60.20 18.65
C HIS K 187 5.64 61.32 18.76
N HIS K 188 5.58 62.08 19.82
CA HIS K 188 6.61 63.07 20.14
C HIS K 188 6.56 63.41 21.63
N MET L 1 20.45 1.75 35.76
CA MET L 1 21.09 2.43 36.95
C MET L 1 20.22 2.37 38.21
N PHE L 2 18.93 2.12 38.07
CA PHE L 2 17.99 2.18 39.21
C PHE L 2 17.11 0.94 39.42
N LYS L 3 17.53 -0.20 38.88
CA LYS L 3 16.71 -1.41 38.94
C LYS L 3 16.45 -1.87 40.38
N LYS L 4 17.49 -1.79 41.21
CA LYS L 4 17.41 -2.18 42.62
C LYS L 4 17.41 -0.96 43.55
N PHE L 5 17.20 0.23 43.00
CA PHE L 5 17.14 1.45 43.82
C PHE L 5 15.85 1.55 44.62
N ASP L 6 15.97 1.91 45.90
CA ASP L 6 14.81 2.14 46.77
C ASP L 6 15.07 3.43 47.55
N GLU L 7 14.18 4.41 47.39
CA GLU L 7 14.34 5.73 48.05
C GLU L 7 14.50 5.57 49.58
N LYS L 8 13.77 4.61 50.13
CA LYS L 8 13.76 4.30 51.57
C LYS L 8 15.07 3.70 52.09
N GLU L 9 15.98 3.30 51.19
CA GLU L 9 17.25 2.64 51.57
C GLU L 9 18.53 3.22 50.93
N ASN L 10 18.42 3.81 49.73
CA ASN L 10 19.61 4.22 48.98
C ASN L 10 19.80 5.75 48.83
N VAL L 11 18.97 6.55 49.51
CA VAL L 11 19.12 8.01 49.59
C VAL L 11 19.88 8.33 50.86
N SER L 12 21.07 8.91 50.74
CA SER L 12 21.90 9.17 51.90
C SER L 12 21.79 10.59 52.46
N ASN L 13 21.48 11.56 51.60
CA ASN L 13 21.73 12.95 51.91
C ASN L 13 21.11 13.86 50.83
N CYS L 14 20.62 15.04 51.24
CA CYS L 14 20.06 16.03 50.31
C CYS L 14 20.66 17.41 50.55
N ILE L 15 21.04 18.10 49.47
CA ILE L 15 21.69 19.39 49.57
CA ILE L 15 21.73 19.39 49.52
C ILE L 15 20.95 20.47 48.76
N GLN L 16 20.59 21.56 49.45
CA GLN L 16 19.99 22.75 48.83
C GLN L 16 21.13 23.60 48.24
N LEU L 17 21.29 23.55 46.91
CA LEU L 17 22.42 24.18 46.22
C LEU L 17 22.34 25.73 46.17
N LYS L 18 23.50 26.38 46.18
CA LYS L 18 23.59 27.85 46.18
C LYS L 18 23.52 28.37 44.75
N THR L 19 23.32 29.67 44.58
CA THR L 19 23.06 30.28 43.27
C THR L 19 24.15 30.01 42.21
N SER L 20 25.42 30.04 42.60
CA SER L 20 26.51 29.84 41.65
C SER L 20 26.53 28.42 41.11
N VAL L 21 26.21 27.46 41.99
CA VAL L 21 26.15 26.04 41.62
C VAL L 21 24.94 25.76 40.72
N ILE L 22 23.78 26.26 41.12
CA ILE L 22 22.58 26.19 40.30
C ILE L 22 22.88 26.71 38.88
N LYS L 23 23.49 27.88 38.80
CA LYS L 23 23.76 28.53 37.49
C LYS L 23 24.72 27.75 36.60
N GLY L 24 25.67 27.03 37.18
CA GLY L 24 26.62 26.18 36.40
C GLY L 24 26.02 24.85 35.91
N ILE L 25 25.07 24.31 36.66
CA ILE L 25 24.31 23.13 36.23
C ILE L 25 23.33 23.51 35.08
N LYS L 26 22.62 24.64 35.24
CA LYS L 26 21.77 25.18 34.16
C LYS L 26 22.54 25.32 32.85
N ASN L 27 23.79 25.72 32.94
CA ASN L 27 24.61 25.91 31.75
C ASN L 27 25.09 24.57 31.10
N GLN L 28 25.34 23.55 31.93
CA GLN L 28 25.71 22.23 31.43
CA GLN L 28 25.71 22.23 31.39
C GLN L 28 24.49 21.59 30.74
N LEU L 29 23.31 21.78 31.33
CA LEU L 29 22.06 21.23 30.77
C LEU L 29 21.78 21.78 29.35
N ILE L 30 21.92 23.09 29.17
CA ILE L 30 21.72 23.73 27.84
C ILE L 30 22.74 23.22 26.83
N GLU L 31 23.97 22.99 27.30
CA GLU L 31 25.00 22.42 26.45
C GLU L 31 24.67 21.00 25.93
N GLN L 32 24.23 20.13 26.84
CA GLN L 32 23.88 18.75 26.51
C GLN L 32 22.60 18.72 25.69
N PHE L 33 21.61 19.49 26.15
CA PHE L 33 20.25 19.44 25.65
C PHE L 33 19.70 20.82 25.25
N PRO L 34 20.12 21.34 24.09
CA PRO L 34 19.72 22.71 23.71
C PRO L 34 18.20 22.93 23.63
N GLY L 35 17.42 21.88 23.38
CA GLY L 35 15.97 21.98 23.42
C GLY L 35 15.37 22.38 24.77
N ILE L 36 16.11 22.19 25.86
CA ILE L 36 15.61 22.49 27.19
C ILE L 36 15.63 23.99 27.52
N GLU L 37 16.45 24.76 26.82
CA GLU L 37 16.75 26.16 27.20
C GLU L 37 15.55 27.02 27.56
N PRO L 38 14.54 27.11 26.67
CA PRO L 38 13.47 28.06 26.99
C PRO L 38 12.58 27.58 28.12
N TRP L 39 12.78 26.34 28.56
CA TRP L 39 11.95 25.74 29.57
C TRP L 39 12.61 25.72 30.94
N LEU L 40 13.90 26.06 31.00
CA LEU L 40 14.67 26.01 32.26
C LEU L 40 14.12 26.93 33.36
N ASN L 41 13.47 28.04 32.97
CA ASN L 41 12.80 28.93 33.96
C ASN L 41 11.44 28.38 34.43
N GLN L 42 10.93 27.32 33.78
CA GLN L 42 9.68 26.69 34.23
C GLN L 42 9.94 25.49 35.15
N ILE L 43 11.00 24.74 34.86
CA ILE L 43 11.35 23.57 35.66
C ILE L 43 12.32 23.91 36.79
N MET L 44 13.12 24.96 36.59
CA MET L 44 14.09 25.48 37.59
C MET L 44 13.98 27.01 37.76
N PRO L 45 12.87 27.48 38.34
CA PRO L 45 12.65 28.92 38.49
C PRO L 45 13.71 29.70 39.29
N LYS L 46 13.49 31.01 39.38
CA LYS L 46 14.31 31.87 40.20
C LYS L 46 13.83 31.79 41.65
N LYS L 47 12.52 31.87 41.82
CA LYS L 47 11.87 31.93 43.14
C LYS L 47 12.11 30.69 44.00
N ASP L 48 12.24 29.53 43.35
CA ASP L 48 12.18 28.24 44.04
C ASP L 48 13.58 27.64 44.29
N PRO L 49 13.73 26.88 45.40
CA PRO L 49 15.04 26.26 45.72
C PRO L 49 15.34 24.98 44.91
N VAL L 50 16.62 24.83 44.53
CA VAL L 50 17.10 23.67 43.78
C VAL L 50 18.00 22.74 44.64
N LYS L 51 17.58 21.49 44.78
CA LYS L 51 18.30 20.52 45.62
C LYS L 51 18.89 19.34 44.84
N ILE L 52 19.98 18.79 45.37
CA ILE L 52 20.56 17.53 44.89
CA ILE L 52 20.55 17.53 44.89
C ILE L 52 20.33 16.45 45.94
N VAL L 53 19.71 15.33 45.53
CA VAL L 53 19.55 14.17 46.37
C VAL L 53 20.76 13.28 46.11
N ARG L 54 21.60 13.07 47.14
CA ARG L 54 22.77 12.20 47.04
C ARG L 54 22.36 10.79 47.40
N CYS L 55 22.72 9.84 46.53
CA CYS L 55 22.27 8.44 46.61
C CYS L 55 23.48 7.49 46.61
N HIS L 56 23.24 6.20 46.90
CA HIS L 56 24.32 5.20 46.85
C HIS L 56 24.85 5.04 45.41
N GLU L 57 26.00 4.38 45.29
CA GLU L 57 26.69 4.15 44.02
C GLU L 57 27.01 5.46 43.28
N HIS L 58 27.28 6.50 44.05
CA HIS L 58 27.70 7.81 43.54
C HIS L 58 26.66 8.47 42.61
N ILE L 59 25.40 8.27 42.93
CA ILE L 59 24.29 8.80 42.13
C ILE L 59 23.75 10.10 42.72
N GLU L 60 23.48 11.09 41.86
CA GLU L 60 22.88 12.36 42.25
C GLU L 60 21.65 12.62 41.41
N ILE L 61 20.57 13.07 42.05
CA ILE L 61 19.32 13.45 41.40
C ILE L 61 19.08 14.95 41.64
N LEU L 62 18.80 15.69 40.57
CA LEU L 62 18.46 17.14 40.64
C LEU L 62 16.96 17.29 40.83
N THR L 63 16.53 18.04 41.86
CA THR L 63 15.10 18.19 42.15
C THR L 63 14.72 19.67 42.39
N VAL L 64 13.47 20.02 42.07
CA VAL L 64 12.94 21.36 42.36
C VAL L 64 11.45 21.24 42.56
N ASN L 65 10.95 21.79 43.67
CA ASN L 65 9.54 21.66 44.06
C ASN L 65 9.09 20.20 44.16
N GLY L 66 10.00 19.34 44.60
CA GLY L 66 9.72 17.93 44.79
C GLY L 66 9.75 17.10 43.51
N GLU L 67 10.00 17.75 42.37
CA GLU L 67 10.03 17.05 41.08
C GLU L 67 11.46 16.63 40.80
N LEU L 68 11.65 15.41 40.30
CA LEU L 68 12.98 14.90 39.96
C LEU L 68 13.26 15.17 38.49
N LEU L 69 14.34 15.87 38.22
CA LEU L 69 14.59 16.47 36.91
C LEU L 69 15.65 15.72 36.09
N PHE L 70 16.87 15.65 36.62
CA PHE L 70 17.99 15.00 35.95
C PHE L 70 18.76 14.18 36.97
N PHE L 71 19.56 13.26 36.50
CA PHE L 71 20.45 12.47 37.37
C PHE L 71 21.77 12.21 36.71
N ARG L 72 22.76 11.87 37.53
CA ARG L 72 24.08 11.53 37.03
C ARG L 72 24.79 10.58 38.00
N GLN L 73 25.89 10.01 37.55
CA GLN L 73 26.69 9.08 38.36
C GLN L 73 28.19 9.35 38.20
N ARG L 74 28.91 9.41 39.34
CA ARG L 74 30.35 9.71 39.33
C ARG L 74 30.64 11.04 38.57
N GLU L 75 29.75 12.01 38.78
CA GLU L 75 29.86 13.34 38.16
C GLU L 75 29.91 13.28 36.62
N GLY L 76 29.27 12.26 36.05
CA GLY L 76 29.19 12.11 34.61
C GLY L 76 28.12 13.00 34.05
N PRO L 77 27.77 12.79 32.78
CA PRO L 77 26.70 13.56 32.14
C PRO L 77 25.38 13.42 32.88
N PHE L 78 24.58 14.50 32.86
CA PHE L 78 23.22 14.46 33.32
C PHE L 78 22.34 13.75 32.28
N TYR L 79 21.36 13.02 32.81
CA TYR L 79 20.35 12.36 32.02
C TYR L 79 19.03 12.81 32.55
N PRO L 80 18.05 13.10 31.65
CA PRO L 80 16.75 13.44 32.14
C PRO L 80 16.04 12.26 32.79
N THR L 81 15.23 12.51 33.79
CA THR L 81 14.28 11.51 34.28
C THR L 81 13.19 11.29 33.23
N LEU L 82 12.58 10.11 33.24
CA LEU L 82 11.46 9.83 32.32
C LEU L 82 10.26 10.75 32.56
N ARG L 83 10.01 11.11 33.82
CA ARG L 83 8.88 11.98 34.11
C ARG L 83 9.06 13.34 33.45
N LEU L 84 10.29 13.84 33.44
CA LEU L 84 10.61 15.14 32.81
C LEU L 84 10.54 14.99 31.31
N LEU L 85 11.11 13.90 30.80
CA LEU L 85 11.09 13.64 29.37
C LEU L 85 9.67 13.53 28.83
N HIS L 86 8.75 12.95 29.58
CA HIS L 86 7.37 12.87 29.16
C HIS L 86 6.73 14.23 28.98
N LYS L 87 7.12 15.21 29.79
CA LYS L 87 6.66 16.60 29.67
C LYS L 87 7.28 17.33 28.47
N TYR L 88 8.58 17.10 28.26
CA TYR L 88 9.34 17.72 27.18
C TYR L 88 10.07 16.66 26.33
N PRO L 89 9.34 15.91 25.49
CA PRO L 89 9.94 14.74 24.80
C PRO L 89 11.01 15.11 23.78
N PHE L 90 11.01 16.35 23.34
CA PHE L 90 11.92 16.84 22.31
C PHE L 90 13.35 17.05 22.80
N ILE L 91 13.59 16.91 24.10
CA ILE L 91 14.91 17.07 24.77
CA ILE L 91 14.93 17.21 24.57
C ILE L 91 15.98 16.14 24.18
N LEU L 92 15.54 14.95 23.73
CA LEU L 92 16.43 13.88 23.26
C LEU L 92 16.03 13.36 21.88
N PRO L 93 17.02 12.94 21.05
CA PRO L 93 16.67 12.08 19.92
C PRO L 93 16.01 10.80 20.42
N HIS L 94 15.19 10.17 19.59
CA HIS L 94 14.60 8.91 19.99
C HIS L 94 14.98 7.77 19.06
N GLN L 95 14.83 6.58 19.60
CA GLN L 95 15.00 5.32 18.86
C GLN L 95 13.80 4.46 19.19
N GLN L 96 13.29 3.76 18.20
CA GLN L 96 12.12 2.88 18.44
C GLN L 96 12.52 1.43 18.35
N VAL L 97 12.31 0.70 19.44
CA VAL L 97 12.64 -0.72 19.50
C VAL L 97 11.42 -1.54 19.05
N ASP L 98 11.75 -2.71 18.50
CA ASP L 98 10.78 -3.68 18.04
CA ASP L 98 10.73 -3.63 18.04
C ASP L 98 9.93 -4.15 19.21
N LYS L 99 8.69 -4.54 18.92
CA LYS L 99 7.75 -4.98 19.93
C LYS L 99 8.23 -6.18 20.78
N GLY L 100 9.08 -7.05 20.23
CA GLY L 100 9.67 -8.15 20.98
C GLY L 100 10.60 -7.76 22.13
N ALA L 101 11.19 -6.56 22.05
CA ALA L 101 12.14 -6.09 23.06
C ALA L 101 11.52 -5.32 24.23
N ILE L 102 10.26 -4.90 24.10
CA ILE L 102 9.63 -4.02 25.10
C ILE L 102 9.58 -4.58 26.55
N LYS L 103 9.10 -5.82 26.72
CA LYS L 103 9.13 -6.49 28.01
C LYS L 103 10.50 -6.40 28.66
N PHE L 104 11.56 -6.55 27.85
CA PHE L 104 12.91 -6.58 28.41
C PHE L 104 13.48 -5.21 28.70
N VAL L 105 13.11 -4.23 27.88
CA VAL L 105 13.42 -2.82 28.18
C VAL L 105 12.82 -2.45 29.53
N LEU L 106 11.57 -2.86 29.78
CA LEU L 106 10.88 -2.66 31.04
C LEU L 106 11.39 -3.52 32.21
N SER L 107 12.47 -4.26 31.98
CA SER L 107 13.18 -5.01 33.00
C SER L 107 14.62 -4.50 33.22
N GLY L 108 15.00 -3.42 32.54
CA GLY L 108 16.35 -2.85 32.65
C GLY L 108 17.35 -3.41 31.66
N ALA L 109 16.89 -4.25 30.75
CA ALA L 109 17.78 -4.86 29.77
C ALA L 109 18.26 -3.83 28.78
N ASN L 110 19.52 -3.93 28.41
CA ASN L 110 20.06 -3.14 27.31
C ASN L 110 19.41 -3.49 25.98
N ILE L 111 19.50 -2.56 25.03
CA ILE L 111 18.89 -2.71 23.70
C ILE L 111 19.96 -3.29 22.79
N MET L 112 19.75 -4.52 22.34
CA MET L 112 20.67 -5.19 21.46
C MET L 112 20.35 -4.78 20.03
N CYS L 113 21.35 -4.80 19.17
CA CYS L 113 21.22 -4.28 17.78
C CYS L 113 20.03 -4.91 17.03
N PRO L 114 19.79 -6.24 17.18
CA PRO L 114 18.69 -6.82 16.39
C PRO L 114 17.29 -6.34 16.82
N GLY L 115 17.18 -5.75 18.03
CA GLY L 115 15.98 -5.04 18.46
C GLY L 115 15.70 -3.71 17.76
N LEU L 116 16.68 -3.19 17.05
CA LEU L 116 16.63 -1.92 16.40
C LEU L 116 16.65 -2.05 14.86
N THR L 117 16.94 -3.24 14.34
CA THR L 117 17.09 -3.40 12.88
C THR L 117 15.89 -4.10 12.21
N SER L 118 14.98 -4.62 13.00
CA SER L 118 13.82 -5.35 12.44
C SER L 118 12.75 -4.39 11.89
N PRO L 119 11.73 -4.90 11.18
CA PRO L 119 10.88 -3.90 10.53
C PRO L 119 9.97 -3.14 11.48
N GLY L 120 9.73 -3.66 12.69
CA GLY L 120 8.94 -2.94 13.69
C GLY L 120 9.72 -1.88 14.47
N ALA L 121 11.02 -1.81 14.25
CA ALA L 121 11.89 -0.82 14.88
C ALA L 121 12.03 0.39 13.98
N LYS L 122 12.49 1.49 14.55
CA LYS L 122 12.92 2.63 13.75
C LYS L 122 14.22 3.17 14.31
N LEU L 123 15.27 3.12 13.51
CA LEU L 123 16.62 3.47 13.94
C LEU L 123 17.02 4.76 13.23
N TYR L 124 17.42 5.76 14.02
CA TYR L 124 17.81 7.11 13.51
C TYR L 124 19.26 7.39 13.82
N PRO L 125 19.91 8.30 13.08
CA PRO L 125 21.31 8.56 13.33
C PRO L 125 21.58 9.05 14.76
N ALA L 126 22.64 8.53 15.35
CA ALA L 126 23.02 8.84 16.72
C ALA L 126 24.41 8.31 16.96
N ALA L 127 25.27 9.20 17.48
CA ALA L 127 26.64 8.90 17.78
C ALA L 127 26.76 8.20 19.10
N VAL L 128 27.86 7.48 19.30
CA VAL L 128 28.17 6.92 20.58
C VAL L 128 28.22 8.03 21.63
N ASP L 129 27.63 7.75 22.80
CA ASP L 129 27.48 8.65 23.96
C ASP L 129 26.22 9.54 23.86
N THR L 130 25.54 9.55 22.73
CA THR L 130 24.32 10.33 22.61
C THR L 130 23.25 9.70 23.50
N ILE L 131 22.64 10.54 24.33
CA ILE L 131 21.57 10.15 25.23
C ILE L 131 20.24 10.17 24.45
N VAL L 132 19.50 9.06 24.51
CA VAL L 132 18.31 8.89 23.71
C VAL L 132 17.08 8.40 24.50
N ALA L 133 15.91 8.71 23.94
CA ALA L 133 14.62 8.24 24.41
C ALA L 133 14.30 6.95 23.67
N ILE L 134 13.94 5.91 24.40
CA ILE L 134 13.56 4.63 23.78
C ILE L 134 12.05 4.54 23.73
N MET L 135 11.55 4.39 22.52
CA MET L 135 10.10 4.36 22.24
C MET L 135 9.62 2.97 21.78
N ALA L 136 8.36 2.68 22.03
CA ALA L 136 7.64 1.55 21.40
C ALA L 136 6.80 2.12 20.27
N ALA L 137 6.45 1.30 19.30
CA ALA L 137 5.55 1.73 18.26
C ALA L 137 4.19 2.05 18.88
N GLY L 138 3.77 1.22 19.83
CA GLY L 138 2.40 1.21 20.37
C GLY L 138 2.31 1.70 21.79
N ALA L 139 3.21 2.63 22.14
CA ALA L 139 3.14 3.44 23.35
C ALA L 139 3.60 4.84 22.98
N ALA L 140 2.88 5.84 23.50
CA ALA L 140 3.11 7.28 23.15
C ALA L 140 4.24 7.98 23.93
N HIS L 141 4.67 7.39 25.02
CA HIS L 141 5.65 8.00 25.90
C HIS L 141 6.92 7.15 25.93
N ALA L 142 8.07 7.78 26.14
CA ALA L 142 9.33 7.03 26.29
C ALA L 142 9.26 6.01 27.44
N LEU L 143 9.77 4.82 27.17
CA LEU L 143 9.77 3.71 28.12
C LEU L 143 11.12 3.59 28.85
N CYS L 144 12.15 4.18 28.27
CA CYS L 144 13.47 4.13 28.87
C CYS L 144 14.34 5.26 28.30
N VAL L 145 15.32 5.70 29.12
CA VAL L 145 16.39 6.60 28.72
C VAL L 145 17.62 5.74 28.55
N GLY L 146 18.27 5.88 27.40
CA GLY L 146 19.46 5.12 27.05
C GLY L 146 20.63 5.97 26.61
N VAL L 147 21.78 5.32 26.49
CA VAL L 147 22.93 5.98 25.87
CA VAL L 147 23.01 5.93 25.96
C VAL L 147 23.53 5.07 24.82
N MET L 148 23.78 5.65 23.65
CA MET L 148 24.29 4.86 22.51
C MET L 148 25.67 4.33 22.85
N LYS L 149 25.85 3.01 22.68
CA LYS L 149 27.14 2.34 22.84
C LYS L 149 27.80 2.04 21.50
N MET L 150 26.97 1.95 20.44
CA MET L 150 27.38 1.86 19.08
C MET L 150 26.65 2.99 18.32
N SER L 151 27.26 3.53 17.27
CA SER L 151 26.57 4.50 16.42
C SER L 151 25.39 3.80 15.77
N ALA L 152 24.33 4.54 15.43
CA ALA L 152 23.20 3.94 14.69
C ALA L 152 23.67 3.30 13.37
N GLU L 153 24.66 3.92 12.72
CA GLU L 153 25.26 3.35 11.53
C GLU L 153 25.81 1.93 11.80
N ASP L 154 26.62 1.80 12.85
CA ASP L 154 27.17 0.48 13.23
C ASP L 154 26.08 -0.50 13.67
N ILE L 155 25.07 -0.01 14.39
CA ILE L 155 23.98 -0.85 14.83
C ILE L 155 23.39 -1.51 13.58
N GLU L 156 23.15 -0.72 12.54
CA GLU L 156 22.53 -1.20 11.32
C GLU L 156 23.46 -2.16 10.58
N LYS L 157 24.72 -1.78 10.43
CA LYS L 157 25.66 -2.53 9.60
C LYS L 157 26.23 -3.78 10.26
N VAL L 158 26.39 -3.74 11.58
CA VAL L 158 26.97 -4.84 12.35
C VAL L 158 25.88 -5.79 12.85
N ASN L 159 24.79 -5.21 13.34
CA ASN L 159 23.63 -5.99 13.83
C ASN L 159 23.98 -7.06 14.89
N LYS L 160 24.86 -6.71 15.80
CA LYS L 160 25.28 -7.61 16.89
C LYS L 160 25.89 -6.79 18.02
N GLY L 161 25.59 -7.20 19.25
CA GLY L 161 26.09 -6.52 20.44
C GLY L 161 25.12 -5.54 21.02
N ILE L 162 25.52 -4.99 22.15
CA ILE L 162 24.74 -3.96 22.81
C ILE L 162 24.77 -2.65 21.99
N GLY L 163 23.62 -2.22 21.53
CA GLY L 163 23.50 -0.97 20.75
C GLY L 163 23.34 0.23 21.66
N ILE L 164 22.47 0.09 22.67
CA ILE L 164 22.10 1.17 23.56
C ILE L 164 22.01 0.65 24.98
N GLU L 165 22.68 1.34 25.90
CA GLU L 165 22.65 0.97 27.31
C GLU L 165 21.40 1.56 27.97
N ASN L 166 20.66 0.73 28.68
CA ASN L 166 19.42 1.10 29.35
C ASN L 166 19.77 1.66 30.73
N ILE L 167 19.56 2.95 30.92
CA ILE L 167 20.01 3.66 32.14
C ILE L 167 18.87 3.87 33.14
N HIS L 168 17.66 4.06 32.65
CA HIS L 168 16.53 4.38 33.48
C HIS L 168 15.28 3.99 32.69
N TYR L 169 14.37 3.24 33.32
CA TYR L 169 13.17 2.74 32.64
C TYR L 169 11.91 2.93 33.48
N LEU L 170 10.77 2.90 32.80
CA LEU L 170 9.47 3.05 33.42
C LEU L 170 9.26 2.00 34.55
N ASN L 171 8.86 2.46 35.74
CA ASN L 171 8.64 1.58 36.90
C ASN L 171 9.93 1.01 37.55
N ASP L 172 11.10 1.58 37.22
CA ASP L 172 12.29 1.28 38.00
C ASP L 172 12.19 2.06 39.34
N GLY L 173 13.23 1.95 40.17
CA GLY L 173 13.27 2.62 41.47
C GLY L 173 13.15 4.14 41.46
N LEU L 174 13.72 4.77 40.43
CA LEU L 174 13.66 6.21 40.29
C LEU L 174 12.26 6.65 39.85
N TRP L 175 11.67 5.92 38.90
CA TRP L 175 10.29 6.14 38.52
C TRP L 175 9.37 6.10 39.76
N HIS L 176 9.53 5.06 40.55
CA HIS L 176 8.67 4.85 41.73
C HIS L 176 8.86 5.91 42.81
N MET L 177 10.09 6.39 42.98
CA MET L 177 10.39 7.47 43.92
C MET L 177 9.47 8.65 43.65
N LYS L 178 9.36 9.03 42.37
CA LYS L 178 8.30 9.94 41.85
C LYS L 178 8.47 11.40 42.25
N THR L 179 8.57 11.64 43.55
CA THR L 179 8.86 12.97 44.09
C THR L 179 9.84 12.83 45.25
N TYR L 180 10.51 13.92 45.60
CA TYR L 180 11.32 13.96 46.82
C TYR L 180 10.57 14.66 47.95
#